data_6XDJ
#
_entry.id   6XDJ
#
_cell.length_a   79.730
_cell.length_b   144.860
_cell.length_c   97.090
_cell.angle_alpha   90.000
_cell.angle_beta   107.970
_cell.angle_gamma   90.000
#
_symmetry.space_group_name_H-M   'P 1 21 1'
#
loop_
_entity.id
_entity.type
_entity.pdbx_description
1 polymer 'Maltodextrin-binding protein,Transcriptional regulatory protein SIN3'
2 branched alpha-D-glucopyranose-(1-4)-alpha-D-glucopyranose-(1-4)-beta-D-glucopyranose
3 branched alpha-D-glucopyranose-(1-4)-alpha-D-glucopyranose
4 water water
#
_entity_poly.entity_id   1
_entity_poly.type   'polypeptide(L)'
_entity_poly.pdbx_seq_one_letter_code
;MKIEEGKLVIWINGDKGYNGLAEVGKKFEKDTGIKVTVEHPDKLEEKFPQVAATGDGPDIIFWAHDRFGGYAQSGLLAEI
TPAAAFQDKLYPFTWDAVRYNGKLIAYPIAVEALSLIYNKDLLPNPPKTWEEIPALDKELKAKGKSALMFNLQEPYFTWP
LIAADGGYAFKYAAGKYDIKDVGVDNAGAKAGLTFLVDLIKNKHMNADTDYSIAEAAFNKGETAMTINGPWAWSNIDTSA
VNYGVTVLPTFKGQPSKPFVGVLSAGINAASPNKELAKEFLENYLLTDEGLEAVNKDKPLGAVALKSYEEELAKDPRIAA
TMENAQKGEIMPNIPQMSAFWYAVRTAVINAASGRQTVDAALAAAQTNAAAKNVDVEFSQAISYVNKIKTRFADQPDIYK
HFLEILQTYQREQKPINEVYAQVTHLFQNAPDLLEDFKKFLPD
;
_entity_poly.pdbx_strand_id   A,B,C,D
#
loop_
_chem_comp.id
_chem_comp.type
_chem_comp.name
_chem_comp.formula
BGC D-saccharide, beta linking beta-D-glucopyranose 'C6 H12 O6'
GLC D-saccharide, alpha linking alpha-D-glucopyranose 'C6 H12 O6'
#
# COMPACT_ATOMS: atom_id res chain seq x y z
N LYS A 2 4.43 4.73 -14.00
CA LYS A 2 3.85 5.59 -15.03
C LYS A 2 4.86 6.61 -15.54
N ILE A 3 6.13 6.20 -15.68
CA ILE A 3 7.13 7.07 -16.26
C ILE A 3 6.83 7.25 -17.75
N GLU A 4 6.60 8.49 -18.16
CA GLU A 4 6.21 8.75 -19.54
C GLU A 4 7.40 8.60 -20.48
N GLU A 5 7.17 7.95 -21.60
CA GLU A 5 8.19 7.82 -22.63
C GLU A 5 8.29 9.12 -23.43
N GLY A 6 9.51 9.45 -23.85
CA GLY A 6 9.76 10.61 -24.68
C GLY A 6 10.07 11.89 -23.93
N LYS A 7 10.27 11.81 -22.61
CA LYS A 7 10.69 12.94 -21.79
C LYS A 7 11.66 12.46 -20.71
N LEU A 8 12.34 13.42 -20.09
CA LEU A 8 13.30 13.15 -19.02
C LEU A 8 12.88 13.91 -17.77
N VAL A 9 12.61 13.18 -16.69
CA VAL A 9 12.31 13.75 -15.39
C VAL A 9 13.49 13.47 -14.47
N ILE A 10 14.03 14.52 -13.86
CA ILE A 10 15.25 14.45 -13.06
C ILE A 10 14.95 14.97 -11.65
N TRP A 11 15.40 14.22 -10.65
CA TRP A 11 15.34 14.64 -9.25
C TRP A 11 16.74 14.97 -8.76
N ILE A 12 16.85 16.10 -8.05
CA ILE A 12 18.12 16.55 -7.49
C ILE A 12 17.78 17.34 -6.23
N ASN A 13 18.70 17.33 -5.25
CA ASN A 13 18.40 17.96 -3.97
C ASN A 13 18.39 19.48 -4.08
N GLY A 14 17.62 20.12 -3.20
CA GLY A 14 17.35 21.55 -3.28
C GLY A 14 18.52 22.44 -2.96
N ASP A 15 19.63 21.89 -2.48
CA ASP A 15 20.82 22.68 -2.20
C ASP A 15 21.85 22.62 -3.33
N LYS A 16 21.59 21.86 -4.38
CA LYS A 16 22.48 21.81 -5.53
C LYS A 16 22.02 22.79 -6.60
N GLY A 17 22.83 22.93 -7.64
CA GLY A 17 22.50 23.86 -8.70
C GLY A 17 21.48 23.35 -9.69
N TYR A 18 20.22 23.20 -9.26
CA TYR A 18 19.22 22.63 -10.16
C TYR A 18 18.84 23.59 -11.28
N ASN A 19 18.95 24.91 -11.06
CA ASN A 19 18.68 25.86 -12.12
C ASN A 19 19.70 25.74 -13.23
N GLY A 20 20.98 25.56 -12.88
CA GLY A 20 21.99 25.31 -13.91
C GLY A 20 21.78 23.97 -14.60
N LEU A 21 21.36 22.96 -13.84
CA LEU A 21 21.06 21.66 -14.45
C LEU A 21 19.88 21.77 -15.42
N ALA A 22 18.88 22.58 -15.07
CA ALA A 22 17.76 22.79 -15.98
C ALA A 22 18.21 23.43 -17.29
N GLU A 23 19.27 24.25 -17.26
CA GLU A 23 19.76 24.86 -18.49
C GLU A 23 20.46 23.84 -19.37
N VAL A 24 21.22 22.92 -18.77
CA VAL A 24 21.73 21.78 -19.54
C VAL A 24 20.57 21.02 -20.17
N GLY A 25 19.46 20.88 -19.43
CA GLY A 25 18.30 20.20 -19.98
C GLY A 25 17.68 20.96 -21.14
N LYS A 26 17.68 22.29 -21.07
CA LYS A 26 17.09 23.07 -22.14
C LYS A 26 17.92 22.98 -23.42
N LYS A 27 19.25 22.92 -23.28
CA LYS A 27 20.09 22.65 -24.44
C LYS A 27 19.80 21.26 -25.01
N PHE A 28 19.57 20.29 -24.13
CA PHE A 28 19.19 18.95 -24.59
C PHE A 28 17.86 18.97 -25.33
N GLU A 29 16.90 19.76 -24.84
CA GLU A 29 15.60 19.83 -25.48
C GLU A 29 15.70 20.44 -26.87
N LYS A 30 16.55 21.46 -27.04
CA LYS A 30 16.67 22.11 -28.34
C LYS A 30 17.31 21.17 -29.36
N ASP A 31 18.33 20.41 -28.96
CA ASP A 31 19.00 19.52 -29.89
C ASP A 31 18.14 18.31 -30.24
N THR A 32 17.32 17.83 -29.31
CA THR A 32 16.63 16.56 -29.47
C THR A 32 15.11 16.64 -29.53
N GLY A 33 14.51 17.73 -29.07
CA GLY A 33 13.06 17.79 -28.91
C GLY A 33 12.53 17.11 -27.65
N ILE A 34 13.40 16.56 -26.82
CA ILE A 34 12.99 15.85 -25.61
C ILE A 34 12.92 16.84 -24.45
N LYS A 35 11.72 17.05 -23.92
CA LYS A 35 11.55 17.91 -22.76
C LYS A 35 12.27 17.32 -21.55
N VAL A 36 13.03 18.18 -20.85
CA VAL A 36 13.70 17.80 -19.62
C VAL A 36 13.10 18.63 -18.50
N THR A 37 12.61 17.97 -17.46
CA THR A 37 12.08 18.62 -16.27
C THR A 37 12.96 18.30 -15.09
N VAL A 38 13.46 19.33 -14.41
CA VAL A 38 14.27 19.17 -13.21
C VAL A 38 13.41 19.55 -12.01
N GLU A 39 13.23 18.60 -11.09
CA GLU A 39 12.50 18.83 -9.86
C GLU A 39 13.43 18.59 -8.66
N HIS A 40 13.10 19.22 -7.54
CA HIS A 40 13.86 19.07 -6.30
C HIS A 40 12.90 18.87 -5.14
N PRO A 41 12.16 17.75 -5.12
CA PRO A 41 11.24 17.52 -4.00
C PRO A 41 12.00 17.30 -2.70
N ASP A 42 11.34 17.63 -1.60
CA ASP A 42 11.92 17.36 -0.30
C ASP A 42 11.96 15.86 -0.07
N LYS A 43 13.00 15.41 0.63
CA LYS A 43 13.17 14.00 1.00
C LYS A 43 13.08 13.10 -0.22
N LEU A 44 13.64 13.56 -1.34
CA LEU A 44 13.57 12.78 -2.56
C LEU A 44 14.30 11.45 -2.41
N GLU A 45 15.39 11.42 -1.62
CA GLU A 45 16.11 10.19 -1.37
C GLU A 45 15.28 9.19 -0.59
N GLU A 46 14.22 9.62 0.09
CA GLU A 46 13.30 8.70 0.75
C GLU A 46 12.10 8.38 -0.11
N LYS A 47 11.67 9.32 -0.96
CA LYS A 47 10.53 9.05 -1.83
C LYS A 47 10.91 8.11 -2.97
N PHE A 48 12.15 8.22 -3.47
CA PHE A 48 12.53 7.43 -4.64
C PHE A 48 12.38 5.92 -4.43
N PRO A 49 12.82 5.32 -3.32
CA PRO A 49 12.60 3.87 -3.15
C PRO A 49 11.13 3.50 -3.13
N GLN A 50 10.27 4.39 -2.65
CA GLN A 50 8.84 4.08 -2.62
C GLN A 50 8.22 4.12 -4.02
N VAL A 51 8.51 5.17 -4.78
CA VAL A 51 7.84 5.31 -6.07
C VAL A 51 8.51 4.44 -7.14
N ALA A 52 9.83 4.26 -7.07
CA ALA A 52 10.50 3.48 -8.12
C ALA A 52 10.11 2.01 -8.07
N ALA A 53 9.77 1.50 -6.89
CA ALA A 53 9.48 0.08 -6.73
C ALA A 53 8.25 -0.34 -7.53
N THR A 54 7.28 0.55 -7.70
CA THR A 54 6.11 0.26 -8.50
C THR A 54 6.25 0.75 -9.94
N GLY A 55 7.42 1.26 -10.32
CA GLY A 55 7.65 1.70 -11.67
C GLY A 55 7.48 3.19 -11.91
N ASP A 56 7.25 3.97 -10.86
CA ASP A 56 7.10 5.41 -10.96
C ASP A 56 8.42 6.10 -10.64
N GLY A 57 8.37 7.42 -10.46
CA GLY A 57 9.53 8.17 -10.08
C GLY A 57 10.23 8.81 -11.27
N PRO A 58 11.35 9.47 -11.02
CA PRO A 58 12.07 10.15 -12.09
C PRO A 58 12.83 9.17 -12.96
N ASP A 59 13.16 9.64 -14.17
CA ASP A 59 14.10 8.90 -15.02
C ASP A 59 15.49 8.87 -14.40
N ILE A 60 15.93 9.99 -13.83
CA ILE A 60 17.27 10.14 -13.28
C ILE A 60 17.14 10.74 -11.88
N ILE A 61 17.83 10.13 -10.91
CA ILE A 61 17.88 10.64 -9.55
C ILE A 61 19.32 11.01 -9.22
N PHE A 62 19.52 12.22 -8.71
CA PHE A 62 20.81 12.69 -8.22
C PHE A 62 20.83 12.55 -6.70
N TRP A 63 21.91 11.99 -6.17
CA TRP A 63 22.17 11.97 -4.74
C TRP A 63 23.61 11.52 -4.55
N ALA A 64 24.13 11.75 -3.34
CA ALA A 64 25.44 11.20 -3.02
C ALA A 64 25.38 9.67 -3.06
N HIS A 65 26.54 9.06 -3.31
CA HIS A 65 26.63 7.64 -3.64
C HIS A 65 26.23 6.71 -2.50
N ASP A 66 26.11 7.23 -1.27
CA ASP A 66 25.83 6.37 -0.13
C ASP A 66 24.43 5.78 -0.17
N ARG A 67 23.48 6.42 -0.84
CA ARG A 67 22.13 5.88 -0.94
C ARG A 67 21.99 4.85 -2.05
N PHE A 68 22.95 4.77 -2.98
CA PHE A 68 22.68 4.09 -4.23
C PHE A 68 22.77 2.56 -4.12
N GLY A 69 23.60 2.06 -3.21
CA GLY A 69 23.68 0.61 -3.03
C GLY A 69 22.37 0.03 -2.55
N GLY A 70 21.67 0.73 -1.65
CA GLY A 70 20.35 0.28 -1.25
C GLY A 70 19.37 0.28 -2.40
N TYR A 71 19.42 1.30 -3.25
CA TYR A 71 18.55 1.34 -4.42
C TYR A 71 18.84 0.15 -5.34
N ALA A 72 20.13 -0.13 -5.60
CA ALA A 72 20.48 -1.18 -6.54
C ALA A 72 20.11 -2.55 -6.00
N GLN A 73 20.38 -2.81 -4.72
CA GLN A 73 19.98 -4.06 -4.10
C GLN A 73 18.47 -4.29 -4.23
N SER A 74 17.69 -3.22 -4.28
CA SER A 74 16.24 -3.30 -4.42
C SER A 74 15.78 -3.33 -5.88
N GLY A 75 16.72 -3.42 -6.83
CA GLY A 75 16.34 -3.51 -8.22
C GLY A 75 15.80 -2.23 -8.83
N LEU A 76 16.14 -1.08 -8.27
CA LEU A 76 15.59 0.19 -8.70
C LEU A 76 16.45 0.94 -9.69
N LEU A 77 17.71 0.54 -9.88
CA LEU A 77 18.63 1.27 -10.75
C LEU A 77 19.03 0.41 -11.94
N ALA A 78 19.08 1.04 -13.11
CA ALA A 78 19.62 0.39 -14.29
C ALA A 78 21.14 0.33 -14.20
N GLU A 79 21.73 -0.69 -14.80
CA GLU A 79 23.17 -0.77 -14.87
C GLU A 79 23.72 0.21 -15.89
N ILE A 80 24.80 0.89 -15.53
CA ILE A 80 25.41 1.90 -16.38
C ILE A 80 26.31 1.22 -17.40
N THR A 81 26.21 1.63 -18.66
CA THR A 81 26.94 1.01 -19.77
C THR A 81 27.84 2.01 -20.47
N PRO A 82 28.87 2.55 -19.79
CA PRO A 82 29.74 3.53 -20.44
C PRO A 82 30.88 2.88 -21.21
N ALA A 83 31.12 3.31 -22.44
CA ALA A 83 32.25 2.79 -23.19
C ALA A 83 33.55 3.12 -22.47
N ALA A 84 34.59 2.33 -22.77
CA ALA A 84 35.86 2.49 -22.07
C ALA A 84 36.42 3.90 -22.24
N ALA A 85 36.23 4.51 -23.42
CA ALA A 85 36.76 5.84 -23.65
C ALA A 85 36.09 6.87 -22.75
N PHE A 86 34.78 6.71 -22.49
CA PHE A 86 34.11 7.63 -21.58
C PHE A 86 34.56 7.41 -20.15
N GLN A 87 34.72 6.15 -19.74
CA GLN A 87 35.16 5.85 -18.39
C GLN A 87 36.52 6.46 -18.09
N ASP A 88 37.38 6.58 -19.09
CA ASP A 88 38.69 7.18 -18.91
C ASP A 88 38.61 8.69 -18.68
N LYS A 89 37.48 9.31 -19.02
CA LYS A 89 37.30 10.74 -18.79
C LYS A 89 37.04 11.08 -17.33
N LEU A 90 36.76 10.09 -16.48
CA LEU A 90 36.42 10.31 -15.09
C LEU A 90 37.44 9.62 -14.20
N TYR A 91 37.65 10.19 -13.01
CA TYR A 91 38.67 9.64 -12.12
C TYR A 91 38.27 8.24 -11.67
N PRO A 92 39.19 7.29 -11.65
CA PRO A 92 38.83 5.90 -11.28
C PRO A 92 38.26 5.76 -9.88
N PHE A 93 38.70 6.59 -8.92
CA PHE A 93 38.16 6.46 -7.57
C PHE A 93 36.71 6.90 -7.48
N THR A 94 36.25 7.76 -8.39
CA THR A 94 34.84 8.14 -8.41
C THR A 94 33.98 7.03 -9.00
N TRP A 95 34.49 6.32 -10.03
CA TRP A 95 33.79 5.13 -10.51
C TRP A 95 33.69 4.08 -9.42
N ASP A 96 34.71 3.97 -8.57
CA ASP A 96 34.64 3.04 -7.45
C ASP A 96 33.46 3.34 -6.55
N ALA A 97 33.14 4.64 -6.37
CA ALA A 97 32.06 5.02 -5.47
C ALA A 97 30.70 4.58 -5.96
N VAL A 98 30.53 4.42 -7.27
CA VAL A 98 29.26 4.04 -7.86
C VAL A 98 29.27 2.59 -8.33
N ARG A 99 30.19 1.78 -7.83
CA ARG A 99 30.26 0.36 -8.14
C ARG A 99 29.61 -0.43 -7.01
N TYR A 100 28.67 -1.31 -7.36
CA TYR A 100 27.97 -2.13 -6.38
C TYR A 100 27.84 -3.54 -6.92
N ASN A 101 28.39 -4.50 -6.17
CA ASN A 101 28.37 -5.92 -6.55
C ASN A 101 28.90 -6.11 -7.97
N GLY A 102 30.00 -5.42 -8.28
CA GLY A 102 30.68 -5.55 -9.54
C GLY A 102 30.12 -4.73 -10.68
N LYS A 103 29.02 -4.01 -10.48
CA LYS A 103 28.36 -3.27 -11.54
C LYS A 103 28.40 -1.77 -11.27
N LEU A 104 28.50 -1.00 -12.36
CA LEU A 104 28.33 0.44 -12.29
C LEU A 104 26.84 0.77 -12.24
N ILE A 105 26.40 1.48 -11.21
CA ILE A 105 24.98 1.72 -10.99
C ILE A 105 24.62 3.21 -11.01
N ALA A 106 25.57 4.09 -11.35
CA ALA A 106 25.31 5.51 -11.45
C ALA A 106 26.50 6.19 -12.12
N TYR A 107 26.27 7.41 -12.59
CA TYR A 107 27.36 8.24 -13.11
C TYR A 107 27.84 9.16 -12.00
N PRO A 108 29.12 9.12 -11.63
CA PRO A 108 29.62 10.06 -10.61
C PRO A 108 29.80 11.44 -11.21
N ILE A 109 29.45 12.46 -10.43
CA ILE A 109 29.47 13.85 -10.89
C ILE A 109 30.55 14.67 -10.20
N ALA A 110 30.55 14.68 -8.86
CA ALA A 110 31.46 15.54 -8.11
C ALA A 110 31.73 14.96 -6.72
N VAL A 111 32.91 15.29 -6.20
CA VAL A 111 33.34 14.86 -4.87
C VAL A 111 33.08 15.98 -3.89
N GLU A 112 32.40 15.64 -2.78
CA GLU A 112 32.02 16.61 -1.76
C GLU A 112 32.66 16.24 -0.42
N ALA A 113 33.17 17.26 0.26
CA ALA A 113 33.68 17.08 1.60
C ALA A 113 33.44 18.36 2.38
N LEU A 114 33.05 18.22 3.64
CA LEU A 114 32.87 19.36 4.51
C LEU A 114 34.22 20.01 4.82
N SER A 115 34.20 21.34 4.95
CA SER A 115 35.37 22.10 5.35
C SER A 115 35.00 23.10 6.43
N LEU A 116 36.01 23.67 7.07
CA LEU A 116 35.81 24.77 8.00
C LEU A 116 35.82 26.07 7.22
N ILE A 117 34.71 26.80 7.28
CA ILE A 117 34.57 28.09 6.62
C ILE A 117 34.58 29.17 7.68
N TYR A 118 35.47 30.15 7.54
CA TYR A 118 35.69 31.12 8.60
C TYR A 118 35.77 32.52 8.03
N ASN A 119 35.37 33.48 8.86
CA ASN A 119 35.26 34.90 8.50
C ASN A 119 36.62 35.55 8.73
N LYS A 120 37.30 35.90 7.64
CA LYS A 120 38.66 36.42 7.76
C LYS A 120 38.71 37.79 8.40
N ASP A 121 37.62 38.56 8.36
CA ASP A 121 37.61 39.86 9.02
C ASP A 121 37.30 39.76 10.51
N LEU A 122 36.85 38.60 10.98
CA LEU A 122 36.69 38.33 12.40
C LEU A 122 37.77 37.41 12.95
N LEU A 123 38.42 36.63 12.09
CA LEU A 123 39.27 35.52 12.53
C LEU A 123 40.33 35.30 11.45
N PRO A 124 41.35 36.16 11.41
CA PRO A 124 42.37 36.02 10.36
C PRO A 124 43.11 34.69 10.39
N ASN A 125 43.21 34.07 11.56
CA ASN A 125 43.82 32.74 11.68
C ASN A 125 42.84 31.82 12.36
N PRO A 126 42.27 30.84 11.65
CA PRO A 126 41.26 29.95 12.25
C PRO A 126 41.91 29.03 13.27
N PRO A 127 41.14 28.55 14.24
CA PRO A 127 41.70 27.63 15.24
C PRO A 127 42.05 26.28 14.63
N LYS A 128 43.17 25.73 15.07
CA LYS A 128 43.60 24.42 14.58
C LYS A 128 42.92 23.26 15.30
N THR A 129 42.40 23.48 16.52
CA THR A 129 41.82 22.43 17.34
C THR A 129 40.39 22.77 17.74
N TRP A 130 39.57 21.72 17.90
CA TRP A 130 38.26 21.90 18.51
C TRP A 130 38.36 22.41 19.93
N GLU A 131 39.44 22.05 20.64
CA GLU A 131 39.54 22.32 22.08
C GLU A 131 39.61 23.80 22.39
N GLU A 132 40.18 24.61 21.50
CA GLU A 132 40.30 26.04 21.79
C GLU A 132 39.04 26.83 21.44
N ILE A 133 38.03 26.19 20.86
CA ILE A 133 36.83 26.91 20.43
C ILE A 133 36.05 27.48 21.61
N PRO A 134 35.87 26.76 22.73
CA PRO A 134 35.16 27.38 23.87
C PRO A 134 35.74 28.72 24.33
N ALA A 135 37.06 28.82 24.52
CA ALA A 135 37.64 30.08 24.93
C ALA A 135 37.61 31.11 23.80
N LEU A 136 37.70 30.66 22.55
CA LEU A 136 37.55 31.57 21.43
C LEU A 136 36.15 32.17 21.38
N ASP A 137 35.14 31.34 21.67
CA ASP A 137 33.77 31.84 21.71
C ASP A 137 33.59 32.90 22.81
N LYS A 138 34.19 32.65 23.98
CA LYS A 138 34.06 33.60 25.07
C LYS A 138 34.68 34.96 24.71
N GLU A 139 35.82 34.94 24.03
CA GLU A 139 36.42 36.19 23.56
C GLU A 139 35.55 36.88 22.52
N LEU A 140 34.97 36.10 21.60
CA LEU A 140 34.10 36.69 20.58
C LEU A 140 32.77 37.15 21.15
N LYS A 141 32.26 36.48 22.18
CA LYS A 141 31.00 36.91 22.79
C LYS A 141 31.14 38.26 23.47
N ALA A 142 32.34 38.60 23.94
CA ALA A 142 32.55 39.91 24.52
C ALA A 142 32.63 41.00 23.46
N LYS A 143 32.77 40.63 22.19
CA LYS A 143 32.74 41.57 21.08
C LYS A 143 31.43 41.48 20.30
N GLY A 144 30.42 40.82 20.85
CA GLY A 144 29.13 40.72 20.19
C GLY A 144 29.01 39.67 19.11
N LYS A 145 29.90 38.68 19.09
CA LYS A 145 29.89 37.65 18.05
C LYS A 145 29.87 36.26 18.69
N SER A 146 29.90 35.23 17.85
CA SER A 146 30.04 33.86 18.31
C SER A 146 31.13 33.17 17.51
N ALA A 147 31.64 32.07 18.05
CA ALA A 147 32.74 31.38 17.39
C ALA A 147 32.25 30.52 16.23
N LEU A 148 31.27 29.65 16.48
CA LEU A 148 30.95 28.59 15.54
C LEU A 148 29.45 28.32 15.50
N MET A 149 28.90 28.24 14.29
CA MET A 149 27.52 27.81 14.08
C MET A 149 27.46 26.90 12.85
N PHE A 150 26.85 25.73 13.01
CA PHE A 150 26.64 24.83 11.88
C PHE A 150 25.45 23.94 12.18
N ASN A 151 25.03 23.21 11.13
CA ASN A 151 23.81 22.41 11.19
C ASN A 151 23.98 21.24 12.17
N LEU A 152 23.28 21.30 13.30
CA LEU A 152 23.28 20.22 14.28
C LEU A 152 22.14 19.24 14.07
N GLN A 153 21.33 19.42 13.02
CA GLN A 153 20.18 18.54 12.80
C GLN A 153 20.50 17.34 11.92
N GLU A 154 21.58 17.40 11.15
CA GLU A 154 21.92 16.34 10.22
C GLU A 154 23.24 15.71 10.64
N PRO A 155 23.29 14.38 10.84
CA PRO A 155 24.53 13.76 11.34
C PRO A 155 25.72 13.89 10.40
N TYR A 156 25.48 14.18 9.11
CA TYR A 156 26.56 14.49 8.19
C TYR A 156 27.50 15.55 8.76
N PHE A 157 26.95 16.56 9.42
CA PHE A 157 27.77 17.70 9.85
C PHE A 157 28.50 17.42 11.16
N THR A 158 27.95 16.55 12.02
CA THR A 158 28.57 16.26 13.31
C THR A 158 29.43 15.01 13.29
N TRP A 159 29.27 14.15 12.28
CA TRP A 159 30.08 12.95 12.18
C TRP A 159 31.59 13.20 12.12
N PRO A 160 32.12 14.23 11.45
CA PRO A 160 33.58 14.39 11.44
C PRO A 160 34.18 14.50 12.83
N LEU A 161 33.48 15.13 13.76
CA LEU A 161 33.98 15.21 15.13
C LEU A 161 33.80 13.90 15.88
N ILE A 162 32.67 13.22 15.65
CA ILE A 162 32.42 11.92 16.27
C ILE A 162 33.48 10.90 15.83
N ALA A 163 33.80 10.88 14.54
CA ALA A 163 34.74 9.89 14.01
C ALA A 163 36.19 10.21 14.37
N ALA A 164 36.48 11.44 14.79
CA ALA A 164 37.88 11.90 14.90
C ALA A 164 38.69 11.03 15.84
N ASP A 165 38.14 10.66 16.99
CA ASP A 165 38.90 9.92 17.99
C ASP A 165 38.70 8.42 17.90
N GLY A 166 37.96 7.92 16.90
CA GLY A 166 37.84 6.48 16.75
C GLY A 166 36.48 5.96 16.34
N GLY A 167 35.48 6.83 16.24
CA GLY A 167 34.18 6.40 15.77
C GLY A 167 34.24 6.00 14.30
N TYR A 168 33.37 5.06 13.92
CA TYR A 168 33.26 4.67 12.52
C TYR A 168 31.88 4.10 12.27
N ALA A 169 31.53 3.99 10.98
CA ALA A 169 30.21 3.45 10.61
C ALA A 169 30.23 1.93 10.57
N PHE A 170 30.99 1.35 9.64
CA PHE A 170 31.12 -0.09 9.51
C PHE A 170 32.60 -0.40 9.34
N LYS A 171 33.08 -1.39 10.09
CA LYS A 171 34.48 -1.79 9.96
C LYS A 171 34.74 -2.32 8.56
N TYR A 172 35.75 -1.76 7.91
CA TYR A 172 36.18 -2.23 6.60
C TYR A 172 37.24 -3.30 6.80
N ALA A 173 36.91 -4.53 6.44
CA ALA A 173 37.80 -5.67 6.64
C ALA A 173 38.18 -6.22 5.29
N ALA A 174 39.20 -5.62 4.67
CA ALA A 174 39.82 -6.15 3.46
C ALA A 174 38.77 -6.43 2.38
N GLY A 175 38.21 -5.35 1.83
CA GLY A 175 37.38 -5.44 0.65
C GLY A 175 35.90 -5.62 0.91
N LYS A 176 35.48 -5.74 2.17
CA LYS A 176 34.08 -5.88 2.52
C LYS A 176 33.84 -5.14 3.83
N TYR A 177 32.70 -4.45 3.90
CA TYR A 177 32.28 -3.81 5.14
C TYR A 177 31.51 -4.82 5.98
N ASP A 178 31.92 -4.96 7.23
CA ASP A 178 31.31 -5.89 8.17
C ASP A 178 30.10 -5.20 8.79
N ILE A 179 28.91 -5.58 8.34
CA ILE A 179 27.66 -4.94 8.78
C ILE A 179 27.37 -5.28 10.23
N LYS A 180 28.22 -6.13 10.84
CA LYS A 180 28.08 -6.46 12.25
C LYS A 180 29.05 -5.69 13.13
N ASP A 181 30.07 -5.05 12.56
CA ASP A 181 31.05 -4.29 13.31
C ASP A 181 30.80 -2.80 13.08
N VAL A 182 29.98 -2.23 13.96
CA VAL A 182 29.64 -0.81 13.97
C VAL A 182 30.47 -0.12 15.06
N GLY A 183 30.93 1.10 14.78
CA GLY A 183 31.74 1.83 15.74
C GLY A 183 31.09 3.12 16.20
N VAL A 184 29.78 3.07 16.46
CA VAL A 184 29.03 4.25 16.86
C VAL A 184 29.04 4.46 18.37
N ASP A 185 29.29 3.40 19.15
CA ASP A 185 29.31 3.55 20.61
C ASP A 185 30.65 3.16 21.22
N ASN A 186 31.73 3.13 20.44
CA ASN A 186 33.05 2.90 21.03
C ASN A 186 33.53 4.18 21.74
N ALA A 187 34.75 4.12 22.29
CA ALA A 187 35.22 5.21 23.13
C ALA A 187 35.48 6.48 22.32
N GLY A 188 35.86 6.34 21.05
CA GLY A 188 36.11 7.51 20.22
C GLY A 188 34.84 8.28 19.91
N ALA A 189 33.80 7.55 19.49
CA ALA A 189 32.53 8.20 19.20
C ALA A 189 31.96 8.88 20.44
N LYS A 190 32.09 8.24 21.60
CA LYS A 190 31.59 8.85 22.83
C LYS A 190 32.33 10.14 23.16
N ALA A 191 33.65 10.14 23.00
CA ALA A 191 34.44 11.33 23.31
C ALA A 191 34.09 12.48 22.37
N GLY A 192 33.80 12.18 21.10
CA GLY A 192 33.49 13.23 20.15
C GLY A 192 32.11 13.82 20.37
N LEU A 193 31.10 12.97 20.58
CA LEU A 193 29.77 13.48 20.85
C LEU A 193 29.69 14.21 22.19
N THR A 194 30.51 13.81 23.16
CA THR A 194 30.50 14.48 24.47
C THR A 194 31.05 15.89 24.36
N PHE A 195 32.10 16.08 23.56
CA PHE A 195 32.59 17.43 23.32
C PHE A 195 31.53 18.29 22.66
N LEU A 196 30.75 17.69 21.75
CA LEU A 196 29.67 18.43 21.09
C LEU A 196 28.61 18.86 22.10
N VAL A 197 28.15 17.92 22.94
CA VAL A 197 27.10 18.22 23.89
C VAL A 197 27.57 19.25 24.91
N ASP A 198 28.84 19.18 25.31
CA ASP A 198 29.38 20.16 26.25
C ASP A 198 29.40 21.56 25.62
N LEU A 199 29.75 21.65 24.33
CA LEU A 199 29.66 22.92 23.62
C LEU A 199 28.27 23.52 23.76
N ILE A 200 27.23 22.70 23.60
CA ILE A 200 25.87 23.18 23.79
C ILE A 200 25.62 23.51 25.25
N LYS A 201 26.07 22.65 26.16
CA LYS A 201 25.82 22.85 27.59
C LYS A 201 26.44 24.14 28.08
N ASN A 202 27.63 24.47 27.60
CA ASN A 202 28.32 25.69 28.02
C ASN A 202 27.96 26.88 27.15
N LYS A 203 26.87 26.78 26.38
CA LYS A 203 26.27 27.88 25.65
C LYS A 203 27.15 28.40 24.51
N HIS A 204 28.04 27.57 23.99
CA HIS A 204 28.81 27.94 22.81
C HIS A 204 28.10 27.56 21.52
N MET A 205 27.10 26.70 21.60
CA MET A 205 26.26 26.33 20.46
C MET A 205 24.86 26.03 20.98
N ASN A 206 23.89 26.14 20.09
CA ASN A 206 22.49 25.90 20.41
C ASN A 206 22.02 24.63 19.71
N ALA A 207 21.34 23.76 20.45
CA ALA A 207 20.93 22.47 19.90
C ALA A 207 19.94 22.60 18.75
N ASP A 208 19.19 23.70 18.68
CA ASP A 208 18.19 23.85 17.63
C ASP A 208 18.75 24.37 16.32
N THR A 209 20.04 24.74 16.28
CA THR A 209 20.62 25.32 15.06
C THR A 209 20.56 24.31 13.91
N ASP A 210 20.05 24.77 12.78
CA ASP A 210 19.91 23.96 11.58
C ASP A 210 20.71 24.59 10.44
N TYR A 211 20.51 24.07 9.23
CA TYR A 211 21.27 24.55 8.07
C TYR A 211 21.03 26.03 7.84
N SER A 212 19.76 26.45 7.83
CA SER A 212 19.44 27.82 7.42
C SER A 212 19.81 28.83 8.50
N ILE A 213 19.62 28.47 9.77
CA ILE A 213 20.02 29.37 10.84
C ILE A 213 21.53 29.59 10.81
N ALA A 214 22.30 28.52 10.61
CA ALA A 214 23.76 28.67 10.60
C ALA A 214 24.22 29.45 9.38
N GLU A 215 23.65 29.17 8.21
CA GLU A 215 24.06 29.88 6.99
C GLU A 215 23.77 31.37 7.11
N ALA A 216 22.57 31.73 7.59
CA ALA A 216 22.23 33.15 7.71
C ALA A 216 23.15 33.85 8.69
N ALA A 217 23.47 33.20 9.82
CA ALA A 217 24.33 33.82 10.82
C ALA A 217 25.74 34.05 10.30
N PHE A 218 26.29 33.07 9.57
CA PHE A 218 27.63 33.27 9.02
C PHE A 218 27.62 34.33 7.92
N ASN A 219 26.62 34.29 7.03
CA ASN A 219 26.59 35.21 5.91
C ASN A 219 26.28 36.64 6.35
N LYS A 220 25.77 36.82 7.57
CA LYS A 220 25.53 38.14 8.12
C LYS A 220 26.69 38.64 8.96
N GLY A 221 27.78 37.88 9.08
CA GLY A 221 28.88 38.27 9.93
C GLY A 221 28.62 38.11 11.42
N GLU A 222 27.60 37.35 11.81
CA GLU A 222 27.29 37.20 13.23
C GLU A 222 28.16 36.14 13.90
N THR A 223 28.52 35.08 13.19
CA THR A 223 29.38 34.03 13.73
C THR A 223 30.65 33.94 12.89
N ALA A 224 31.77 33.65 13.57
CA ALA A 224 33.07 33.67 12.92
C ALA A 224 33.35 32.43 12.07
N MET A 225 32.70 31.31 12.35
CA MET A 225 32.99 30.06 11.66
C MET A 225 31.71 29.29 11.39
N THR A 226 31.74 28.48 10.33
CA THR A 226 30.70 27.51 10.04
C THR A 226 31.35 26.27 9.44
N ILE A 227 30.54 25.24 9.24
CA ILE A 227 30.99 23.99 8.63
C ILE A 227 30.01 23.69 7.50
N ASN A 228 30.52 23.57 6.27
CA ASN A 228 29.63 23.34 5.15
C ASN A 228 30.43 22.82 3.96
N GLY A 229 29.70 22.45 2.92
CA GLY A 229 30.30 21.96 1.69
C GLY A 229 30.34 23.01 0.60
N PRO A 230 30.92 22.64 -0.56
CA PRO A 230 31.13 23.63 -1.63
C PRO A 230 29.86 24.28 -2.14
N TRP A 231 28.73 23.57 -2.08
CA TRP A 231 27.44 24.13 -2.50
C TRP A 231 27.06 25.40 -1.75
N ALA A 232 27.65 25.64 -0.58
CA ALA A 232 27.33 26.81 0.21
C ALA A 232 28.15 28.05 -0.17
N TRP A 233 29.23 27.87 -0.93
CA TRP A 233 30.16 28.98 -1.16
C TRP A 233 29.51 30.11 -1.94
N SER A 234 28.59 29.80 -2.86
CA SER A 234 28.06 30.85 -3.74
C SER A 234 27.23 31.86 -2.96
N ASN A 235 26.45 31.40 -1.98
CA ASN A 235 25.68 32.33 -1.17
C ASN A 235 26.56 33.21 -0.30
N ILE A 236 27.75 32.73 0.08
CA ILE A 236 28.67 33.58 0.83
C ILE A 236 29.28 34.63 -0.08
N ASP A 237 29.51 34.30 -1.36
CA ASP A 237 30.03 35.26 -2.32
C ASP A 237 29.13 36.49 -2.43
N THR A 238 27.82 36.31 -2.29
CA THR A 238 26.85 37.39 -2.37
C THR A 238 26.80 38.24 -1.10
N SER A 239 27.35 37.74 0.00
CA SER A 239 27.03 38.24 1.34
C SER A 239 27.87 39.43 1.81
N ALA A 240 29.01 39.70 1.19
CA ALA A 240 30.03 40.68 1.62
C ALA A 240 30.92 40.14 2.73
N VAL A 241 30.75 38.90 3.17
CA VAL A 241 31.70 38.29 4.09
C VAL A 241 32.91 37.80 3.30
N ASN A 242 34.11 38.15 3.76
CA ASN A 242 35.35 37.60 3.22
C ASN A 242 35.70 36.35 4.00
N TYR A 243 35.77 35.21 3.32
CA TYR A 243 35.87 33.92 3.98
C TYR A 243 37.02 33.09 3.42
N GLY A 244 37.57 32.24 4.28
CA GLY A 244 38.54 31.25 3.87
C GLY A 244 37.97 29.86 4.09
N VAL A 245 38.45 28.91 3.29
CA VAL A 245 38.04 27.50 3.38
C VAL A 245 39.27 26.71 3.79
N THR A 246 39.19 26.00 4.91
CA THR A 246 40.39 25.37 5.47
C THR A 246 40.05 24.01 6.06
N VAL A 247 41.10 23.30 6.49
CA VAL A 247 40.95 21.99 7.08
C VAL A 247 40.18 22.11 8.40
N LEU A 248 39.29 21.15 8.65
CA LEU A 248 38.54 21.13 9.90
C LEU A 248 39.49 21.03 11.09
N PRO A 249 39.03 21.43 12.28
CA PRO A 249 39.92 21.37 13.45
C PRO A 249 40.14 19.94 13.91
N THR A 250 41.29 19.73 14.55
CA THR A 250 41.60 18.43 15.14
C THR A 250 40.90 18.25 16.47
N PHE A 251 40.60 17.00 16.80
CA PHE A 251 40.05 16.63 18.10
C PHE A 251 40.99 15.62 18.75
N LYS A 252 41.40 15.92 19.98
CA LYS A 252 42.39 15.11 20.71
C LYS A 252 43.64 14.88 19.86
N GLY A 253 44.06 15.91 19.13
CA GLY A 253 45.22 15.83 18.28
C GLY A 253 45.04 15.05 17.00
N GLN A 254 43.83 14.59 16.71
CA GLN A 254 43.57 13.83 15.50
C GLN A 254 42.65 14.59 14.56
N PRO A 255 42.82 14.43 13.25
CA PRO A 255 42.00 15.21 12.33
C PRO A 255 40.53 14.80 12.39
N SER A 256 39.66 15.78 12.17
CA SER A 256 38.27 15.46 11.88
C SER A 256 38.22 14.66 10.58
N LYS A 257 37.33 13.67 10.54
CA LYS A 257 37.23 12.72 9.43
C LYS A 257 35.86 12.86 8.80
N PRO A 258 35.69 13.81 7.87
CA PRO A 258 34.39 13.96 7.24
C PRO A 258 34.09 12.81 6.29
N PHE A 259 32.84 12.38 6.30
CA PHE A 259 32.36 11.40 5.33
C PHE A 259 32.31 12.04 3.95
N VAL A 260 33.10 11.53 3.02
CA VAL A 260 33.22 12.11 1.68
C VAL A 260 32.10 11.56 0.81
N GLY A 261 31.35 12.45 0.17
CA GLY A 261 30.26 12.08 -0.70
C GLY A 261 30.64 12.30 -2.17
N VAL A 262 30.15 11.41 -3.03
CA VAL A 262 30.32 11.54 -4.46
C VAL A 262 28.91 11.74 -5.04
N LEU A 263 28.61 12.98 -5.45
CA LEU A 263 27.34 13.24 -6.09
C LEU A 263 27.22 12.40 -7.35
N SER A 264 26.08 11.71 -7.50
CA SER A 264 25.95 10.71 -8.55
C SER A 264 24.53 10.74 -9.12
N ALA A 265 24.44 10.45 -10.42
CA ALA A 265 23.17 10.39 -11.13
C ALA A 265 22.88 8.95 -11.52
N GLY A 266 21.77 8.42 -11.04
CA GLY A 266 21.35 7.05 -11.32
C GLY A 266 20.13 7.04 -12.23
N ILE A 267 20.04 6.00 -13.07
CA ILE A 267 18.94 5.86 -14.00
C ILE A 267 17.92 4.88 -13.42
N ASN A 268 16.67 5.29 -13.37
CA ASN A 268 15.59 4.44 -12.88
C ASN A 268 15.48 3.17 -13.73
N ALA A 269 15.44 2.02 -13.05
CA ALA A 269 15.36 0.76 -13.77
C ALA A 269 14.04 0.63 -14.53
N ALA A 270 12.96 1.24 -14.03
CA ALA A 270 11.69 1.21 -14.72
C ALA A 270 11.56 2.28 -15.80
N SER A 271 12.61 3.04 -16.10
CA SER A 271 12.50 4.13 -17.05
C SER A 271 12.48 3.60 -18.49
N PRO A 272 11.56 4.05 -19.33
CA PRO A 272 11.60 3.71 -20.75
C PRO A 272 12.51 4.61 -21.57
N ASN A 273 13.30 5.47 -20.93
CA ASN A 273 14.15 6.45 -21.61
C ASN A 273 15.61 6.28 -21.22
N LYS A 274 16.04 5.04 -21.01
CA LYS A 274 17.40 4.79 -20.54
C LYS A 274 18.45 5.27 -21.55
N GLU A 275 18.15 5.17 -22.85
CA GLU A 275 19.08 5.67 -23.85
C GLU A 275 19.16 7.19 -23.83
N LEU A 276 18.01 7.86 -23.73
CA LEU A 276 18.01 9.31 -23.57
C LEU A 276 18.74 9.74 -22.31
N ALA A 277 18.55 9.01 -21.20
CA ALA A 277 19.22 9.37 -19.96
C ALA A 277 20.73 9.26 -20.10
N LYS A 278 21.21 8.19 -20.74
CA LYS A 278 22.65 8.02 -20.91
C LYS A 278 23.22 9.09 -21.82
N GLU A 279 22.49 9.44 -22.89
CA GLU A 279 22.94 10.50 -23.79
C GLU A 279 23.03 11.83 -23.07
N PHE A 280 21.99 12.17 -22.29
CA PHE A 280 21.99 13.44 -21.56
C PHE A 280 23.15 13.50 -20.57
N LEU A 281 23.32 12.44 -19.78
CA LEU A 281 24.35 12.45 -18.75
C LEU A 281 25.75 12.44 -19.36
N GLU A 282 25.98 11.55 -20.34
CA GLU A 282 27.33 11.38 -20.86
C GLU A 282 27.74 12.51 -21.79
N ASN A 283 26.84 12.96 -22.68
CA ASN A 283 27.22 13.89 -23.73
C ASN A 283 26.80 15.32 -23.45
N TYR A 284 25.96 15.56 -22.44
CA TYR A 284 25.55 16.93 -22.13
C TYR A 284 25.98 17.38 -20.74
N LEU A 285 25.67 16.61 -19.69
CA LEU A 285 26.05 17.02 -18.35
C LEU A 285 27.56 16.84 -18.14
N LEU A 286 28.07 15.63 -18.35
CA LEU A 286 29.46 15.33 -18.00
C LEU A 286 30.42 15.83 -19.07
N THR A 287 30.29 17.11 -19.41
CA THR A 287 31.24 17.83 -20.25
C THR A 287 31.70 19.06 -19.51
N ASP A 288 32.74 19.71 -20.05
CA ASP A 288 33.17 21.00 -19.51
C ASP A 288 32.00 21.99 -19.52
N GLU A 289 31.23 22.01 -20.60
CA GLU A 289 30.12 22.95 -20.73
C GLU A 289 29.04 22.66 -19.71
N GLY A 290 28.66 21.39 -19.55
CA GLY A 290 27.53 21.06 -18.69
C GLY A 290 27.84 21.28 -17.23
N LEU A 291 29.00 20.81 -16.77
CA LEU A 291 29.35 20.94 -15.37
C LEU A 291 29.53 22.40 -14.97
N GLU A 292 30.12 23.20 -15.85
CA GLU A 292 30.25 24.63 -15.58
C GLU A 292 28.88 25.28 -15.41
N ALA A 293 27.90 24.86 -16.20
CA ALA A 293 26.55 25.42 -16.04
C ALA A 293 26.00 25.15 -14.65
N VAL A 294 26.16 23.91 -14.15
CA VAL A 294 25.69 23.60 -12.81
C VAL A 294 26.59 24.23 -11.77
N ASN A 295 27.90 24.21 -12.00
CA ASN A 295 28.87 24.72 -11.03
C ASN A 295 28.69 26.21 -10.79
N LYS A 296 28.31 26.97 -11.83
CA LYS A 296 28.08 28.39 -11.66
C LYS A 296 26.79 28.68 -10.90
N ASP A 297 25.85 27.73 -10.86
CA ASP A 297 24.67 27.90 -10.03
C ASP A 297 25.03 27.65 -8.56
N LYS A 298 25.48 26.44 -8.25
CA LYS A 298 25.99 26.09 -6.94
C LYS A 298 27.27 25.27 -7.16
N PRO A 299 28.38 25.67 -6.56
CA PRO A 299 29.63 24.92 -6.75
C PRO A 299 29.47 23.45 -6.36
N LEU A 300 30.06 22.58 -7.18
CA LEU A 300 29.88 21.14 -7.04
C LEU A 300 30.95 20.48 -6.18
N GLY A 301 32.07 21.16 -5.94
CA GLY A 301 33.23 20.53 -5.33
C GLY A 301 34.25 20.14 -6.38
N ALA A 302 34.96 19.02 -6.17
CA ALA A 302 35.91 18.52 -7.15
C ALA A 302 35.17 17.54 -8.07
N VAL A 303 34.95 17.96 -9.32
CA VAL A 303 34.15 17.14 -10.23
C VAL A 303 34.93 15.90 -10.66
N ALA A 304 34.19 14.87 -11.07
CA ALA A 304 34.81 13.63 -11.52
C ALA A 304 35.45 13.75 -12.90
N LEU A 305 35.06 14.74 -13.70
CA LEU A 305 35.59 14.89 -15.04
C LEU A 305 37.01 15.46 -14.97
N LYS A 306 37.98 14.72 -15.51
CA LYS A 306 39.38 15.13 -15.41
C LYS A 306 39.60 16.50 -16.05
N SER A 307 38.99 16.74 -17.21
CA SER A 307 39.27 17.97 -17.95
C SER A 307 38.80 19.21 -17.18
N TYR A 308 37.58 19.17 -16.66
CA TYR A 308 37.07 20.31 -15.91
C TYR A 308 37.70 20.40 -14.53
N GLU A 309 38.03 19.27 -13.91
CA GLU A 309 38.60 19.32 -12.55
C GLU A 309 40.00 19.90 -12.56
N GLU A 310 40.75 19.73 -13.66
CA GLU A 310 42.11 20.25 -13.73
C GLU A 310 42.13 21.77 -13.66
N GLU A 311 41.06 22.42 -14.11
CA GLU A 311 40.92 23.86 -13.92
C GLU A 311 40.32 24.21 -12.56
N LEU A 312 39.41 23.37 -12.05
CA LEU A 312 38.80 23.64 -10.75
C LEU A 312 39.80 23.43 -9.61
N ALA A 313 40.78 22.54 -9.80
CA ALA A 313 41.72 22.23 -8.74
C ALA A 313 42.63 23.40 -8.39
N LYS A 314 42.69 24.44 -9.23
CA LYS A 314 43.48 25.62 -8.94
C LYS A 314 42.85 26.52 -7.88
N ASP A 315 41.59 26.27 -7.53
CA ASP A 315 40.93 27.03 -6.47
C ASP A 315 41.41 26.52 -5.12
N PRO A 316 41.94 27.39 -4.25
CA PRO A 316 42.32 26.92 -2.90
C PRO A 316 41.14 26.34 -2.13
N ARG A 317 39.91 26.77 -2.42
CA ARG A 317 38.74 26.19 -1.77
C ARG A 317 38.52 24.74 -2.20
N ILE A 318 38.87 24.41 -3.44
CA ILE A 318 38.84 23.02 -3.88
C ILE A 318 39.97 22.24 -3.21
N ALA A 319 41.16 22.82 -3.17
CA ALA A 319 42.30 22.16 -2.54
C ALA A 319 42.04 21.88 -1.07
N ALA A 320 41.38 22.82 -0.38
CA ALA A 320 41.01 22.58 1.01
C ALA A 320 39.94 21.49 1.11
N THR A 321 39.01 21.47 0.17
CA THR A 321 37.99 20.42 0.16
C THR A 321 38.63 19.04 0.01
N MET A 322 39.60 18.91 -0.89
CA MET A 322 40.25 17.62 -1.10
C MET A 322 41.17 17.25 0.06
N GLU A 323 41.73 18.25 0.74
CA GLU A 323 42.56 17.97 1.92
C GLU A 323 41.71 17.39 3.04
N ASN A 324 40.50 17.92 3.24
CA ASN A 324 39.59 17.35 4.23
C ASN A 324 39.13 15.96 3.81
N ALA A 325 38.91 15.76 2.50
CA ALA A 325 38.53 14.44 2.01
C ALA A 325 39.61 13.41 2.33
N GLN A 326 40.88 13.76 2.08
CA GLN A 326 41.96 12.82 2.34
C GLN A 326 42.03 12.41 3.80
N LYS A 327 41.69 13.32 4.71
CA LYS A 327 41.68 12.98 6.13
C LYS A 327 40.44 12.21 6.54
N GLY A 328 39.35 12.35 5.80
CA GLY A 328 38.15 11.58 6.03
C GLY A 328 38.17 10.27 5.26
N GLU A 329 36.98 9.68 5.12
CA GLU A 329 36.80 8.44 4.37
C GLU A 329 35.63 8.59 3.42
N ILE A 330 35.79 8.06 2.21
CA ILE A 330 34.66 8.01 1.28
C ILE A 330 33.62 7.07 1.86
N MET A 331 32.35 7.42 1.68
CA MET A 331 31.29 6.69 2.34
C MET A 331 31.14 5.31 1.72
N PRO A 332 30.78 4.31 2.53
CA PRO A 332 30.28 3.07 1.95
C PRO A 332 29.00 3.36 1.18
N ASN A 333 28.71 2.53 0.18
CA ASN A 333 27.44 2.63 -0.52
C ASN A 333 26.49 1.50 -0.15
N ILE A 334 26.90 0.59 0.73
CA ILE A 334 26.12 -0.60 1.09
C ILE A 334 24.72 -0.22 1.58
N PRO A 335 23.73 -1.11 1.42
CA PRO A 335 22.36 -0.74 1.82
C PRO A 335 22.21 -0.38 3.28
N GLN A 336 23.13 -0.78 4.15
CA GLN A 336 23.01 -0.52 5.58
C GLN A 336 23.28 0.94 5.94
N MET A 337 23.75 1.75 4.98
CA MET A 337 24.11 3.14 5.28
C MET A 337 22.92 3.94 5.80
N SER A 338 21.75 3.76 5.20
CA SER A 338 20.59 4.57 5.58
C SER A 338 20.19 4.31 7.03
N ALA A 339 20.21 3.05 7.47
CA ALA A 339 19.94 2.75 8.87
C ALA A 339 20.99 3.35 9.80
N PHE A 340 22.25 3.35 9.35
CA PHE A 340 23.31 3.99 10.14
C PHE A 340 23.03 5.48 10.31
N TRP A 341 22.69 6.17 9.20
CA TRP A 341 22.45 7.60 9.27
C TRP A 341 21.23 7.92 10.14
N TYR A 342 20.15 7.16 9.98
CA TYR A 342 18.98 7.35 10.82
C TYR A 342 19.31 7.16 12.29
N ALA A 343 20.11 6.14 12.61
CA ALA A 343 20.43 5.87 14.00
C ALA A 343 21.28 7.00 14.59
N VAL A 344 22.24 7.51 13.83
CA VAL A 344 23.13 8.54 14.36
C VAL A 344 22.39 9.87 14.48
N ARG A 345 21.50 10.17 13.52
CA ARG A 345 20.68 11.39 13.61
C ARG A 345 19.90 11.45 14.90
N THR A 346 19.27 10.32 15.28
CA THR A 346 18.52 10.27 16.54
C THR A 346 19.46 10.45 17.73
N ALA A 347 20.64 9.82 17.70
CA ALA A 347 21.57 9.90 18.81
C ALA A 347 22.05 11.32 19.04
N VAL A 348 22.50 12.00 17.98
CA VAL A 348 22.98 13.37 18.13
C VAL A 348 21.88 14.28 18.63
N ILE A 349 20.67 14.14 18.08
CA ILE A 349 19.56 15.01 18.47
C ILE A 349 19.17 14.78 19.93
N ASN A 350 19.08 13.51 20.34
CA ASN A 350 18.71 13.21 21.72
C ASN A 350 19.78 13.66 22.70
N ALA A 351 21.05 13.45 22.35
CA ALA A 351 22.13 13.86 23.25
C ALA A 351 22.23 15.38 23.30
N ALA A 352 22.09 16.06 22.15
CA ALA A 352 22.27 17.51 22.11
C ALA A 352 21.19 18.24 22.90
N SER A 353 19.96 17.71 22.91
CA SER A 353 18.84 18.36 23.58
C SER A 353 18.80 18.05 25.08
N GLY A 354 19.54 17.05 25.54
CA GLY A 354 19.50 16.64 26.93
C GLY A 354 18.55 15.52 27.25
N ARG A 355 17.72 15.09 26.29
CA ARG A 355 16.75 14.04 26.56
C ARG A 355 17.42 12.69 26.86
N GLN A 356 18.66 12.50 26.43
CA GLN A 356 19.41 11.29 26.72
C GLN A 356 20.87 11.65 26.97
N THR A 357 21.53 10.84 27.78
CA THR A 357 22.98 10.95 27.89
C THR A 357 23.63 10.50 26.58
N VAL A 358 24.89 10.88 26.42
CA VAL A 358 25.66 10.41 25.26
C VAL A 358 25.72 8.89 25.24
N ASP A 359 26.05 8.28 26.39
CA ASP A 359 26.24 6.84 26.43
C ASP A 359 24.95 6.11 26.09
N ALA A 360 23.83 6.55 26.63
CA ALA A 360 22.54 5.95 26.29
C ALA A 360 22.19 6.19 24.83
N ALA A 361 22.41 7.40 24.34
CA ALA A 361 22.04 7.74 22.96
C ALA A 361 22.82 6.89 21.96
N LEU A 362 24.11 6.68 22.20
CA LEU A 362 24.96 5.98 21.24
C LEU A 362 24.81 4.46 21.37
N ALA A 363 24.47 3.97 22.57
CA ALA A 363 24.21 2.54 22.72
C ALA A 363 22.95 2.14 21.96
N ALA A 364 21.92 3.00 21.98
CA ALA A 364 20.73 2.71 21.19
C ALA A 364 21.03 2.80 19.70
N ALA A 365 21.85 3.78 19.29
CA ALA A 365 22.21 3.90 17.88
C ALA A 365 23.05 2.71 17.43
N GLN A 366 23.93 2.21 18.30
CA GLN A 366 24.72 1.04 17.96
C GLN A 366 23.84 -0.16 17.63
N THR A 367 22.77 -0.36 18.43
CA THR A 367 21.88 -1.48 18.17
C THR A 367 21.07 -1.27 16.90
N ASN A 368 20.63 -0.03 16.66
CA ASN A 368 19.82 0.26 15.47
C ASN A 368 20.63 0.13 14.19
N ALA A 369 21.93 0.45 14.24
CA ALA A 369 22.76 0.43 13.05
C ALA A 369 23.46 -0.91 12.80
N ALA A 370 23.61 -1.73 13.84
CA ALA A 370 24.32 -2.99 13.71
C ALA A 370 23.36 -4.10 13.33
N ALA A 371 23.84 -5.04 12.51
CA ALA A 371 23.07 -6.23 12.22
C ALA A 371 22.86 -7.05 13.49
N LYS A 372 21.76 -7.81 13.51
CA LYS A 372 21.42 -8.61 14.68
C LYS A 372 22.49 -9.65 14.98
N ASN A 373 22.76 -9.85 16.26
CA ASN A 373 23.52 -11.02 16.70
C ASN A 373 22.55 -12.19 16.81
N VAL A 374 22.69 -13.17 15.92
CA VAL A 374 21.68 -14.22 15.81
C VAL A 374 21.66 -15.10 17.05
N ASP A 375 22.82 -15.32 17.67
CA ASP A 375 22.86 -16.13 18.89
C ASP A 375 22.22 -15.39 20.06
N VAL A 376 22.39 -14.08 20.12
CA VAL A 376 21.77 -13.30 21.18
C VAL A 376 20.25 -13.34 21.05
N GLU A 377 19.74 -13.09 19.84
CA GLU A 377 18.30 -13.01 19.64
C GLU A 377 17.61 -14.34 19.95
N PHE A 378 18.26 -15.46 19.61
CA PHE A 378 17.65 -16.75 19.92
C PHE A 378 17.49 -16.93 21.43
N SER A 379 18.51 -16.54 22.20
CA SER A 379 18.39 -16.60 23.65
C SER A 379 17.23 -15.72 24.13
N GLN A 380 17.06 -14.54 23.53
CA GLN A 380 15.94 -13.68 23.89
C GLN A 380 14.61 -14.30 23.46
N ALA A 381 14.60 -15.00 22.33
CA ALA A 381 13.39 -15.72 21.94
C ALA A 381 13.03 -16.78 22.96
N ILE A 382 14.02 -17.48 23.50
CA ILE A 382 13.78 -18.46 24.57
C ILE A 382 13.23 -17.77 25.81
N SER A 383 13.83 -16.64 26.20
CA SER A 383 13.31 -15.88 27.34
C SER A 383 11.89 -15.41 27.08
N TYR A 384 11.60 -14.98 25.85
CA TYR A 384 10.26 -14.51 25.52
C TYR A 384 9.25 -15.65 25.61
N VAL A 385 9.62 -16.85 25.16
CA VAL A 385 8.73 -18.01 25.28
C VAL A 385 8.47 -18.31 26.76
N ASN A 386 9.52 -18.25 27.58
CA ASN A 386 9.35 -18.48 29.01
C ASN A 386 8.36 -17.49 29.61
N LYS A 387 8.45 -16.23 29.21
CA LYS A 387 7.54 -15.21 29.73
C LYS A 387 6.08 -15.54 29.41
N ILE A 388 5.83 -16.09 28.22
CA ILE A 388 4.46 -16.46 27.85
C ILE A 388 3.91 -17.48 28.84
N LYS A 389 4.73 -18.49 29.18
CA LYS A 389 4.30 -19.52 30.11
C LYS A 389 4.08 -18.94 31.51
N THR A 390 4.76 -17.85 31.84
CA THR A 390 4.59 -17.24 33.16
C THR A 390 3.19 -16.65 33.33
N ARG A 391 2.60 -16.12 32.25
CA ARG A 391 1.35 -15.39 32.35
C ARG A 391 0.18 -16.08 31.65
N PHE A 392 0.41 -17.17 30.93
CA PHE A 392 -0.67 -17.80 30.17
C PHE A 392 -0.61 -19.31 30.32
N ALA A 393 -0.38 -19.78 31.55
CA ALA A 393 -0.32 -21.21 31.79
C ALA A 393 -1.65 -21.91 31.53
N ASP A 394 -2.76 -21.17 31.51
CA ASP A 394 -4.08 -21.75 31.30
C ASP A 394 -4.55 -21.68 29.85
N GLN A 395 -3.72 -21.19 28.94
CA GLN A 395 -4.07 -21.07 27.52
C GLN A 395 -3.11 -21.92 26.69
N PRO A 396 -3.37 -23.23 26.58
CA PRO A 396 -2.41 -24.10 25.88
C PRO A 396 -2.34 -23.85 24.38
N ASP A 397 -3.31 -23.15 23.80
CA ASP A 397 -3.31 -22.83 22.37
C ASP A 397 -2.62 -21.49 22.07
N ILE A 398 -2.02 -20.85 23.07
CA ILE A 398 -1.47 -19.51 22.85
C ILE A 398 -0.26 -19.57 21.91
N TYR A 399 0.55 -20.62 22.00
CA TYR A 399 1.72 -20.72 21.13
C TYR A 399 1.33 -21.02 19.70
N LYS A 400 0.31 -21.86 19.52
CA LYS A 400 -0.23 -22.12 18.19
C LYS A 400 -0.69 -20.82 17.53
N HIS A 401 -1.37 -19.96 18.29
CA HIS A 401 -1.86 -18.70 17.73
C HIS A 401 -0.74 -17.70 17.52
N PHE A 402 0.28 -17.71 18.39
CA PHE A 402 1.44 -16.86 18.20
C PHE A 402 2.14 -17.17 16.88
N LEU A 403 2.44 -18.45 16.65
CA LEU A 403 3.13 -18.85 15.42
C LEU A 403 2.28 -18.53 14.20
N GLU A 404 0.97 -18.73 14.30
CA GLU A 404 0.09 -18.44 13.16
C GLU A 404 0.18 -16.98 12.75
N ILE A 405 0.24 -16.07 13.73
CA ILE A 405 0.41 -14.64 13.44
C ILE A 405 1.70 -14.42 12.68
N LEU A 406 2.80 -15.00 13.14
CA LEU A 406 4.09 -14.79 12.49
C LEU A 406 4.14 -15.45 11.11
N GLN A 407 3.47 -16.59 10.94
CA GLN A 407 3.41 -17.23 9.63
C GLN A 407 2.59 -16.41 8.65
N THR A 408 1.38 -16.00 9.07
CA THR A 408 0.55 -15.19 8.21
C THR A 408 1.23 -13.88 7.85
N TYR A 409 2.03 -13.33 8.78
CA TYR A 409 2.83 -12.15 8.48
C TYR A 409 3.63 -12.33 7.20
N GLN A 410 4.33 -13.47 7.07
CA GLN A 410 5.12 -13.72 5.87
C GLN A 410 4.26 -14.15 4.68
N ARG A 411 3.29 -15.05 4.92
CA ARG A 411 2.53 -15.61 3.81
C ARG A 411 1.67 -14.57 3.11
N GLU A 412 1.15 -13.58 3.84
CA GLU A 412 0.14 -12.68 3.29
C GLU A 412 0.56 -11.22 3.30
N GLN A 413 1.84 -10.92 3.53
CA GLN A 413 2.36 -9.55 3.51
C GLN A 413 1.58 -8.63 4.46
N LYS A 414 1.36 -9.12 5.68
CA LYS A 414 0.66 -8.29 6.66
C LYS A 414 1.54 -7.13 7.09
N PRO A 415 1.01 -5.91 7.16
CA PRO A 415 1.82 -4.79 7.68
C PRO A 415 2.27 -5.05 9.11
N ILE A 416 3.45 -4.54 9.44
CA ILE A 416 4.09 -4.88 10.71
C ILE A 416 3.29 -4.34 11.88
N ASN A 417 2.77 -3.12 11.77
CA ASN A 417 1.98 -2.57 12.87
C ASN A 417 0.69 -3.36 13.08
N GLU A 418 0.15 -3.95 12.01
CA GLU A 418 -1.01 -4.84 12.16
C GLU A 418 -0.62 -6.12 12.87
N VAL A 419 0.60 -6.61 12.64
CA VAL A 419 1.11 -7.74 13.41
C VAL A 419 1.24 -7.35 14.87
N TYR A 420 1.68 -6.13 15.14
CA TYR A 420 1.79 -5.64 16.52
C TYR A 420 0.45 -5.70 17.23
N ALA A 421 -0.60 -5.20 16.58
CA ALA A 421 -1.92 -5.24 17.20
C ALA A 421 -2.38 -6.67 17.46
N GLN A 422 -2.01 -7.60 16.57
CA GLN A 422 -2.38 -9.00 16.78
C GLN A 422 -1.66 -9.59 17.99
N VAL A 423 -0.43 -9.15 18.26
CA VAL A 423 0.30 -9.65 19.42
C VAL A 423 -0.27 -9.10 20.71
N THR A 424 -0.63 -7.81 20.73
CA THR A 424 -1.17 -7.21 21.94
C THR A 424 -2.57 -7.75 22.26
N HIS A 425 -3.36 -8.07 21.23
CA HIS A 425 -4.68 -8.65 21.48
C HIS A 425 -4.56 -10.07 22.00
N LEU A 426 -3.63 -10.85 21.42
CA LEU A 426 -3.42 -12.22 21.89
C LEU A 426 -2.90 -12.25 23.32
N PHE A 427 -1.94 -11.38 23.63
CA PHE A 427 -1.45 -11.21 25.00
C PHE A 427 -2.17 -10.04 25.68
N GLN A 428 -3.48 -10.20 25.81
CA GLN A 428 -4.34 -9.13 26.32
C GLN A 428 -4.08 -8.81 27.80
N ASN A 429 -3.34 -9.66 28.50
CA ASN A 429 -3.15 -9.46 29.94
C ASN A 429 -2.28 -8.24 30.23
N ALA A 430 -1.14 -8.12 29.54
CA ALA A 430 -0.20 -7.07 29.86
C ALA A 430 0.63 -6.72 28.63
N PRO A 431 1.10 -5.48 28.51
CA PRO A 431 1.85 -5.05 27.32
C PRO A 431 3.36 -5.24 27.38
N ASP A 432 3.90 -5.91 28.40
CA ASP A 432 5.32 -6.21 28.39
C ASP A 432 5.67 -7.19 27.29
N LEU A 433 4.76 -8.12 26.97
CA LEU A 433 4.99 -9.01 25.84
C LEU A 433 4.95 -8.26 24.52
N LEU A 434 4.23 -7.12 24.47
CA LEU A 434 4.24 -6.30 23.27
C LEU A 434 5.57 -5.58 23.11
N GLU A 435 6.08 -5.00 24.20
CA GLU A 435 7.38 -4.34 24.14
C GLU A 435 8.49 -5.33 23.85
N ASP A 436 8.46 -6.50 24.49
CA ASP A 436 9.50 -7.50 24.25
C ASP A 436 9.47 -8.04 22.83
N PHE A 437 8.30 -8.01 22.18
CA PHE A 437 8.18 -8.57 20.85
C PHE A 437 8.79 -7.66 19.78
N LYS A 438 8.80 -6.35 20.01
CA LYS A 438 9.20 -5.40 18.97
C LYS A 438 10.65 -5.61 18.53
N LYS A 439 11.52 -6.02 19.45
CA LYS A 439 12.92 -6.27 19.08
C LYS A 439 13.03 -7.35 18.02
N PHE A 440 12.18 -8.38 18.08
CA PHE A 440 12.27 -9.48 17.14
C PHE A 440 11.81 -9.08 15.74
N LEU A 441 10.92 -8.09 15.64
CA LEU A 441 10.42 -7.62 14.35
C LEU A 441 10.30 -6.10 14.40
N PRO A 442 11.40 -5.38 14.13
CA PRO A 442 11.39 -3.92 14.12
C PRO A 442 10.85 -3.35 12.81
N MET B 1 -4.01 -30.00 22.94
CA MET B 1 -4.21 -31.37 23.41
C MET B 1 -2.97 -32.23 23.10
N LYS B 2 -2.59 -33.12 24.01
CA LYS B 2 -1.45 -33.99 23.76
C LYS B 2 -1.82 -35.07 22.74
N ILE B 3 -0.81 -35.75 22.22
CA ILE B 3 -1.02 -36.84 21.28
C ILE B 3 -1.45 -38.08 22.07
N GLU B 4 -2.65 -38.57 21.76
CA GLU B 4 -3.19 -39.72 22.49
C GLU B 4 -2.39 -40.98 22.18
N GLU B 5 -2.09 -41.74 23.23
CA GLU B 5 -1.38 -43.00 23.07
C GLU B 5 -2.35 -44.12 22.72
N GLY B 6 -1.93 -45.00 21.82
CA GLY B 6 -2.78 -46.09 21.36
C GLY B 6 -3.65 -45.75 20.17
N LYS B 7 -3.30 -44.72 19.41
CA LYS B 7 -4.12 -44.23 18.32
C LYS B 7 -3.18 -43.59 17.29
N LEU B 8 -3.68 -43.43 16.06
CA LEU B 8 -2.92 -42.77 14.99
C LEU B 8 -3.74 -41.62 14.44
N VAL B 9 -3.14 -40.43 14.42
CA VAL B 9 -3.70 -39.26 13.76
C VAL B 9 -2.76 -38.90 12.61
N ILE B 10 -3.32 -38.82 11.39
CA ILE B 10 -2.52 -38.64 10.18
C ILE B 10 -3.02 -37.38 9.47
N TRP B 11 -2.08 -36.54 9.04
CA TRP B 11 -2.39 -35.30 8.34
C TRP B 11 -1.85 -35.36 6.92
N ILE B 12 -2.68 -34.98 5.95
CA ILE B 12 -2.31 -34.99 4.54
C ILE B 12 -3.03 -33.83 3.86
N ASN B 13 -2.43 -33.30 2.81
CA ASN B 13 -2.96 -32.10 2.18
C ASN B 13 -4.30 -32.38 1.51
N GLY B 14 -5.12 -31.33 1.42
CA GLY B 14 -6.49 -31.45 0.94
C GLY B 14 -6.61 -31.82 -0.54
N ASP B 15 -5.52 -31.70 -1.30
CA ASP B 15 -5.58 -32.07 -2.70
C ASP B 15 -5.15 -33.52 -2.96
N LYS B 16 -4.76 -34.25 -1.92
CA LYS B 16 -4.34 -35.63 -2.06
C LYS B 16 -5.51 -36.57 -1.75
N GLY B 17 -5.28 -37.87 -1.93
CA GLY B 17 -6.33 -38.85 -1.70
C GLY B 17 -6.49 -39.27 -0.25
N TYR B 18 -7.06 -38.38 0.57
CA TYR B 18 -7.19 -38.71 1.99
C TYR B 18 -8.28 -39.75 2.24
N ASN B 19 -9.32 -39.80 1.41
CA ASN B 19 -10.33 -40.83 1.61
C ASN B 19 -9.77 -42.21 1.28
N GLY B 20 -8.95 -42.31 0.23
CA GLY B 20 -8.28 -43.56 -0.04
C GLY B 20 -7.29 -43.93 1.06
N LEU B 21 -6.61 -42.93 1.62
CA LEU B 21 -5.70 -43.18 2.74
C LEU B 21 -6.45 -43.67 3.97
N ALA B 22 -7.64 -43.09 4.21
CA ALA B 22 -8.47 -43.56 5.32
C ALA B 22 -8.87 -45.01 5.15
N GLU B 23 -9.09 -45.45 3.90
CA GLU B 23 -9.39 -46.86 3.65
C GLU B 23 -8.23 -47.75 4.10
N VAL B 24 -7.00 -47.34 3.84
CA VAL B 24 -5.86 -48.07 4.37
C VAL B 24 -5.89 -48.08 5.89
N GLY B 25 -6.31 -46.97 6.50
CA GLY B 25 -6.40 -46.93 7.95
C GLY B 25 -7.50 -47.82 8.50
N LYS B 26 -8.60 -47.97 7.76
CA LYS B 26 -9.65 -48.87 8.20
C LYS B 26 -9.18 -50.32 8.17
N LYS B 27 -8.41 -50.68 7.14
CA LYS B 27 -7.78 -52.00 7.12
C LYS B 27 -6.82 -52.16 8.31
N PHE B 28 -6.06 -51.11 8.62
CA PHE B 28 -5.14 -51.18 9.75
C PHE B 28 -5.90 -51.41 11.06
N GLU B 29 -7.07 -50.80 11.20
CA GLU B 29 -7.83 -50.93 12.45
C GLU B 29 -8.38 -52.34 12.62
N LYS B 30 -8.83 -52.96 11.53
CA LYS B 30 -9.39 -54.30 11.63
C LYS B 30 -8.32 -55.33 11.99
N ASP B 31 -7.10 -55.14 11.48
CA ASP B 31 -6.04 -56.09 11.76
C ASP B 31 -5.44 -55.89 13.15
N THR B 32 -5.40 -54.65 13.64
CA THR B 32 -4.70 -54.34 14.88
C THR B 32 -5.59 -53.81 16.00
N GLY B 33 -6.77 -53.30 15.68
CA GLY B 33 -7.59 -52.64 16.68
C GLY B 33 -7.24 -51.18 16.93
N ILE B 34 -6.24 -50.64 16.24
CA ILE B 34 -5.84 -49.26 16.42
C ILE B 34 -6.60 -48.39 15.42
N LYS B 35 -7.39 -47.45 15.92
CA LYS B 35 -8.10 -46.53 15.06
C LYS B 35 -7.14 -45.53 14.45
N VAL B 36 -7.36 -45.24 13.16
CA VAL B 36 -6.52 -44.31 12.40
C VAL B 36 -7.42 -43.18 11.92
N THR B 37 -7.15 -41.96 12.36
CA THR B 37 -7.92 -40.79 11.96
C THR B 37 -7.12 -39.98 10.95
N VAL B 38 -7.71 -39.72 9.79
CA VAL B 38 -7.08 -38.95 8.72
C VAL B 38 -7.73 -37.57 8.68
N GLU B 39 -6.90 -36.54 8.65
CA GLU B 39 -7.37 -35.17 8.58
C GLU B 39 -6.59 -34.42 7.51
N HIS B 40 -7.23 -33.41 6.92
CA HIS B 40 -6.61 -32.58 5.89
C HIS B 40 -6.83 -31.11 6.22
N PRO B 41 -6.12 -30.59 7.21
CA PRO B 41 -6.29 -29.17 7.56
C PRO B 41 -5.73 -28.26 6.49
N ASP B 42 -6.32 -27.07 6.39
CA ASP B 42 -5.82 -26.07 5.44
C ASP B 42 -4.49 -25.52 5.91
N LYS B 43 -3.69 -25.03 4.95
CA LYS B 43 -2.35 -24.49 5.23
C LYS B 43 -1.55 -25.50 6.07
N LEU B 44 -1.60 -26.76 5.62
CA LEU B 44 -1.08 -27.87 6.41
C LEU B 44 0.40 -27.70 6.72
N GLU B 45 1.18 -27.28 5.73
CA GLU B 45 2.61 -27.11 5.94
C GLU B 45 2.92 -26.06 7.01
N GLU B 46 1.97 -25.16 7.30
CA GLU B 46 2.14 -24.23 8.40
C GLU B 46 1.50 -24.73 9.69
N LYS B 47 0.45 -25.56 9.59
CA LYS B 47 -0.22 -26.05 10.80
C LYS B 47 0.64 -27.06 11.56
N PHE B 48 1.43 -27.87 10.86
CA PHE B 48 2.24 -28.85 11.57
C PHE B 48 3.23 -28.22 12.54
N PRO B 49 4.08 -27.26 12.15
CA PRO B 49 4.95 -26.63 13.15
C PRO B 49 4.19 -25.95 14.27
N GLN B 50 2.98 -25.47 13.99
CA GLN B 50 2.17 -24.81 15.00
C GLN B 50 1.93 -25.71 16.20
N VAL B 51 1.61 -26.98 15.95
CA VAL B 51 1.21 -27.89 17.01
C VAL B 51 2.39 -28.76 17.44
N ALA B 52 3.29 -29.08 16.51
CA ALA B 52 4.41 -29.95 16.83
C ALA B 52 5.43 -29.27 17.72
N ALA B 53 5.49 -27.92 17.69
CA ALA B 53 6.46 -27.22 18.52
C ALA B 53 6.18 -27.43 20.01
N THR B 54 4.93 -27.61 20.39
CA THR B 54 4.56 -27.89 21.77
C THR B 54 4.41 -29.39 22.06
N GLY B 55 4.82 -30.25 21.13
CA GLY B 55 4.70 -31.68 21.33
C GLY B 55 3.35 -32.27 20.97
N ASP B 56 2.48 -31.50 20.33
CA ASP B 56 1.18 -31.97 19.91
C ASP B 56 1.19 -32.27 18.40
N GLY B 57 0.02 -32.54 17.85
CA GLY B 57 -0.13 -32.71 16.41
C GLY B 57 -0.34 -34.15 16.00
N PRO B 58 -0.34 -34.42 14.70
CA PRO B 58 -0.51 -35.79 14.22
C PRO B 58 0.68 -36.66 14.58
N ASP B 59 0.43 -37.97 14.59
CA ASP B 59 1.54 -38.91 14.65
C ASP B 59 2.34 -38.92 13.34
N ILE B 60 1.66 -38.72 12.22
CA ILE B 60 2.24 -38.81 10.89
C ILE B 60 1.84 -37.56 10.12
N ILE B 61 2.81 -36.95 9.43
CA ILE B 61 2.57 -35.76 8.62
C ILE B 61 2.98 -36.05 7.18
N PHE B 62 2.09 -35.79 6.24
CA PHE B 62 2.37 -35.91 4.81
C PHE B 62 2.61 -34.53 4.22
N TRP B 63 3.67 -34.43 3.40
CA TRP B 63 3.94 -33.24 2.60
C TRP B 63 5.08 -33.58 1.65
N ALA B 64 5.27 -32.74 0.64
CA ALA B 64 6.43 -32.88 -0.22
C ALA B 64 7.72 -32.74 0.60
N HIS B 65 8.76 -33.44 0.16
CA HIS B 65 9.99 -33.58 0.94
C HIS B 65 10.66 -32.25 1.27
N ASP B 66 10.40 -31.18 0.50
CA ASP B 66 11.17 -29.95 0.66
C ASP B 66 11.00 -29.31 2.04
N ARG B 67 9.89 -29.58 2.72
CA ARG B 67 9.64 -28.97 4.03
C ARG B 67 10.29 -29.74 5.19
N PHE B 68 10.74 -30.97 4.95
CA PHE B 68 11.06 -31.88 6.05
C PHE B 68 12.38 -31.55 6.73
N GLY B 69 13.37 -31.09 5.98
CA GLY B 69 14.62 -30.69 6.62
C GLY B 69 14.44 -29.53 7.57
N GLY B 70 13.52 -28.61 7.23
CA GLY B 70 13.19 -27.56 8.18
C GLY B 70 12.50 -28.10 9.41
N TYR B 71 11.58 -29.06 9.23
CA TYR B 71 10.93 -29.69 10.38
C TYR B 71 11.93 -30.42 11.25
N ALA B 72 12.88 -31.12 10.63
CA ALA B 72 13.86 -31.88 11.40
C ALA B 72 14.80 -30.95 12.18
N GLN B 73 15.28 -29.88 11.54
CA GLN B 73 16.18 -28.96 12.23
C GLN B 73 15.51 -28.33 13.45
N SER B 74 14.19 -28.12 13.39
CA SER B 74 13.43 -27.63 14.53
C SER B 74 13.05 -28.72 15.51
N GLY B 75 13.49 -29.96 15.29
CA GLY B 75 13.25 -31.03 16.22
C GLY B 75 11.84 -31.59 16.23
N LEU B 76 11.10 -31.44 15.12
CA LEU B 76 9.71 -31.92 15.09
C LEU B 76 9.57 -33.32 14.51
N LEU B 77 10.64 -33.92 14.01
CA LEU B 77 10.56 -35.21 13.33
C LEU B 77 11.43 -36.24 14.04
N ALA B 78 10.94 -37.48 14.05
CA ALA B 78 11.72 -38.60 14.51
C ALA B 78 12.51 -39.21 13.36
N GLU B 79 13.70 -39.73 13.68
CA GLU B 79 14.43 -40.51 12.69
C GLU B 79 13.71 -41.83 12.47
N ILE B 80 13.53 -42.21 11.22
CA ILE B 80 12.87 -43.45 10.87
C ILE B 80 13.93 -44.55 10.74
N THR B 81 13.53 -45.78 11.05
CA THR B 81 14.46 -46.91 11.14
C THR B 81 13.99 -48.06 10.26
N PRO B 82 13.97 -47.87 8.94
CA PRO B 82 13.59 -48.99 8.05
C PRO B 82 14.76 -49.93 7.85
N ALA B 83 14.47 -51.23 7.90
CA ALA B 83 15.51 -52.22 7.66
C ALA B 83 16.00 -52.15 6.22
N ALA B 84 17.23 -52.64 6.00
CA ALA B 84 17.82 -52.61 4.67
C ALA B 84 16.95 -53.33 3.66
N ALA B 85 16.25 -54.38 4.08
CA ALA B 85 15.37 -55.11 3.18
C ALA B 85 14.21 -54.25 2.70
N PHE B 86 13.66 -53.42 3.59
CA PHE B 86 12.56 -52.54 3.19
C PHE B 86 13.07 -51.42 2.28
N GLN B 87 14.25 -50.87 2.58
CA GLN B 87 14.82 -49.81 1.76
C GLN B 87 14.99 -50.24 0.31
N ASP B 88 15.29 -51.52 0.08
CA ASP B 88 15.44 -52.02 -1.29
C ASP B 88 14.13 -52.00 -2.06
N LYS B 89 12.99 -51.97 -1.37
CA LYS B 89 11.70 -51.94 -2.06
C LYS B 89 11.41 -50.61 -2.73
N LEU B 90 12.17 -49.56 -2.40
CA LEU B 90 11.90 -48.21 -2.87
C LEU B 90 13.11 -47.71 -3.68
N TYR B 91 12.84 -46.85 -4.65
CA TYR B 91 13.90 -46.35 -5.52
C TYR B 91 14.90 -45.54 -4.70
N PRO B 92 16.20 -45.76 -4.90
CA PRO B 92 17.20 -45.04 -4.08
C PRO B 92 17.14 -43.54 -4.17
N PHE B 93 16.72 -42.97 -5.31
CA PHE B 93 16.68 -41.52 -5.41
C PHE B 93 15.53 -40.93 -4.59
N THR B 94 14.49 -41.72 -4.29
CA THR B 94 13.44 -41.25 -3.39
C THR B 94 13.96 -41.19 -1.96
N TRP B 95 14.72 -42.20 -1.53
CA TRP B 95 15.36 -42.13 -0.22
C TRP B 95 16.30 -40.93 -0.11
N ASP B 96 16.92 -40.54 -1.23
CA ASP B 96 17.80 -39.37 -1.20
C ASP B 96 17.04 -38.11 -0.81
N ALA B 97 15.79 -37.99 -1.28
CA ALA B 97 15.02 -36.77 -1.04
C ALA B 97 14.68 -36.59 0.44
N VAL B 98 14.61 -37.68 1.20
CA VAL B 98 14.24 -37.65 2.61
C VAL B 98 15.44 -37.87 3.51
N ARG B 99 16.65 -37.66 3.01
CA ARG B 99 17.87 -37.70 3.83
C ARG B 99 18.25 -36.27 4.22
N TYR B 100 18.54 -36.08 5.50
CA TYR B 100 18.93 -34.78 6.03
C TYR B 100 19.97 -34.99 7.11
N ASN B 101 21.13 -34.34 6.96
CA ASN B 101 22.26 -34.52 7.87
C ASN B 101 22.67 -35.99 7.98
N GLY B 102 22.51 -36.75 6.91
CA GLY B 102 22.92 -38.14 6.90
C GLY B 102 21.92 -39.14 7.44
N LYS B 103 20.80 -38.68 7.98
CA LYS B 103 19.79 -39.56 8.55
C LYS B 103 18.48 -39.43 7.77
N LEU B 104 17.73 -40.53 7.71
CA LEU B 104 16.42 -40.53 7.08
C LEU B 104 15.38 -39.95 8.03
N ILE B 105 14.55 -39.04 7.51
CA ILE B 105 13.62 -38.28 8.34
C ILE B 105 12.17 -38.43 7.87
N ALA B 106 11.91 -39.31 6.91
CA ALA B 106 10.57 -39.53 6.40
C ALA B 106 10.58 -40.74 5.47
N TYR B 107 9.38 -41.24 5.17
CA TYR B 107 9.21 -42.32 4.21
C TYR B 107 8.79 -41.73 2.88
N PRO B 108 9.51 -41.97 1.79
CA PRO B 108 9.06 -41.47 0.49
C PRO B 108 7.87 -42.26 -0.03
N ILE B 109 6.91 -41.55 -0.62
CA ILE B 109 5.67 -42.14 -1.10
C ILE B 109 5.57 -42.10 -2.62
N ALA B 110 5.73 -40.92 -3.22
CA ALA B 110 5.54 -40.77 -4.65
C ALA B 110 6.20 -39.49 -5.12
N VAL B 111 6.57 -39.48 -6.39
CA VAL B 111 7.24 -38.35 -7.02
C VAL B 111 6.22 -37.55 -7.81
N GLU B 112 6.22 -36.24 -7.60
CA GLU B 112 5.26 -35.34 -8.23
C GLU B 112 5.99 -34.32 -9.11
N ALA B 113 5.45 -34.09 -10.29
CA ALA B 113 5.93 -33.03 -11.15
C ALA B 113 4.74 -32.45 -11.90
N LEU B 114 4.79 -31.15 -12.16
CA LEU B 114 3.74 -30.51 -12.93
C LEU B 114 3.88 -30.88 -14.41
N SER B 115 2.74 -30.91 -15.10
CA SER B 115 2.70 -31.14 -16.52
C SER B 115 1.74 -30.15 -17.15
N LEU B 116 1.83 -30.02 -18.47
CA LEU B 116 0.83 -29.29 -19.22
C LEU B 116 -0.36 -30.21 -19.47
N ILE B 117 -1.54 -29.79 -19.02
CA ILE B 117 -2.79 -30.50 -19.27
C ILE B 117 -3.58 -29.66 -20.27
N TYR B 118 -4.00 -30.29 -21.37
CA TYR B 118 -4.69 -29.56 -22.43
C TYR B 118 -5.97 -30.28 -22.82
N ASN B 119 -6.93 -29.50 -23.32
CA ASN B 119 -8.21 -30.01 -23.81
C ASN B 119 -8.03 -30.42 -25.26
N LYS B 120 -8.13 -31.72 -25.54
CA LYS B 120 -7.87 -32.25 -26.88
C LYS B 120 -8.93 -31.83 -27.89
N ASP B 121 -10.15 -31.52 -27.44
CA ASP B 121 -11.18 -31.06 -28.38
C ASP B 121 -10.95 -29.60 -28.77
N LEU B 122 -10.46 -28.77 -27.85
CA LEU B 122 -10.16 -27.38 -28.18
C LEU B 122 -8.77 -27.23 -28.81
N LEU B 123 -7.84 -28.10 -28.43
CA LEU B 123 -6.43 -27.98 -28.84
C LEU B 123 -5.92 -29.36 -29.20
N PRO B 124 -6.16 -29.81 -30.43
CA PRO B 124 -5.63 -31.12 -30.84
C PRO B 124 -4.12 -31.19 -30.80
N ASN B 125 -3.44 -30.07 -31.04
CA ASN B 125 -1.98 -29.99 -31.01
C ASN B 125 -1.56 -28.92 -30.01
N PRO B 126 -1.10 -29.29 -28.82
CA PRO B 126 -0.79 -28.27 -27.81
C PRO B 126 0.50 -27.53 -28.17
N PRO B 127 0.64 -26.29 -27.71
CA PRO B 127 1.85 -25.51 -28.04
C PRO B 127 3.10 -26.09 -27.40
N LYS B 128 4.19 -26.03 -28.14
CA LYS B 128 5.49 -26.47 -27.63
C LYS B 128 6.26 -25.35 -26.95
N THR B 129 5.89 -24.09 -27.18
CA THR B 129 6.60 -22.95 -26.63
C THR B 129 5.64 -22.04 -25.87
N TRP B 130 6.16 -21.43 -24.79
CA TRP B 130 5.41 -20.37 -24.12
C TRP B 130 5.14 -19.21 -25.06
N GLU B 131 6.07 -18.95 -25.99
CA GLU B 131 6.03 -17.74 -26.81
C GLU B 131 4.80 -17.70 -27.72
N GLU B 132 4.29 -18.87 -28.14
CA GLU B 132 3.16 -18.90 -29.05
C GLU B 132 1.81 -18.83 -28.33
N ILE B 133 1.81 -18.78 -27.01
CA ILE B 133 0.57 -18.80 -26.23
C ILE B 133 -0.23 -17.51 -26.41
N PRO B 134 0.38 -16.31 -26.46
CA PRO B 134 -0.42 -15.11 -26.74
C PRO B 134 -1.25 -15.18 -28.01
N ALA B 135 -0.65 -15.62 -29.12
CA ALA B 135 -1.41 -15.72 -30.37
C ALA B 135 -2.52 -16.76 -30.24
N LEU B 136 -2.25 -17.87 -29.57
CA LEU B 136 -3.27 -18.90 -29.39
C LEU B 136 -4.43 -18.37 -28.55
N ASP B 137 -4.13 -17.63 -27.47
CA ASP B 137 -5.20 -17.07 -26.65
C ASP B 137 -6.04 -16.08 -27.46
N LYS B 138 -5.40 -15.23 -28.25
CA LYS B 138 -6.14 -14.30 -29.10
C LYS B 138 -7.10 -15.04 -30.01
N GLU B 139 -6.65 -16.18 -30.57
CA GLU B 139 -7.52 -16.98 -31.42
C GLU B 139 -8.66 -17.61 -30.62
N LEU B 140 -8.35 -18.16 -29.44
CA LEU B 140 -9.38 -18.82 -28.64
C LEU B 140 -10.34 -17.81 -28.01
N LYS B 141 -9.87 -16.60 -27.71
CA LYS B 141 -10.77 -15.58 -27.18
C LYS B 141 -11.86 -15.23 -28.18
N ALA B 142 -11.58 -15.36 -29.48
CA ALA B 142 -12.60 -15.14 -30.48
C ALA B 142 -13.72 -16.18 -30.41
N LYS B 143 -13.45 -17.34 -29.82
CA LYS B 143 -14.47 -18.35 -29.58
C LYS B 143 -14.98 -18.32 -28.14
N GLY B 144 -14.71 -17.24 -27.41
CA GLY B 144 -15.15 -17.14 -26.04
C GLY B 144 -14.46 -18.08 -25.08
N LYS B 145 -13.20 -18.41 -25.35
CA LYS B 145 -12.43 -19.27 -24.47
C LYS B 145 -11.04 -18.66 -24.29
N SER B 146 -10.22 -19.29 -23.47
CA SER B 146 -8.86 -18.78 -23.25
C SER B 146 -7.87 -19.92 -23.43
N ALA B 147 -6.60 -19.54 -23.57
CA ALA B 147 -5.55 -20.51 -23.83
C ALA B 147 -5.12 -21.23 -22.55
N LEU B 148 -4.86 -20.49 -21.47
CA LEU B 148 -4.18 -21.09 -20.33
C LEU B 148 -4.60 -20.43 -19.02
N MET B 149 -5.00 -21.25 -18.05
CA MET B 149 -5.24 -20.79 -16.70
C MET B 149 -4.60 -21.77 -15.73
N PHE B 150 -3.77 -21.28 -14.82
CA PHE B 150 -3.22 -22.09 -13.75
C PHE B 150 -3.03 -21.23 -12.52
N ASN B 151 -2.72 -21.89 -11.39
CA ASN B 151 -2.68 -21.23 -10.08
C ASN B 151 -1.50 -20.27 -10.00
N LEU B 152 -1.79 -18.97 -9.92
CA LEU B 152 -0.78 -17.93 -9.80
C LEU B 152 -0.54 -17.50 -8.37
N GLN B 153 -1.25 -18.09 -7.41
CA GLN B 153 -1.06 -17.74 -6.01
C GLN B 153 -0.01 -18.59 -5.31
N GLU B 154 0.41 -19.70 -5.93
CA GLU B 154 1.43 -20.56 -5.34
C GLU B 154 2.63 -20.59 -6.27
N PRO B 155 3.80 -20.11 -5.82
CA PRO B 155 4.95 -20.02 -6.74
C PRO B 155 5.37 -21.35 -7.33
N TYR B 156 5.00 -22.47 -6.70
CA TYR B 156 5.23 -23.80 -7.26
C TYR B 156 4.84 -23.87 -8.72
N PHE B 157 3.72 -23.23 -9.09
CA PHE B 157 3.19 -23.37 -10.44
C PHE B 157 3.89 -22.48 -11.47
N THR B 158 4.42 -21.32 -11.05
CA THR B 158 5.12 -20.45 -11.97
C THR B 158 6.61 -20.70 -12.00
N TRP B 159 7.15 -21.35 -10.97
CA TRP B 159 8.58 -21.66 -10.94
C TRP B 159 9.11 -22.36 -12.20
N PRO B 160 8.41 -23.34 -12.81
CA PRO B 160 8.98 -23.95 -14.02
C PRO B 160 9.36 -22.92 -15.08
N LEU B 161 8.53 -21.90 -15.27
CA LEU B 161 8.82 -20.84 -16.22
C LEU B 161 9.95 -19.94 -15.74
N ILE B 162 9.99 -19.65 -14.43
CA ILE B 162 11.04 -18.78 -13.89
C ILE B 162 12.40 -19.45 -14.00
N ALA B 163 12.46 -20.77 -13.81
CA ALA B 163 13.72 -21.50 -13.84
C ALA B 163 14.16 -21.88 -15.25
N ALA B 164 13.30 -21.73 -16.26
CA ALA B 164 13.61 -22.25 -17.58
C ALA B 164 14.86 -21.60 -18.18
N ASP B 165 14.99 -20.28 -18.05
CA ASP B 165 16.12 -19.56 -18.65
C ASP B 165 17.27 -19.33 -17.68
N GLY B 166 17.24 -19.91 -16.49
CA GLY B 166 18.39 -19.84 -15.62
C GLY B 166 18.13 -19.49 -14.17
N GLY B 167 16.88 -19.24 -13.81
CA GLY B 167 16.56 -19.04 -12.41
C GLY B 167 16.76 -20.31 -11.60
N TYR B 168 17.17 -20.14 -10.34
CA TYR B 168 17.36 -21.27 -9.44
C TYR B 168 17.23 -20.77 -8.02
N ALA B 169 17.00 -21.71 -7.10
CA ALA B 169 16.81 -21.31 -5.70
C ALA B 169 18.15 -21.11 -5.00
N PHE B 170 18.92 -22.18 -4.83
CA PHE B 170 20.23 -22.12 -4.22
C PHE B 170 21.20 -22.92 -5.06
N LYS B 171 22.41 -22.40 -5.24
CA LYS B 171 23.39 -23.05 -6.08
C LYS B 171 23.81 -24.39 -5.45
N TYR B 172 23.76 -25.44 -6.26
CA TYR B 172 24.14 -26.79 -5.83
C TYR B 172 25.56 -27.08 -6.27
N ALA B 173 26.39 -27.54 -5.33
CA ALA B 173 27.80 -27.83 -5.59
C ALA B 173 28.06 -29.29 -5.23
N ALA B 174 27.79 -30.19 -6.18
CA ALA B 174 28.12 -31.61 -6.09
C ALA B 174 27.87 -32.16 -4.71
N GLY B 175 26.75 -31.76 -4.08
CA GLY B 175 26.34 -32.29 -2.79
C GLY B 175 25.75 -31.35 -1.75
N LYS B 176 26.18 -30.09 -1.71
CA LYS B 176 25.60 -29.12 -0.79
C LYS B 176 25.02 -27.93 -1.54
N TYR B 177 24.01 -27.30 -0.94
CA TYR B 177 23.42 -26.09 -1.47
C TYR B 177 24.05 -24.89 -0.78
N ASP B 178 24.38 -23.86 -1.56
CA ASP B 178 25.05 -22.66 -1.07
C ASP B 178 23.99 -21.60 -0.83
N ILE B 179 23.59 -21.41 0.44
CA ILE B 179 22.47 -20.53 0.73
C ILE B 179 22.81 -19.06 0.56
N LYS B 180 24.07 -18.72 0.29
CA LYS B 180 24.44 -17.35 -0.05
C LYS B 180 24.53 -17.13 -1.55
N ASP B 181 24.29 -18.16 -2.36
CA ASP B 181 24.26 -18.06 -3.82
C ASP B 181 22.82 -18.36 -4.24
N VAL B 182 22.01 -17.31 -4.29
CA VAL B 182 20.60 -17.39 -4.65
C VAL B 182 20.44 -16.91 -6.08
N GLY B 183 19.58 -17.61 -6.85
CA GLY B 183 19.42 -17.28 -8.25
C GLY B 183 18.02 -16.87 -8.66
N VAL B 184 17.29 -16.17 -7.79
CA VAL B 184 15.92 -15.77 -8.13
C VAL B 184 15.85 -14.39 -8.77
N ASP B 185 16.96 -13.65 -8.86
CA ASP B 185 16.96 -12.34 -9.51
C ASP B 185 17.99 -12.24 -10.64
N ASN B 186 18.47 -13.36 -11.16
CA ASN B 186 19.36 -13.31 -12.30
C ASN B 186 18.57 -13.04 -13.58
N ALA B 187 19.28 -12.94 -14.70
CA ALA B 187 18.64 -12.60 -15.96
C ALA B 187 17.58 -13.63 -16.35
N GLY B 188 17.89 -14.92 -16.17
CA GLY B 188 16.94 -15.97 -16.52
C GLY B 188 15.66 -15.90 -15.72
N ALA B 189 15.77 -15.71 -14.40
CA ALA B 189 14.58 -15.55 -13.58
C ALA B 189 13.78 -14.33 -14.00
N LYS B 190 14.47 -13.22 -14.27
CA LYS B 190 13.78 -11.99 -14.68
C LYS B 190 13.04 -12.19 -15.99
N ALA B 191 13.66 -12.88 -16.95
CA ALA B 191 13.00 -13.09 -18.24
C ALA B 191 11.75 -13.94 -18.08
N GLY B 192 11.81 -14.98 -17.25
CA GLY B 192 10.66 -15.83 -17.05
C GLY B 192 9.49 -15.09 -16.42
N LEU B 193 9.73 -14.43 -15.29
CA LEU B 193 8.64 -13.74 -14.62
C LEU B 193 8.10 -12.61 -15.49
N THR B 194 8.97 -11.91 -16.22
CA THR B 194 8.52 -10.85 -17.11
C THR B 194 7.54 -11.37 -18.15
N PHE B 195 7.84 -12.53 -18.75
CA PHE B 195 6.93 -13.11 -19.72
C PHE B 195 5.56 -13.38 -19.09
N LEU B 196 5.55 -13.95 -17.88
CA LEU B 196 4.30 -14.19 -17.18
C LEU B 196 3.54 -12.89 -16.95
N VAL B 197 4.26 -11.86 -16.50
CA VAL B 197 3.62 -10.58 -16.21
C VAL B 197 3.09 -9.93 -17.48
N ASP B 198 3.82 -10.08 -18.59
CA ASP B 198 3.32 -9.58 -19.87
C ASP B 198 2.04 -10.30 -20.28
N LEU B 199 1.95 -11.61 -20.00
CA LEU B 199 0.72 -12.34 -20.27
C LEU B 199 -0.47 -11.73 -19.54
N ILE B 200 -0.27 -11.31 -18.28
CA ILE B 200 -1.32 -10.64 -17.54
C ILE B 200 -1.59 -9.26 -18.13
N LYS B 201 -0.53 -8.51 -18.43
CA LYS B 201 -0.67 -7.16 -18.97
C LYS B 201 -1.38 -7.16 -20.31
N ASN B 202 -1.15 -8.18 -21.13
CA ASN B 202 -1.89 -8.36 -22.36
C ASN B 202 -3.17 -9.16 -22.15
N LYS B 203 -3.58 -9.35 -20.90
CA LYS B 203 -4.88 -9.91 -20.56
C LYS B 203 -5.08 -11.31 -21.16
N HIS B 204 -3.99 -12.04 -21.34
CA HIS B 204 -4.04 -13.47 -21.61
C HIS B 204 -4.19 -14.29 -20.34
N MET B 205 -4.01 -13.67 -19.17
CA MET B 205 -4.20 -14.30 -17.88
C MET B 205 -4.55 -13.23 -16.86
N ASN B 206 -5.14 -13.66 -15.75
CA ASN B 206 -5.49 -12.78 -14.65
C ASN B 206 -4.58 -13.03 -13.46
N ALA B 207 -4.21 -11.96 -12.76
CA ALA B 207 -3.29 -12.07 -11.63
C ALA B 207 -3.92 -12.80 -10.45
N ASP B 208 -5.24 -12.82 -10.34
CA ASP B 208 -5.89 -13.39 -9.17
C ASP B 208 -6.28 -14.86 -9.35
N THR B 209 -5.96 -15.48 -10.49
CA THR B 209 -6.32 -16.89 -10.70
C THR B 209 -5.63 -17.78 -9.68
N ASP B 210 -6.42 -18.58 -8.98
CA ASP B 210 -5.91 -19.49 -7.97
C ASP B 210 -6.19 -20.93 -8.39
N TYR B 211 -5.93 -21.87 -7.48
CA TYR B 211 -6.09 -23.29 -7.80
C TYR B 211 -7.51 -23.60 -8.24
N SER B 212 -8.50 -23.14 -7.46
CA SER B 212 -9.87 -23.53 -7.73
C SER B 212 -10.41 -22.86 -8.99
N ILE B 213 -10.08 -21.59 -9.20
CA ILE B 213 -10.55 -20.88 -10.40
C ILE B 213 -10.04 -21.56 -11.66
N ALA B 214 -8.77 -21.95 -11.68
CA ALA B 214 -8.20 -22.55 -12.88
C ALA B 214 -8.70 -23.96 -13.10
N GLU B 215 -8.93 -24.71 -12.01
CA GLU B 215 -9.45 -26.07 -12.14
C GLU B 215 -10.89 -26.06 -12.63
N ALA B 216 -11.72 -25.16 -12.10
CA ALA B 216 -13.10 -25.04 -12.57
C ALA B 216 -13.14 -24.66 -14.05
N ALA B 217 -12.30 -23.72 -14.46
CA ALA B 217 -12.32 -23.25 -15.84
C ALA B 217 -11.91 -24.35 -16.81
N PHE B 218 -10.87 -25.12 -16.49
CA PHE B 218 -10.46 -26.19 -17.39
C PHE B 218 -11.48 -27.32 -17.39
N ASN B 219 -11.96 -27.72 -16.20
CA ASN B 219 -12.88 -28.84 -16.13
C ASN B 219 -14.24 -28.53 -16.72
N LYS B 220 -14.55 -27.26 -16.96
CA LYS B 220 -15.79 -26.88 -17.62
C LYS B 220 -15.61 -26.57 -19.10
N GLY B 221 -14.40 -26.74 -19.63
CA GLY B 221 -14.17 -26.48 -21.04
C GLY B 221 -14.03 -25.03 -21.42
N GLU B 222 -13.77 -24.15 -20.45
CA GLU B 222 -13.66 -22.72 -20.73
C GLU B 222 -12.25 -22.30 -21.12
N THR B 223 -11.23 -23.03 -20.68
CA THR B 223 -9.85 -22.74 -21.06
C THR B 223 -9.21 -24.01 -21.60
N ALA B 224 -8.31 -23.84 -22.57
CA ALA B 224 -7.78 -24.97 -23.32
C ALA B 224 -6.64 -25.68 -22.62
N MET B 225 -5.95 -25.01 -21.68
CA MET B 225 -4.81 -25.62 -21.02
C MET B 225 -4.80 -25.24 -19.54
N THR B 226 -4.21 -26.12 -18.74
CA THR B 226 -3.88 -25.82 -17.36
C THR B 226 -2.55 -26.48 -17.03
N ILE B 227 -2.01 -26.13 -15.87
CA ILE B 227 -0.77 -26.71 -15.36
C ILE B 227 -1.06 -27.25 -13.98
N ASN B 228 -0.86 -28.55 -13.79
CA ASN B 228 -1.17 -29.19 -12.52
C ASN B 228 -0.41 -30.51 -12.44
N GLY B 229 -0.52 -31.16 -11.29
CA GLY B 229 0.13 -32.43 -11.07
C GLY B 229 -0.84 -33.58 -11.15
N PRO B 230 -0.34 -34.79 -10.90
CA PRO B 230 -1.18 -35.99 -11.03
C PRO B 230 -2.45 -35.98 -10.18
N TRP B 231 -2.41 -35.33 -9.01
CA TRP B 231 -3.57 -35.35 -8.12
C TRP B 231 -4.80 -34.72 -8.76
N ALA B 232 -4.62 -33.83 -9.74
CA ALA B 232 -5.75 -33.17 -10.39
C ALA B 232 -6.44 -34.03 -11.43
N TRP B 233 -5.82 -35.13 -11.90
CA TRP B 233 -6.42 -35.91 -12.98
C TRP B 233 -7.78 -36.49 -12.59
N SER B 234 -7.98 -36.76 -11.30
CA SER B 234 -9.23 -37.37 -10.84
C SER B 234 -10.43 -36.47 -11.17
N ASN B 235 -10.37 -35.20 -10.79
CA ASN B 235 -11.48 -34.29 -11.04
C ASN B 235 -11.66 -34.05 -12.54
N ILE B 236 -10.59 -34.11 -13.33
CA ILE B 236 -10.76 -33.97 -14.77
C ILE B 236 -11.49 -35.18 -15.36
N ASP B 237 -11.17 -36.38 -14.85
CA ASP B 237 -11.89 -37.59 -15.27
C ASP B 237 -13.39 -37.45 -15.06
N THR B 238 -13.78 -36.99 -13.87
CA THR B 238 -15.20 -36.74 -13.58
C THR B 238 -15.80 -35.71 -14.54
N SER B 239 -15.00 -34.76 -15.00
CA SER B 239 -15.51 -33.69 -15.86
C SER B 239 -15.89 -34.18 -17.26
N ALA B 240 -15.36 -35.32 -17.70
CA ALA B 240 -15.54 -35.87 -19.04
C ALA B 240 -14.86 -35.03 -20.12
N VAL B 241 -14.04 -34.05 -19.75
CA VAL B 241 -13.23 -33.34 -20.73
C VAL B 241 -12.20 -34.30 -21.31
N ASN B 242 -12.06 -34.29 -22.63
CA ASN B 242 -11.09 -35.15 -23.30
C ASN B 242 -9.73 -34.48 -23.20
N TYR B 243 -8.90 -34.92 -22.26
CA TYR B 243 -7.67 -34.22 -21.94
C TYR B 243 -6.44 -35.09 -22.19
N GLY B 244 -5.31 -34.42 -22.40
CA GLY B 244 -4.03 -35.07 -22.47
C GLY B 244 -3.06 -34.44 -21.49
N VAL B 245 -2.02 -35.22 -21.16
CA VAL B 245 -0.96 -34.79 -20.24
C VAL B 245 0.35 -34.86 -21.00
N THR B 246 1.05 -33.73 -21.10
CA THR B 246 2.20 -33.63 -21.98
C THR B 246 3.28 -32.76 -21.36
N VAL B 247 4.39 -32.62 -22.10
CA VAL B 247 5.53 -31.85 -21.64
C VAL B 247 5.17 -30.38 -21.58
N LEU B 248 5.73 -29.68 -20.59
CA LEU B 248 5.51 -28.26 -20.44
C LEU B 248 6.12 -27.50 -21.62
N PRO B 249 5.57 -26.33 -21.96
CA PRO B 249 6.13 -25.56 -23.07
C PRO B 249 7.53 -25.06 -22.76
N THR B 250 8.32 -24.90 -23.82
CA THR B 250 9.66 -24.35 -23.66
C THR B 250 9.60 -22.82 -23.59
N PHE B 251 10.67 -22.25 -23.05
CA PHE B 251 10.83 -20.80 -22.97
C PHE B 251 12.21 -20.46 -23.50
N LYS B 252 12.26 -19.55 -24.48
CA LYS B 252 13.51 -19.17 -25.13
C LYS B 252 14.29 -20.41 -25.58
N GLY B 253 13.58 -21.39 -26.11
CA GLY B 253 14.20 -22.61 -26.59
C GLY B 253 14.67 -23.56 -25.51
N GLN B 254 14.37 -23.27 -24.25
CA GLN B 254 14.81 -24.11 -23.15
C GLN B 254 13.59 -24.75 -22.46
N PRO B 255 13.73 -25.95 -21.93
CA PRO B 255 12.60 -26.57 -21.23
C PRO B 255 12.28 -25.83 -19.94
N SER B 256 10.99 -25.80 -19.61
CA SER B 256 10.58 -25.38 -18.27
C SER B 256 11.09 -26.40 -17.26
N LYS B 257 11.62 -25.90 -16.14
CA LYS B 257 12.25 -26.75 -15.13
C LYS B 257 11.39 -26.77 -13.87
N PRO B 258 10.41 -27.66 -13.77
CA PRO B 258 9.61 -27.70 -12.55
C PRO B 258 10.40 -28.26 -11.38
N PHE B 259 10.17 -27.70 -10.20
CA PHE B 259 10.73 -28.31 -9.01
C PHE B 259 10.00 -29.61 -8.73
N VAL B 260 10.74 -30.68 -8.52
CA VAL B 260 10.17 -32.01 -8.38
C VAL B 260 9.97 -32.30 -6.89
N GLY B 261 8.77 -32.75 -6.54
CA GLY B 261 8.41 -33.06 -5.17
C GLY B 261 8.24 -34.55 -4.95
N VAL B 262 8.66 -34.99 -3.77
CA VAL B 262 8.45 -36.36 -3.32
C VAL B 262 7.52 -36.30 -2.12
N LEU B 263 6.26 -36.69 -2.33
CA LEU B 263 5.34 -36.82 -1.20
C LEU B 263 5.90 -37.84 -0.21
N SER B 264 5.98 -37.43 1.06
CA SER B 264 6.65 -38.23 2.06
C SER B 264 5.91 -38.13 3.40
N ALA B 265 6.12 -39.14 4.24
CA ALA B 265 5.41 -39.29 5.50
C ALA B 265 6.42 -39.28 6.63
N GLY B 266 6.37 -38.22 7.45
CA GLY B 266 7.23 -38.12 8.61
C GLY B 266 6.48 -38.50 9.88
N ILE B 267 7.25 -38.88 10.90
CA ILE B 267 6.71 -39.29 12.19
C ILE B 267 7.04 -38.19 13.20
N ASN B 268 5.99 -37.67 13.84
CA ASN B 268 6.15 -36.65 14.87
C ASN B 268 7.15 -37.11 15.94
N ALA B 269 8.12 -36.24 16.24
CA ALA B 269 9.14 -36.56 17.23
C ALA B 269 8.55 -36.77 18.62
N ALA B 270 7.39 -36.19 18.90
CA ALA B 270 6.74 -36.34 20.19
C ALA B 270 5.63 -37.39 20.18
N SER B 271 5.51 -38.16 19.11
CA SER B 271 4.47 -39.17 19.06
C SER B 271 4.80 -40.30 20.03
N PRO B 272 3.85 -40.74 20.85
CA PRO B 272 4.04 -41.96 21.63
C PRO B 272 3.67 -43.24 20.88
N ASN B 273 3.37 -43.13 19.59
CA ASN B 273 2.92 -44.24 18.76
C ASN B 273 3.87 -44.45 17.58
N LYS B 274 5.18 -44.26 17.80
CA LYS B 274 6.14 -44.35 16.71
C LYS B 274 6.23 -45.77 16.15
N GLU B 275 6.01 -46.79 16.98
CA GLU B 275 6.03 -48.15 16.49
C GLU B 275 4.82 -48.43 15.60
N LEU B 276 3.63 -48.06 16.07
CA LEU B 276 2.43 -48.21 15.26
C LEU B 276 2.53 -47.41 13.96
N ALA B 277 3.16 -46.22 14.03
CA ALA B 277 3.30 -45.40 12.83
C ALA B 277 4.21 -46.07 11.81
N LYS B 278 5.33 -46.64 12.27
CA LYS B 278 6.23 -47.37 11.37
C LYS B 278 5.53 -48.60 10.78
N GLU B 279 4.75 -49.31 11.60
CA GLU B 279 4.05 -50.48 11.09
C GLU B 279 3.01 -50.09 10.04
N PHE B 280 2.28 -49.00 10.29
CA PHE B 280 1.27 -48.57 9.33
C PHE B 280 1.92 -48.16 8.01
N LEU B 281 2.99 -47.37 8.07
CA LEU B 281 3.63 -46.88 6.86
C LEU B 281 4.31 -48.01 6.09
N GLU B 282 5.06 -48.86 6.80
CA GLU B 282 5.88 -49.87 6.12
C GLU B 282 5.05 -51.03 5.61
N ASN B 283 4.11 -51.53 6.41
CA ASN B 283 3.41 -52.78 6.11
C ASN B 283 1.99 -52.58 5.59
N TYR B 284 1.45 -51.37 5.65
CA TYR B 284 0.12 -51.13 5.11
C TYR B 284 0.11 -50.11 3.98
N LEU B 285 0.68 -48.92 4.18
CA LEU B 285 0.62 -47.90 3.14
C LEU B 285 1.54 -48.24 1.99
N LEU B 286 2.82 -48.45 2.27
CA LEU B 286 3.82 -48.69 1.24
C LEU B 286 3.75 -50.15 0.75
N THR B 287 2.56 -50.53 0.30
CA THR B 287 2.30 -51.81 -0.34
C THR B 287 1.68 -51.54 -1.70
N ASP B 288 1.56 -52.61 -2.49
CA ASP B 288 0.80 -52.51 -3.74
C ASP B 288 -0.66 -52.22 -3.44
N GLU B 289 -1.21 -52.86 -2.41
CA GLU B 289 -2.61 -52.63 -2.05
C GLU B 289 -2.80 -51.26 -1.41
N GLY B 290 -1.85 -50.84 -0.58
CA GLY B 290 -1.93 -49.55 0.08
C GLY B 290 -1.93 -48.38 -0.87
N LEU B 291 -0.87 -48.26 -1.68
CA LEU B 291 -0.76 -47.13 -2.59
C LEU B 291 -1.88 -47.12 -3.63
N GLU B 292 -2.37 -48.30 -4.04
CA GLU B 292 -3.45 -48.33 -5.02
C GLU B 292 -4.72 -47.71 -4.47
N ALA B 293 -5.03 -47.96 -3.20
CA ALA B 293 -6.21 -47.35 -2.59
C ALA B 293 -6.09 -45.83 -2.58
N VAL B 294 -4.91 -45.30 -2.27
CA VAL B 294 -4.71 -43.86 -2.32
C VAL B 294 -4.71 -43.38 -3.77
N ASN B 295 -4.03 -44.11 -4.66
CA ASN B 295 -3.93 -43.69 -6.05
C ASN B 295 -5.30 -43.63 -6.72
N LYS B 296 -6.18 -44.57 -6.39
CA LYS B 296 -7.50 -44.58 -7.00
C LYS B 296 -8.38 -43.45 -6.51
N ASP B 297 -8.11 -42.92 -5.31
CA ASP B 297 -8.79 -41.71 -4.87
C ASP B 297 -8.31 -40.50 -5.67
N LYS B 298 -7.01 -40.21 -5.59
CA LYS B 298 -6.39 -39.17 -6.37
C LYS B 298 -5.00 -39.67 -6.74
N PRO B 299 -4.64 -39.64 -8.02
CA PRO B 299 -3.37 -40.23 -8.44
C PRO B 299 -2.18 -39.64 -7.70
N LEU B 300 -1.27 -40.52 -7.28
CA LEU B 300 -0.08 -40.11 -6.54
C LEU B 300 1.05 -39.62 -7.43
N GLY B 301 1.07 -40.02 -8.69
CA GLY B 301 2.24 -39.78 -9.52
C GLY B 301 3.08 -41.02 -9.65
N ALA B 302 4.40 -40.87 -9.75
CA ALA B 302 5.30 -42.02 -9.90
C ALA B 302 5.71 -42.49 -8.50
N VAL B 303 5.07 -43.57 -8.04
CA VAL B 303 5.26 -43.97 -6.64
C VAL B 303 6.69 -44.44 -6.42
N ALA B 304 7.11 -44.40 -5.15
CA ALA B 304 8.46 -44.80 -4.79
C ALA B 304 8.61 -46.31 -4.64
N LEU B 305 7.50 -47.05 -4.55
CA LEU B 305 7.56 -48.50 -4.43
C LEU B 305 7.77 -49.11 -5.80
N LYS B 306 8.90 -49.82 -5.97
CA LYS B 306 9.26 -50.39 -7.28
C LYS B 306 8.15 -51.26 -7.84
N SER B 307 7.63 -52.18 -7.03
CA SER B 307 6.68 -53.18 -7.53
C SER B 307 5.44 -52.51 -8.10
N TYR B 308 4.94 -51.47 -7.45
CA TYR B 308 3.72 -50.82 -7.91
C TYR B 308 4.01 -49.81 -9.02
N GLU B 309 5.17 -49.16 -8.98
CA GLU B 309 5.49 -48.15 -9.99
C GLU B 309 5.67 -48.77 -11.37
N GLU B 310 6.18 -49.99 -11.43
CA GLU B 310 6.41 -50.64 -12.73
C GLU B 310 5.10 -50.83 -13.50
N GLU B 311 3.96 -50.88 -12.81
CA GLU B 311 2.68 -50.92 -13.49
C GLU B 311 2.13 -49.54 -13.78
N LEU B 312 2.37 -48.57 -12.89
CA LEU B 312 1.91 -47.21 -13.13
C LEU B 312 2.70 -46.53 -14.25
N ALA B 313 3.95 -46.95 -14.45
CA ALA B 313 4.79 -46.33 -15.48
C ALA B 313 4.24 -46.55 -16.89
N LYS B 314 3.36 -47.55 -17.08
CA LYS B 314 2.74 -47.76 -18.38
C LYS B 314 1.72 -46.68 -18.75
N ASP B 315 1.27 -45.90 -17.78
CA ASP B 315 0.36 -44.79 -18.04
C ASP B 315 1.11 -43.69 -18.78
N PRO B 316 0.63 -43.26 -19.96
CA PRO B 316 1.29 -42.12 -20.63
C PRO B 316 1.26 -40.84 -19.81
N ARG B 317 0.24 -40.65 -18.95
CA ARG B 317 0.24 -39.48 -18.07
C ARG B 317 1.39 -39.54 -17.09
N ILE B 318 1.74 -40.74 -16.63
CA ILE B 318 2.89 -40.91 -15.75
C ILE B 318 4.20 -40.70 -16.51
N ALA B 319 4.29 -41.25 -17.73
CA ALA B 319 5.48 -41.02 -18.54
C ALA B 319 5.67 -39.53 -18.82
N ALA B 320 4.58 -38.82 -19.14
CA ALA B 320 4.68 -37.39 -19.31
C ALA B 320 5.04 -36.69 -18.00
N THR B 321 4.59 -37.23 -16.86
CA THR B 321 4.98 -36.67 -15.56
C THR B 321 6.48 -36.83 -15.34
N MET B 322 7.02 -38.02 -15.63
CA MET B 322 8.44 -38.26 -15.40
C MET B 322 9.31 -37.51 -16.40
N GLU B 323 8.81 -37.28 -17.62
CA GLU B 323 9.56 -36.46 -18.58
C GLU B 323 9.71 -35.03 -18.06
N ASN B 324 8.62 -34.44 -17.57
CA ASN B 324 8.73 -33.11 -16.96
C ASN B 324 9.62 -33.13 -15.73
N ALA B 325 9.57 -34.22 -14.95
CA ALA B 325 10.41 -34.32 -13.76
C ALA B 325 11.89 -34.35 -14.10
N GLN B 326 12.26 -35.07 -15.17
CA GLN B 326 13.67 -35.15 -15.53
C GLN B 326 14.17 -33.86 -16.17
N LYS B 327 13.27 -33.04 -16.74
CA LYS B 327 13.67 -31.72 -17.21
C LYS B 327 13.70 -30.69 -16.09
N GLY B 328 13.10 -30.99 -14.95
CA GLY B 328 13.19 -30.15 -13.77
C GLY B 328 14.28 -30.60 -12.82
N GLU B 329 14.13 -30.24 -11.56
CA GLU B 329 15.12 -30.57 -10.56
C GLU B 329 14.44 -30.92 -9.25
N ILE B 330 15.01 -31.88 -8.53
CA ILE B 330 14.49 -32.24 -7.22
C ILE B 330 14.66 -31.06 -6.27
N MET B 331 13.63 -30.80 -5.48
CA MET B 331 13.69 -29.69 -4.55
C MET B 331 14.73 -29.99 -3.46
N PRO B 332 15.48 -28.98 -3.01
CA PRO B 332 16.24 -29.15 -1.77
C PRO B 332 15.29 -29.34 -0.60
N ASN B 333 15.81 -29.97 0.46
CA ASN B 333 15.04 -30.08 1.70
C ASN B 333 15.64 -29.26 2.83
N ILE B 334 16.57 -28.35 2.52
CA ILE B 334 17.27 -27.56 3.53
C ILE B 334 16.28 -26.67 4.26
N PRO B 335 16.57 -26.25 5.50
CA PRO B 335 15.61 -25.39 6.21
C PRO B 335 15.31 -24.08 5.51
N GLN B 336 16.21 -23.58 4.66
CA GLN B 336 15.99 -22.29 4.01
C GLN B 336 14.88 -22.31 2.97
N MET B 337 14.43 -23.50 2.57
CA MET B 337 13.30 -23.60 1.64
C MET B 337 12.09 -22.85 2.17
N SER B 338 11.92 -22.80 3.49
CA SER B 338 10.84 -22.04 4.10
C SER B 338 10.91 -20.58 3.71
N ALA B 339 12.08 -19.95 3.88
CA ALA B 339 12.24 -18.55 3.50
C ALA B 339 12.13 -18.34 2.00
N PHE B 340 12.72 -19.26 1.22
CA PHE B 340 12.65 -19.15 -0.23
C PHE B 340 11.20 -19.09 -0.72
N TRP B 341 10.35 -19.97 -0.19
CA TRP B 341 8.98 -20.09 -0.71
C TRP B 341 8.14 -18.88 -0.36
N TYR B 342 8.24 -18.39 0.89
CA TYR B 342 7.59 -17.13 1.24
C TYR B 342 8.00 -16.02 0.28
N ALA B 343 9.31 -15.89 0.04
CA ALA B 343 9.82 -14.76 -0.73
C ALA B 343 9.39 -14.82 -2.20
N VAL B 344 9.40 -16.01 -2.79
CA VAL B 344 9.04 -16.08 -4.21
C VAL B 344 7.52 -15.95 -4.40
N ARG B 345 6.72 -16.46 -3.46
CA ARG B 345 5.27 -16.23 -3.53
C ARG B 345 4.95 -14.74 -3.54
N THR B 346 5.59 -13.99 -2.64
CA THR B 346 5.38 -12.54 -2.60
C THR B 346 5.85 -11.88 -3.89
N ALA B 347 7.00 -12.32 -4.42
CA ALA B 347 7.53 -11.71 -5.64
C ALA B 347 6.59 -11.93 -6.83
N VAL B 348 6.12 -13.16 -7.03
CA VAL B 348 5.22 -13.43 -8.15
C VAL B 348 3.91 -12.68 -7.99
N ILE B 349 3.33 -12.71 -6.79
CA ILE B 349 2.06 -12.04 -6.53
C ILE B 349 2.18 -10.53 -6.75
N ASN B 350 3.26 -9.93 -6.23
CA ASN B 350 3.42 -8.48 -6.39
C ASN B 350 3.72 -8.12 -7.84
N ALA B 351 4.54 -8.92 -8.52
CA ALA B 351 4.84 -8.64 -9.92
C ALA B 351 3.60 -8.82 -10.80
N ALA B 352 2.83 -9.86 -10.53
CA ALA B 352 1.60 -10.10 -11.29
C ALA B 352 0.59 -8.99 -11.04
N SER B 353 0.55 -8.45 -9.84
CA SER B 353 -0.41 -7.42 -9.49
C SER B 353 0.04 -6.00 -9.86
N GLY B 354 1.27 -5.83 -10.29
CA GLY B 354 1.79 -4.50 -10.51
C GLY B 354 2.22 -3.75 -9.25
N ARG B 355 2.02 -4.35 -8.07
CA ARG B 355 2.46 -3.71 -6.84
C ARG B 355 3.96 -3.44 -6.87
N GLN B 356 4.72 -4.29 -7.54
CA GLN B 356 6.15 -4.08 -7.71
C GLN B 356 6.52 -4.39 -9.14
N THR B 357 7.59 -3.76 -9.61
CA THR B 357 8.16 -4.17 -10.88
C THR B 357 8.80 -5.54 -10.73
N VAL B 358 9.02 -6.20 -11.87
CA VAL B 358 9.66 -7.51 -11.86
C VAL B 358 11.02 -7.44 -11.17
N ASP B 359 11.81 -6.40 -11.49
CA ASP B 359 13.13 -6.25 -10.90
C ASP B 359 13.06 -5.98 -9.40
N ALA B 360 12.09 -5.16 -8.95
CA ALA B 360 11.99 -4.89 -7.52
C ALA B 360 11.42 -6.07 -6.75
N ALA B 361 10.50 -6.82 -7.35
CA ALA B 361 9.94 -7.98 -6.67
C ALA B 361 10.99 -9.07 -6.49
N LEU B 362 11.72 -9.38 -7.56
CA LEU B 362 12.72 -10.45 -7.48
C LEU B 362 13.94 -10.01 -6.67
N ALA B 363 14.30 -8.72 -6.71
CA ALA B 363 15.37 -8.24 -5.85
C ALA B 363 15.02 -8.41 -4.37
N ALA B 364 13.78 -8.12 -4.00
CA ALA B 364 13.38 -8.31 -2.61
C ALA B 364 13.40 -9.79 -2.24
N ALA B 365 12.94 -10.66 -3.15
CA ALA B 365 12.96 -12.09 -2.88
C ALA B 365 14.39 -12.61 -2.75
N GLN B 366 15.28 -12.14 -3.62
CA GLN B 366 16.68 -12.54 -3.55
C GLN B 366 17.29 -12.22 -2.18
N THR B 367 16.98 -11.03 -1.64
CA THR B 367 17.50 -10.65 -0.35
C THR B 367 16.94 -11.54 0.76
N ASN B 368 15.66 -11.87 0.70
CA ASN B 368 14.98 -12.54 1.78
C ASN B 368 14.96 -14.07 1.65
N ALA B 369 15.55 -14.62 0.58
CA ALA B 369 15.40 -16.05 0.31
C ALA B 369 16.13 -16.94 1.30
N ALA B 370 17.16 -16.44 1.97
CA ALA B 370 17.93 -17.24 2.89
C ALA B 370 17.86 -16.77 4.34
N ALA B 371 17.29 -15.59 4.59
CA ALA B 371 17.16 -15.09 5.95
C ALA B 371 16.29 -16.02 6.79
N LYS B 372 16.66 -16.18 8.06
CA LYS B 372 15.84 -16.97 8.98
C LYS B 372 14.67 -16.12 9.45
N ASN B 373 13.45 -16.62 9.21
CA ASN B 373 12.27 -15.84 9.53
C ASN B 373 11.88 -16.04 10.99
N VAL B 374 11.14 -15.07 11.51
CA VAL B 374 10.83 -15.04 12.93
C VAL B 374 9.87 -16.17 13.30
N ASP B 375 9.05 -16.64 12.36
CA ASP B 375 8.17 -17.76 12.66
C ASP B 375 8.96 -19.05 12.86
N VAL B 376 10.03 -19.24 12.10
CA VAL B 376 10.87 -20.41 12.29
C VAL B 376 11.68 -20.27 13.58
N GLU B 377 12.18 -19.08 13.85
CA GLU B 377 12.99 -18.86 15.05
C GLU B 377 12.19 -19.16 16.31
N PHE B 378 10.92 -18.75 16.35
CA PHE B 378 10.12 -18.98 17.53
C PHE B 378 9.59 -20.42 17.58
N SER B 379 9.37 -21.04 16.43
CA SER B 379 9.04 -22.47 16.42
C SER B 379 10.17 -23.27 17.06
N GLN B 380 11.42 -22.88 16.78
CA GLN B 380 12.55 -23.57 17.39
C GLN B 380 12.67 -23.25 18.87
N ALA B 381 12.48 -21.97 19.24
CA ALA B 381 12.53 -21.60 20.65
C ALA B 381 11.45 -22.33 21.46
N ILE B 382 10.23 -22.38 20.93
CA ILE B 382 9.15 -23.06 21.64
C ILE B 382 9.46 -24.54 21.77
N SER B 383 9.90 -25.16 20.67
CA SER B 383 10.15 -26.59 20.67
C SER B 383 11.35 -26.95 21.53
N TYR B 384 12.38 -26.11 21.54
CA TYR B 384 13.55 -26.37 22.37
C TYR B 384 13.23 -26.23 23.85
N VAL B 385 12.54 -25.14 24.22
CA VAL B 385 12.11 -24.97 25.61
C VAL B 385 11.27 -26.17 26.05
N ASN B 386 10.33 -26.58 25.19
CA ASN B 386 9.53 -27.76 25.49
C ASN B 386 10.40 -28.99 25.68
N LYS B 387 11.32 -29.25 24.74
CA LYS B 387 12.17 -30.42 24.85
C LYS B 387 12.97 -30.43 26.14
N ILE B 388 13.46 -29.26 26.55
CA ILE B 388 14.27 -29.18 27.76
C ILE B 388 13.40 -29.45 28.98
N LYS B 389 12.20 -28.88 29.01
CA LYS B 389 11.32 -29.04 30.15
C LYS B 389 10.86 -30.49 30.33
N THR B 390 10.64 -31.21 29.24
CA THR B 390 10.21 -32.61 29.38
C THR B 390 11.34 -33.57 29.70
N ARG B 391 12.59 -33.21 29.41
CA ARG B 391 13.70 -34.09 29.75
C ARG B 391 14.19 -33.89 31.18
N PHE B 392 13.86 -32.75 31.79
CA PHE B 392 14.37 -32.39 33.10
C PHE B 392 13.24 -31.97 34.02
N ALA B 393 12.11 -32.67 33.98
CA ALA B 393 11.03 -32.39 34.91
C ALA B 393 10.74 -33.62 35.76
N PRO B 396 15.22 -31.15 37.59
CA PRO B 396 14.03 -30.30 37.62
C PRO B 396 14.35 -28.83 37.89
N ASP B 397 15.48 -28.56 38.54
CA ASP B 397 16.03 -27.22 38.64
C ASP B 397 16.99 -26.92 37.49
N ILE B 398 17.21 -27.88 36.60
CA ILE B 398 18.10 -27.68 35.45
C ILE B 398 17.56 -26.57 34.56
N TYR B 399 16.27 -26.60 34.26
CA TYR B 399 15.68 -25.58 33.42
C TYR B 399 15.86 -24.19 34.02
N LYS B 400 15.75 -24.07 35.34
CA LYS B 400 15.95 -22.77 35.99
C LYS B 400 17.37 -22.27 35.79
N HIS B 401 18.36 -23.16 35.94
CA HIS B 401 19.74 -22.78 35.69
C HIS B 401 19.97 -22.42 34.23
N PHE B 402 19.26 -23.11 33.31
CA PHE B 402 19.38 -22.82 31.90
C PHE B 402 18.97 -21.39 31.59
N LEU B 403 17.86 -20.93 32.18
CA LEU B 403 17.41 -19.55 31.96
C LEU B 403 18.42 -18.55 32.53
N GLU B 404 19.01 -18.86 33.68
CA GLU B 404 20.02 -17.98 34.25
C GLU B 404 21.20 -17.83 33.31
N ILE B 405 21.71 -18.96 32.79
CA ILE B 405 22.85 -18.94 31.89
C ILE B 405 22.59 -18.03 30.70
N LEU B 406 21.37 -18.09 30.15
CA LEU B 406 21.02 -17.19 29.05
C LEU B 406 20.76 -15.76 29.52
N GLN B 407 20.28 -15.58 30.75
CA GLN B 407 20.07 -14.23 31.27
C GLN B 407 21.41 -13.52 31.44
N THR B 408 22.39 -14.19 32.06
CA THR B 408 23.73 -13.60 32.18
C THR B 408 24.37 -13.43 30.81
N TYR B 409 24.18 -14.41 29.91
CA TYR B 409 24.80 -14.32 28.60
C TYR B 409 24.28 -13.13 27.79
N GLN B 410 23.01 -12.75 27.98
CA GLN B 410 22.46 -11.63 27.24
C GLN B 410 23.12 -10.31 27.61
N ARG B 411 23.85 -10.26 28.74
CA ARG B 411 24.55 -9.04 29.14
C ARG B 411 26.06 -9.22 29.25
N GLU B 412 26.60 -10.34 28.78
CA GLU B 412 28.06 -10.48 28.68
C GLU B 412 28.54 -10.88 27.29
N GLN B 413 27.85 -11.82 26.63
CA GLN B 413 28.13 -12.24 25.26
C GLN B 413 29.56 -12.77 25.11
N LYS B 414 29.80 -13.93 25.74
CA LYS B 414 31.06 -14.67 25.55
C LYS B 414 30.80 -16.16 25.76
N PRO B 415 30.66 -16.94 24.67
CA PRO B 415 30.45 -18.39 24.79
C PRO B 415 31.68 -19.13 25.33
N VAL B 419 29.24 -19.54 28.07
CA VAL B 419 28.33 -20.50 27.46
C VAL B 419 29.17 -21.58 26.78
N TYR B 420 28.49 -22.62 26.27
CA TYR B 420 29.07 -23.73 25.50
C TYR B 420 29.90 -24.65 26.38
N ALA B 421 30.18 -24.20 27.60
CA ALA B 421 30.83 -24.99 28.63
C ALA B 421 29.99 -25.06 29.88
N GLN B 422 29.30 -23.97 30.21
CA GLN B 422 28.19 -24.03 31.16
C GLN B 422 27.13 -25.01 30.67
N VAL B 423 26.71 -24.87 29.41
CA VAL B 423 25.68 -25.74 28.86
C VAL B 423 26.19 -27.17 28.73
N THR B 424 27.48 -27.33 28.39
CA THR B 424 28.08 -28.66 28.39
C THR B 424 27.97 -29.29 29.77
N HIS B 425 28.37 -28.55 30.82
CA HIS B 425 28.28 -29.09 32.18
C HIS B 425 26.83 -29.23 32.62
N LEU B 426 25.98 -28.27 32.25
CA LEU B 426 24.57 -28.34 32.62
C LEU B 426 23.86 -29.52 31.98
N PHE B 427 24.17 -29.81 30.72
CA PHE B 427 23.54 -30.90 29.97
C PHE B 427 24.47 -32.10 29.81
N GLN B 428 25.24 -32.42 30.85
CA GLN B 428 26.17 -33.55 30.79
C GLN B 428 25.43 -34.88 30.63
N ASN B 429 24.25 -35.01 31.24
CA ASN B 429 23.43 -36.20 31.10
C ASN B 429 22.39 -36.08 29.99
N ALA B 430 22.51 -35.05 29.15
CA ALA B 430 21.65 -34.88 27.98
C ALA B 430 22.47 -34.29 26.84
N PRO B 431 23.38 -35.07 26.27
CA PRO B 431 24.18 -34.57 25.14
C PRO B 431 23.33 -34.22 23.92
N ASP B 432 22.12 -34.78 23.82
CA ASP B 432 21.19 -34.37 22.77
C ASP B 432 20.91 -32.88 22.83
N LEU B 433 20.64 -32.37 24.03
CA LEU B 433 20.33 -30.95 24.20
C LEU B 433 21.55 -30.08 24.03
N LEU B 434 22.75 -30.62 24.24
CA LEU B 434 23.97 -29.86 23.95
C LEU B 434 24.12 -29.65 22.44
N GLU B 435 23.93 -30.70 21.65
CA GLU B 435 23.98 -30.56 20.20
C GLU B 435 22.89 -29.60 19.71
N ASP B 436 21.71 -29.65 20.33
CA ASP B 436 20.65 -28.72 19.96
C ASP B 436 21.05 -27.28 20.25
N PHE B 437 21.73 -27.05 21.37
CA PHE B 437 22.18 -25.70 21.69
C PHE B 437 23.20 -25.21 20.69
N LYS B 438 24.19 -26.04 20.35
CA LYS B 438 25.15 -25.68 19.31
C LYS B 438 24.45 -25.45 17.98
N LYS B 439 23.39 -26.20 17.70
CA LYS B 439 22.63 -26.04 16.47
C LYS B 439 21.92 -24.69 16.44
N PHE B 440 21.16 -24.37 17.48
CA PHE B 440 20.34 -23.16 17.49
C PHE B 440 21.17 -21.90 17.76
N LEU B 441 22.37 -22.03 18.34
CA LEU B 441 23.25 -20.90 18.58
C LEU B 441 24.63 -21.25 18.05
N PRO B 442 24.81 -21.24 16.73
CA PRO B 442 26.07 -21.68 16.14
C PRO B 442 27.16 -20.62 16.28
N ASP B 443 28.40 -21.09 16.37
CA ASP B 443 29.55 -20.20 16.44
C ASP B 443 29.95 -19.75 15.04
N GLU C 4 7.65 36.32 23.63
CA GLU C 4 8.09 37.06 24.81
C GLU C 4 7.22 38.31 25.04
N GLU C 5 7.31 38.90 26.22
CA GLU C 5 6.38 39.93 26.67
C GLU C 5 6.77 41.34 26.24
N GLY C 6 7.84 41.51 25.47
CA GLY C 6 8.24 42.85 25.08
C GLY C 6 8.36 43.06 23.59
N LYS C 7 8.03 42.03 22.81
CA LYS C 7 8.21 42.05 21.37
C LYS C 7 6.92 41.65 20.67
N LEU C 8 6.85 41.94 19.37
CA LEU C 8 5.73 41.56 18.52
C LEU C 8 6.27 40.72 17.38
N VAL C 9 5.74 39.49 17.26
CA VAL C 9 6.07 38.58 16.17
C VAL C 9 4.86 38.48 15.26
N ILE C 10 5.10 38.61 13.95
CA ILE C 10 4.03 38.63 12.95
C ILE C 10 4.30 37.52 11.94
N TRP C 11 3.27 36.74 11.63
CA TRP C 11 3.33 35.72 10.59
C TRP C 11 2.42 36.13 9.44
N ILE C 12 2.97 36.11 8.23
CA ILE C 12 2.22 36.48 7.03
C ILE C 12 2.76 35.66 5.87
N ASN C 13 1.89 35.30 4.93
CA ASN C 13 2.26 34.36 3.88
C ASN C 13 3.31 34.95 2.95
N GLY C 14 4.08 34.06 2.32
CA GLY C 14 5.22 34.47 1.51
C GLY C 14 4.86 35.21 0.23
N ASP C 15 3.62 35.09 -0.25
CA ASP C 15 3.20 35.79 -1.45
C ASP C 15 2.61 37.17 -1.18
N LYS C 16 2.60 37.60 0.08
CA LYS C 16 2.18 38.94 0.46
C LYS C 16 3.39 39.82 0.73
N GLY C 17 3.15 41.13 0.79
CA GLY C 17 4.25 42.07 0.93
C GLY C 17 4.81 42.16 2.33
N TYR C 18 5.44 41.08 2.81
CA TYR C 18 5.93 41.07 4.18
C TYR C 18 7.06 42.08 4.39
N ASN C 19 7.82 42.39 3.34
CA ASN C 19 8.88 43.39 3.48
C ASN C 19 8.30 44.78 3.71
N GLY C 20 7.26 45.14 2.97
CA GLY C 20 6.57 46.39 3.24
C GLY C 20 5.95 46.42 4.63
N LEU C 21 5.39 45.29 5.07
CA LEU C 21 4.83 45.22 6.42
C LEU C 21 5.91 45.40 7.46
N ALA C 22 7.08 44.79 7.25
CA ALA C 22 8.21 44.98 8.16
C ALA C 22 8.69 46.42 8.19
N GLU C 23 8.42 47.20 7.13
CA GLU C 23 8.71 48.63 7.18
C GLU C 23 7.75 49.36 8.09
N VAL C 24 6.49 48.91 8.14
CA VAL C 24 5.56 49.45 9.15
C VAL C 24 6.02 49.05 10.55
N GLY C 25 6.48 47.80 10.70
CA GLY C 25 6.93 47.35 12.01
C GLY C 25 8.22 48.04 12.45
N LYS C 26 9.12 48.29 11.50
CA LYS C 26 10.35 49.00 11.85
C LYS C 26 10.05 50.44 12.26
N LYS C 27 9.06 51.06 11.62
CA LYS C 27 8.61 52.38 12.07
C LYS C 27 7.95 52.30 13.44
N PHE C 28 7.24 51.21 13.70
CA PHE C 28 6.66 51.01 15.03
C PHE C 28 7.75 50.90 16.08
N GLU C 29 8.85 50.21 15.76
CA GLU C 29 9.94 50.04 16.72
C GLU C 29 10.61 51.37 17.02
N LYS C 30 10.83 52.20 16.00
CA LYS C 30 11.51 53.47 16.23
C LYS C 30 10.62 54.46 16.97
N ASP C 31 9.30 54.33 16.85
CA ASP C 31 8.38 55.22 17.53
C ASP C 31 8.08 54.79 18.96
N THR C 32 8.16 53.49 19.26
CA THR C 32 7.76 52.96 20.56
C THR C 32 8.82 52.10 21.25
N GLY C 33 9.89 51.72 20.57
CA GLY C 33 10.89 50.86 21.18
C GLY C 33 10.54 49.40 21.21
N ILE C 34 9.44 48.99 20.58
CA ILE C 34 8.98 47.60 20.59
C ILE C 34 9.46 46.92 19.30
N LYS C 35 10.24 45.87 19.45
CA LYS C 35 10.75 45.13 18.30
C LYS C 35 9.62 44.42 17.58
N VAL C 36 9.59 44.54 16.25
CA VAL C 36 8.61 43.88 15.41
C VAL C 36 9.35 42.96 14.45
N THR C 37 9.05 41.66 14.52
CA THR C 37 9.68 40.66 13.65
C THR C 37 8.61 40.04 12.76
N VAL C 38 8.74 40.25 11.45
CA VAL C 38 7.83 39.68 10.46
C VAL C 38 8.54 38.47 9.85
N GLU C 39 7.90 37.31 9.93
CA GLU C 39 8.40 36.09 9.32
C GLU C 39 7.32 35.51 8.43
N HIS C 40 7.74 34.73 7.43
CA HIS C 40 6.84 34.09 6.48
C HIS C 40 7.16 32.59 6.39
N PRO C 41 6.91 31.84 7.45
CA PRO C 41 7.18 30.40 7.40
C PRO C 41 6.26 29.69 6.42
N ASP C 42 6.75 28.58 5.88
CA ASP C 42 5.92 27.79 4.98
C ASP C 42 4.82 27.08 5.75
N LYS C 43 3.65 26.97 5.13
CA LYS C 43 2.50 26.26 5.72
C LYS C 43 2.13 26.85 7.09
N LEU C 44 2.27 28.18 7.22
CA LEU C 44 2.03 28.81 8.52
C LEU C 44 0.59 28.64 8.98
N GLU C 45 -0.36 28.57 8.05
CA GLU C 45 -1.75 28.34 8.45
C GLU C 45 -1.94 26.97 9.09
N GLU C 46 -1.07 26.02 8.79
CA GLU C 46 -1.03 24.74 9.51
C GLU C 46 -0.10 24.81 10.72
N LYS C 47 0.97 25.58 10.62
CA LYS C 47 1.88 25.73 11.76
C LYS C 47 1.19 26.38 12.95
N PHE C 48 0.35 27.39 12.68
CA PHE C 48 -0.24 28.16 13.77
C PHE C 48 -1.04 27.32 14.76
N PRO C 49 -1.98 26.45 14.34
CA PRO C 49 -2.67 25.63 15.35
C PRO C 49 -1.71 24.75 16.13
N GLN C 50 -0.72 24.17 15.47
CA GLN C 50 0.28 23.36 16.16
C GLN C 50 0.98 24.16 17.25
N VAL C 51 1.42 25.37 16.92
CA VAL C 51 2.23 26.14 17.85
C VAL C 51 1.36 26.91 18.86
N ALA C 52 0.17 27.34 18.47
CA ALA C 52 -0.64 28.18 19.35
C ALA C 52 -1.30 27.39 20.48
N ALA C 53 -1.52 26.08 20.29
CA ALA C 53 -2.10 25.28 21.36
C ALA C 53 -1.21 25.24 22.59
N THR C 54 0.11 25.28 22.39
CA THR C 54 1.06 25.32 23.49
C THR C 54 1.18 26.72 24.09
N GLY C 55 0.71 27.74 23.38
CA GLY C 55 0.88 29.12 23.79
C GLY C 55 1.91 29.89 22.99
N ASP C 56 2.45 29.30 21.94
CA ASP C 56 3.48 29.90 21.11
C ASP C 56 2.87 30.45 19.83
N GLY C 57 3.72 30.83 18.89
CA GLY C 57 3.28 31.36 17.63
C GLY C 57 3.45 32.87 17.61
N PRO C 58 3.08 33.49 16.51
CA PRO C 58 3.18 34.95 16.42
C PRO C 58 2.18 35.62 17.33
N ASP C 59 2.47 36.87 17.67
CA ASP C 59 1.46 37.70 18.31
C ASP C 59 0.33 38.01 17.34
N ILE C 60 0.63 38.12 16.05
CA ILE C 60 -0.34 38.42 15.01
C ILE C 60 -0.14 37.39 13.89
N ILE C 61 -1.23 36.79 13.43
CA ILE C 61 -1.17 35.89 12.29
C ILE C 61 -2.02 36.45 11.16
N PHE C 62 -1.46 36.45 9.96
CA PHE C 62 -2.12 36.94 8.76
C PHE C 62 -2.53 35.76 7.89
N TRP C 63 -3.76 35.80 7.40
CA TRP C 63 -4.28 34.83 6.45
C TRP C 63 -5.63 35.35 5.96
N ALA C 64 -6.12 34.75 4.88
CA ALA C 64 -7.49 35.00 4.47
C ALA C 64 -8.45 34.54 5.57
N HIS C 65 -9.63 35.14 5.60
CA HIS C 65 -10.53 34.98 6.75
C HIS C 65 -11.10 33.56 6.87
N ASP C 66 -11.01 32.74 5.82
CA ASP C 66 -11.63 31.43 5.86
C ASP C 66 -11.01 30.51 6.90
N ARG C 67 -9.78 30.78 7.33
CA ARG C 67 -9.10 29.94 8.29
C ARG C 67 -9.41 30.32 9.74
N PHE C 68 -10.00 31.49 9.99
CA PHE C 68 -10.00 32.04 11.34
C PHE C 68 -11.09 31.43 12.22
N GLY C 69 -12.18 30.94 11.63
CA GLY C 69 -13.21 30.31 12.45
C GLY C 69 -12.74 29.03 13.09
N GLY C 70 -11.92 28.26 12.37
CA GLY C 70 -11.29 27.10 12.98
C GLY C 70 -10.34 27.49 14.12
N TYR C 71 -9.56 28.55 13.90
CA TYR C 71 -8.70 29.06 14.97
C TYR C 71 -9.54 29.49 16.17
N ALA C 72 -10.59 30.28 15.92
CA ALA C 72 -11.41 30.80 17.01
C ALA C 72 -12.13 29.69 17.75
N GLN C 73 -12.62 28.69 17.02
CA GLN C 73 -13.33 27.58 17.65
C GLN C 73 -12.41 26.81 18.59
N SER C 74 -11.12 26.76 18.28
CA SER C 74 -10.14 26.04 19.08
C SER C 74 -9.49 26.92 20.16
N GLY C 75 -9.97 28.14 20.34
CA GLY C 75 -9.45 28.99 21.39
C GLY C 75 -8.07 29.56 21.16
N LEU C 76 -7.66 29.73 19.90
CA LEU C 76 -6.34 30.26 19.59
C LEU C 76 -6.32 31.76 19.35
N LEU C 77 -7.48 32.41 19.24
CA LEU C 77 -7.54 33.83 18.92
C LEU C 77 -8.20 34.61 20.05
N ALA C 78 -7.74 35.84 20.24
CA ALA C 78 -8.34 36.76 21.18
C ALA C 78 -9.42 37.58 20.48
N GLU C 79 -10.52 37.83 21.19
CA GLU C 79 -11.58 38.65 20.64
C GLU C 79 -11.12 40.10 20.58
N ILE C 80 -11.05 40.66 19.38
CA ILE C 80 -10.62 42.05 19.24
C ILE C 80 -11.77 42.97 19.60
N THR C 81 -11.44 44.10 20.21
CA THR C 81 -12.42 45.09 20.67
C THR C 81 -12.04 46.45 20.11
N PRO C 82 -12.26 46.68 18.81
CA PRO C 82 -12.03 48.02 18.26
C PRO C 82 -13.14 48.97 18.66
N ALA C 83 -12.75 50.18 19.04
CA ALA C 83 -13.73 51.21 19.36
C ALA C 83 -14.61 51.48 18.15
N ALA C 84 -15.81 52.01 18.42
CA ALA C 84 -16.76 52.29 17.35
C ALA C 84 -16.13 53.15 16.26
N ALA C 85 -15.50 54.25 16.67
CA ALA C 85 -14.93 55.19 15.69
C ALA C 85 -13.98 54.50 14.72
N PHE C 86 -13.21 53.52 15.21
CA PHE C 86 -12.34 52.77 14.31
C PHE C 86 -13.13 51.79 13.45
N GLN C 87 -14.25 51.28 13.95
CA GLN C 87 -15.03 50.30 13.19
C GLN C 87 -15.63 50.92 11.93
N ASP C 88 -15.99 52.20 11.97
CA ASP C 88 -16.49 52.90 10.78
C ASP C 88 -15.38 53.28 9.81
N LYS C 89 -14.12 53.07 10.18
CA LYS C 89 -13.02 53.29 9.24
C LYS C 89 -12.95 52.21 8.17
N LEU C 90 -13.52 51.04 8.42
CA LEU C 90 -13.45 49.91 7.51
C LEU C 90 -14.83 49.59 6.98
N TYR C 91 -14.85 49.04 5.76
CA TYR C 91 -16.12 48.72 5.12
C TYR C 91 -16.88 47.66 5.93
N PRO C 92 -18.19 47.81 6.11
CA PRO C 92 -18.93 46.85 6.94
C PRO C 92 -18.83 45.41 6.47
N PHE C 93 -18.78 45.18 5.16
CA PHE C 93 -18.73 43.79 4.69
C PHE C 93 -17.40 43.12 4.99
N THR C 94 -16.36 43.89 5.30
CA THR C 94 -15.09 43.26 5.68
C THR C 94 -15.07 42.86 7.16
N TRP C 95 -15.78 43.59 8.01
CA TRP C 95 -15.98 43.13 9.39
C TRP C 95 -16.81 41.86 9.42
N ASP C 96 -17.82 41.76 8.54
CA ASP C 96 -18.64 40.56 8.48
C ASP C 96 -17.79 39.32 8.23
N ALA C 97 -16.72 39.46 7.44
CA ALA C 97 -15.89 38.30 7.10
C ALA C 97 -15.16 37.75 8.33
N VAL C 98 -14.89 38.59 9.32
CA VAL C 98 -14.10 38.20 10.48
C VAL C 98 -14.96 38.12 11.74
N ARG C 99 -16.28 38.05 11.59
CA ARG C 99 -17.17 37.82 12.71
C ARG C 99 -17.46 36.32 12.81
N TYR C 100 -17.30 35.76 14.01
CA TYR C 100 -17.53 34.34 14.25
C TYR C 100 -18.35 34.19 15.52
N ASN C 101 -19.52 33.55 15.40
CA ASN C 101 -20.45 33.36 16.51
C ASN C 101 -20.67 34.65 17.30
N GLY C 102 -20.82 35.74 16.57
CA GLY C 102 -21.17 37.03 17.15
C GLY C 102 -20.01 37.88 17.62
N LYS C 103 -18.78 37.40 17.50
CA LYS C 103 -17.61 38.12 17.99
C LYS C 103 -16.62 38.36 16.87
N LEU C 104 -15.99 39.54 16.89
CA LEU C 104 -14.93 39.85 15.93
C LEU C 104 -13.64 39.17 16.34
N ILE C 105 -13.08 38.36 15.44
CA ILE C 105 -11.94 37.50 15.77
C ILE C 105 -10.67 37.91 15.05
N ALA C 106 -10.70 38.95 14.24
CA ALA C 106 -9.54 39.40 13.49
C ALA C 106 -9.83 40.79 12.93
N TYR C 107 -8.75 41.46 12.52
CA TYR C 107 -8.83 42.74 11.83
C TYR C 107 -8.78 42.50 10.32
N PRO C 108 -9.76 43.00 9.55
CA PRO C 108 -9.69 42.83 8.10
C PRO C 108 -8.72 43.84 7.48
N ILE C 109 -8.02 43.40 6.43
CA ILE C 109 -6.98 44.19 5.80
C ILE C 109 -7.33 44.53 4.35
N ALA C 110 -7.63 43.51 3.54
CA ALA C 110 -7.89 43.76 2.13
C ALA C 110 -8.69 42.63 1.52
N VAL C 111 -9.51 42.99 0.53
CA VAL C 111 -10.36 42.05 -0.19
C VAL C 111 -9.59 41.54 -1.41
N GLU C 112 -9.53 40.22 -1.56
CA GLU C 112 -8.81 39.57 -2.64
C GLU C 112 -9.76 38.78 -3.52
N ALA C 113 -9.54 38.84 -4.83
CA ALA C 113 -10.31 38.06 -5.77
C ALA C 113 -9.47 37.80 -7.02
N LEU C 114 -9.56 36.58 -7.55
CA LEU C 114 -8.84 36.27 -8.77
C LEU C 114 -9.44 37.04 -9.95
N SER C 115 -8.57 37.39 -10.90
CA SER C 115 -8.98 37.93 -12.18
C SER C 115 -8.24 37.22 -13.29
N LEU C 116 -8.71 37.41 -14.52
CA LEU C 116 -7.98 36.97 -15.70
C LEU C 116 -6.93 38.02 -16.04
N ILE C 117 -5.67 37.62 -16.03
CA ILE C 117 -4.56 38.47 -16.44
C ILE C 117 -4.11 38.02 -17.82
N TYR C 118 -3.98 38.96 -18.75
CA TYR C 118 -3.67 38.61 -20.13
C TYR C 118 -2.62 39.56 -20.70
N ASN C 119 -1.87 39.05 -21.68
CA ASN C 119 -0.82 39.79 -22.37
C ASN C 119 -1.43 40.54 -23.54
N LYS C 120 -1.42 41.87 -23.45
CA LYS C 120 -2.07 42.68 -24.48
C LYS C 120 -1.36 42.60 -25.82
N ASP C 121 -0.05 42.30 -25.81
CA ASP C 121 0.68 42.22 -27.07
C ASP C 121 0.45 40.89 -27.79
N LEU C 122 0.26 39.81 -27.05
CA LEU C 122 -0.11 38.53 -27.65
C LEU C 122 -1.61 38.38 -27.84
N LEU C 123 -2.41 39.08 -27.04
CA LEU C 123 -3.86 38.87 -27.00
C LEU C 123 -4.55 40.19 -26.74
N PRO C 124 -4.68 41.05 -27.75
CA PRO C 124 -5.29 42.37 -27.53
C PRO C 124 -6.73 42.29 -27.06
N ASN C 125 -7.46 41.24 -27.44
CA ASN C 125 -8.83 41.03 -26.99
C ASN C 125 -8.92 39.69 -26.28
N PRO C 126 -9.04 39.67 -24.95
CA PRO C 126 -9.07 38.39 -24.24
C PRO C 126 -10.41 37.69 -24.45
N PRO C 127 -10.43 36.37 -24.38
CA PRO C 127 -11.70 35.64 -24.57
C PRO C 127 -12.66 35.86 -23.41
N LYS C 128 -13.94 36.00 -23.74
CA LYS C 128 -14.98 36.15 -22.73
C LYS C 128 -15.52 34.82 -22.23
N THR C 129 -15.25 33.71 -22.93
CA THR C 129 -15.73 32.40 -22.51
C THR C 129 -14.56 31.44 -22.34
N TRP C 130 -14.73 30.51 -21.41
CA TRP C 130 -13.80 29.38 -21.32
C TRP C 130 -13.87 28.52 -22.58
N GLU C 131 -15.02 28.49 -23.24
CA GLU C 131 -15.25 27.56 -24.34
C GLU C 131 -14.36 27.87 -25.54
N GLU C 132 -14.04 29.15 -25.79
CA GLU C 132 -13.24 29.51 -26.94
C GLU C 132 -11.74 29.46 -26.67
N ILE C 133 -11.33 29.00 -25.49
CA ILE C 133 -9.91 28.94 -25.12
C ILE C 133 -9.20 27.79 -25.83
N PRO C 134 -9.80 26.61 -26.00
CA PRO C 134 -9.12 25.58 -26.82
C PRO C 134 -8.76 26.04 -28.22
N ALA C 135 -9.71 26.65 -28.94
CA ALA C 135 -9.43 27.12 -30.29
C ALA C 135 -8.37 28.22 -30.28
N LEU C 136 -8.38 29.08 -29.27
CA LEU C 136 -7.35 30.10 -29.16
C LEU C 136 -5.98 29.47 -28.91
N ASP C 137 -5.93 28.45 -28.07
CA ASP C 137 -4.66 27.79 -27.79
C ASP C 137 -4.07 27.13 -29.03
N LYS C 138 -4.93 26.63 -29.93
CA LYS C 138 -4.43 25.99 -31.15
C LYS C 138 -3.66 26.99 -32.01
N GLU C 139 -4.28 28.13 -32.33
CA GLU C 139 -3.60 29.10 -33.18
C GLU C 139 -2.38 29.70 -32.49
N LEU C 140 -2.44 29.88 -31.16
CA LEU C 140 -1.28 30.44 -30.47
C LEU C 140 -0.11 29.46 -30.43
N LYS C 141 -0.39 28.16 -30.35
CA LYS C 141 0.69 27.18 -30.36
C LYS C 141 1.38 27.13 -31.71
N ALA C 142 0.69 27.51 -32.79
CA ALA C 142 1.32 27.63 -34.09
C ALA C 142 2.31 28.79 -34.14
N LYS C 143 2.21 29.74 -33.22
CA LYS C 143 3.19 30.81 -33.09
C LYS C 143 4.19 30.56 -31.98
N GLY C 144 4.19 29.35 -31.41
CA GLY C 144 5.11 29.04 -30.33
C GLY C 144 4.68 29.51 -28.96
N LYS C 145 3.40 29.82 -28.77
CA LYS C 145 2.89 30.32 -27.50
C LYS C 145 1.80 29.38 -26.98
N SER C 146 1.21 29.74 -25.84
CA SER C 146 0.05 29.02 -25.33
C SER C 146 -0.99 30.02 -24.84
N ALA C 147 -2.22 29.54 -24.72
CA ALA C 147 -3.33 30.41 -24.37
C ALA C 147 -3.33 30.77 -22.89
N LEU C 148 -3.24 29.77 -22.01
CA LEU C 148 -3.52 29.99 -20.59
C LEU C 148 -2.69 29.05 -19.73
N MET C 149 -2.12 29.60 -18.66
CA MET C 149 -1.44 28.81 -17.63
C MET C 149 -1.73 29.42 -16.28
N PHE C 150 -2.19 28.60 -15.33
CA PHE C 150 -2.40 29.06 -13.96
C PHE C 150 -2.22 27.87 -13.02
N ASN C 151 -2.10 28.18 -11.72
CA ASN C 151 -1.83 27.19 -10.70
C ASN C 151 -2.94 26.14 -10.63
N LEU C 152 -2.64 24.90 -11.02
CA LEU C 152 -3.59 23.81 -10.93
C LEU C 152 -3.40 22.97 -9.68
N GLN C 153 -2.44 23.31 -8.83
CA GLN C 153 -2.18 22.56 -7.61
C GLN C 153 -2.98 23.05 -6.41
N GLU C 154 -3.59 24.23 -6.49
CA GLU C 154 -4.35 24.80 -5.38
C GLU C 154 -5.79 25.01 -5.81
N PRO C 155 -6.76 24.42 -5.11
CA PRO C 155 -8.16 24.48 -5.59
C PRO C 155 -8.74 25.88 -5.59
N TYR C 156 -8.14 26.82 -4.85
CA TYR C 156 -8.50 28.22 -4.96
C TYR C 156 -8.55 28.69 -6.40
N PHE C 157 -7.60 28.26 -7.23
CA PHE C 157 -7.49 28.76 -8.60
C PHE C 157 -8.46 28.08 -9.56
N THR C 158 -8.79 26.82 -9.33
CA THR C 158 -9.72 26.13 -10.22
C THR C 158 -11.16 26.22 -9.77
N TRP C 159 -11.40 26.55 -8.50
CA TRP C 159 -12.76 26.67 -7.99
C TRP C 159 -13.66 27.63 -8.78
N PRO C 160 -13.19 28.78 -9.28
CA PRO C 160 -14.11 29.66 -10.03
C PRO C 160 -14.79 28.98 -11.21
N LEU C 161 -14.10 28.08 -11.89
CA LEU C 161 -14.72 27.31 -12.96
C LEU C 161 -15.67 26.25 -12.40
N ILE C 162 -15.27 25.59 -11.31
CA ILE C 162 -16.08 24.53 -10.74
C ILE C 162 -17.43 25.06 -10.27
N ALA C 163 -17.44 26.27 -9.73
CA ALA C 163 -18.65 26.85 -9.16
C ALA C 163 -19.51 27.60 -10.18
N ALA C 164 -18.96 27.91 -11.36
CA ALA C 164 -19.67 28.76 -12.31
C ALA C 164 -21.04 28.22 -12.66
N ASP C 165 -21.16 26.91 -12.88
CA ASP C 165 -22.41 26.30 -13.30
C ASP C 165 -23.22 25.70 -12.15
N GLY C 166 -22.78 25.88 -10.91
CA GLY C 166 -23.61 25.46 -9.79
C GLY C 166 -22.92 24.78 -8.63
N GLY C 167 -21.60 24.60 -8.71
CA GLY C 167 -20.87 24.07 -7.57
C GLY C 167 -20.84 25.05 -6.42
N TYR C 168 -20.82 24.52 -5.21
CA TYR C 168 -20.71 25.35 -4.00
C TYR C 168 -20.11 24.51 -2.89
N ALA C 169 -19.62 25.20 -1.86
CA ALA C 169 -19.01 24.50 -0.72
C ALA C 169 -20.07 23.99 0.25
N PHE C 170 -20.79 24.91 0.91
CA PHE C 170 -21.84 24.58 1.84
C PHE C 170 -23.05 25.45 1.55
N LYS C 171 -24.24 24.85 1.58
CA LYS C 171 -25.45 25.61 1.30
C LYS C 171 -25.66 26.69 2.37
N TYR C 172 -25.90 27.91 1.91
CA TYR C 172 -26.11 29.07 2.78
C TYR C 172 -27.61 29.28 2.91
N ALA C 173 -28.17 28.92 4.06
CA ALA C 173 -29.59 29.08 4.32
C ALA C 173 -29.78 30.36 5.12
N ALA C 174 -29.58 31.48 4.44
CA ALA C 174 -29.87 32.82 4.96
C ALA C 174 -29.32 32.99 6.38
N GLY C 175 -28.00 32.94 6.48
CA GLY C 175 -27.29 33.33 7.70
C GLY C 175 -26.39 32.26 8.30
N LYS C 176 -26.66 30.99 8.04
CA LYS C 176 -25.82 29.91 8.53
C LYS C 176 -25.51 28.94 7.38
N TYR C 177 -24.32 28.35 7.45
CA TYR C 177 -23.91 27.36 6.48
C TYR C 177 -24.24 25.97 7.01
N ASP C 178 -24.91 25.18 6.18
CA ASP C 178 -25.23 23.79 6.51
C ASP C 178 -24.07 22.93 6.05
N ILE C 179 -23.30 22.42 7.02
CA ILE C 179 -22.13 21.60 6.71
C ILE C 179 -22.49 20.17 6.32
N LYS C 180 -23.77 19.83 6.30
CA LYS C 180 -24.23 18.55 5.78
C LYS C 180 -24.76 18.67 4.36
N ASP C 181 -24.81 19.87 3.81
CA ASP C 181 -25.25 20.11 2.44
C ASP C 181 -24.05 20.64 1.65
N VAL C 182 -23.28 19.73 1.06
CA VAL C 182 -22.10 20.07 0.27
C VAL C 182 -22.47 19.99 -1.20
N GLY C 183 -21.93 20.90 -2.00
CA GLY C 183 -22.28 20.98 -3.41
C GLY C 183 -21.11 20.82 -4.36
N VAL C 184 -20.18 19.91 -4.06
CA VAL C 184 -18.99 19.75 -4.89
C VAL C 184 -19.11 18.58 -5.87
N ASP C 185 -20.18 17.80 -5.80
CA ASP C 185 -20.40 16.70 -6.75
C ASP C 185 -21.72 16.85 -7.50
N ASN C 186 -22.31 18.04 -7.52
CA ASN C 186 -23.53 18.24 -8.28
C ASN C 186 -23.21 18.44 -9.76
N ALA C 187 -24.26 18.60 -10.57
CA ALA C 187 -24.09 18.65 -12.01
C ALA C 187 -23.24 19.84 -12.44
N GLY C 188 -23.35 20.97 -11.72
CA GLY C 188 -22.54 22.13 -12.07
C GLY C 188 -21.07 21.90 -11.80
N ALA C 189 -20.73 21.41 -10.60
CA ALA C 189 -19.34 21.14 -10.27
C ALA C 189 -18.72 20.14 -11.23
N LYS C 190 -19.46 19.08 -11.55
CA LYS C 190 -18.97 18.10 -12.51
C LYS C 190 -18.69 18.76 -13.86
N ALA C 191 -19.65 19.54 -14.36
CA ALA C 191 -19.49 20.16 -15.67
C ALA C 191 -18.23 21.02 -15.72
N GLY C 192 -17.98 21.80 -14.66
CA GLY C 192 -16.82 22.69 -14.66
C GLY C 192 -15.50 21.94 -14.57
N LEU C 193 -15.45 20.90 -13.74
CA LEU C 193 -14.18 20.17 -13.60
C LEU C 193 -13.84 19.35 -14.84
N THR C 194 -14.85 18.83 -15.55
CA THR C 194 -14.53 18.05 -16.74
C THR C 194 -14.00 18.95 -17.85
N PHE C 195 -14.56 20.14 -18.01
CA PHE C 195 -13.98 21.09 -18.96
C PHE C 195 -12.53 21.38 -18.62
N LEU C 196 -12.24 21.56 -17.32
CA LEU C 196 -10.86 21.67 -16.87
C LEU C 196 -10.06 20.44 -17.29
N VAL C 197 -10.58 19.24 -16.99
CA VAL C 197 -9.83 18.04 -17.29
C VAL C 197 -9.68 17.84 -18.79
N ASP C 198 -10.70 18.25 -19.57
CA ASP C 198 -10.60 18.18 -21.02
C ASP C 198 -9.48 19.06 -21.54
N LEU C 199 -9.36 20.28 -20.99
CA LEU C 199 -8.27 21.18 -21.36
C LEU C 199 -6.92 20.49 -21.21
N ILE C 200 -6.78 19.64 -20.18
CA ILE C 200 -5.52 18.95 -19.94
C ILE C 200 -5.34 17.79 -20.89
N LYS C 201 -6.43 17.04 -21.18
CA LYS C 201 -6.33 15.91 -22.08
C LYS C 201 -6.10 16.35 -23.52
N ASN C 202 -6.66 17.50 -23.91
CA ASN C 202 -6.41 18.07 -25.22
C ASN C 202 -5.13 18.90 -25.27
N LYS C 203 -4.30 18.79 -24.24
CA LYS C 203 -2.95 19.35 -24.18
C LYS C 203 -2.91 20.88 -24.20
N HIS C 204 -4.04 21.54 -23.93
CA HIS C 204 -4.03 22.98 -23.74
C HIS C 204 -3.43 23.39 -22.39
N MET C 205 -3.38 22.48 -21.43
CA MET C 205 -2.77 22.74 -20.13
C MET C 205 -2.14 21.44 -19.63
N ASN C 206 -1.41 21.53 -18.53
CA ASN C 206 -0.82 20.37 -17.88
C ASN C 206 -1.13 20.40 -16.39
N ALA C 207 -1.36 19.21 -15.83
CA ALA C 207 -1.80 19.09 -14.44
C ALA C 207 -0.69 19.38 -13.44
N ASP C 208 0.57 19.31 -13.85
CA ASP C 208 1.69 19.59 -12.95
C ASP C 208 2.02 21.08 -12.87
N THR C 209 1.35 21.92 -13.65
CA THR C 209 1.59 23.36 -13.59
C THR C 209 1.21 23.90 -12.22
N ASP C 210 2.14 24.57 -11.56
CA ASP C 210 1.93 25.12 -10.23
C ASP C 210 2.05 26.65 -10.29
N TYR C 211 2.11 27.28 -9.11
CA TYR C 211 2.15 28.74 -9.05
C TYR C 211 3.36 29.29 -9.78
N SER C 212 4.55 28.77 -9.47
CA SER C 212 5.78 29.37 -10.01
C SER C 212 5.97 29.04 -11.48
N ILE C 213 5.58 27.82 -11.91
CA ILE C 213 5.65 27.49 -13.33
C ILE C 213 4.76 28.42 -14.14
N ALA C 214 3.55 28.67 -13.65
CA ALA C 214 2.62 29.51 -14.40
C ALA C 214 3.04 30.97 -14.38
N GLU C 215 3.59 31.44 -13.25
CA GLU C 215 3.99 32.84 -13.14
C GLU C 215 5.17 33.14 -14.07
N ALA C 216 6.22 32.31 -14.02
CA ALA C 216 7.36 32.50 -14.91
C ALA C 216 6.94 32.46 -16.37
N ALA C 217 6.04 31.53 -16.71
CA ALA C 217 5.62 31.41 -18.11
C ALA C 217 4.93 32.68 -18.59
N PHE C 218 4.06 33.27 -17.77
CA PHE C 218 3.39 34.50 -18.18
C PHE C 218 4.33 35.69 -18.13
N ASN C 219 5.17 35.77 -17.10
CA ASN C 219 6.08 36.90 -16.95
C ASN C 219 7.20 36.89 -17.99
N LYS C 220 7.40 35.77 -18.70
CA LYS C 220 8.38 35.68 -19.79
C LYS C 220 7.74 35.82 -21.16
N GLY C 221 6.43 36.02 -21.23
CA GLY C 221 5.75 36.16 -22.51
C GLY C 221 5.48 34.85 -23.23
N GLU C 222 5.52 33.72 -22.54
CA GLU C 222 5.37 32.43 -23.19
C GLU C 222 3.91 31.98 -23.32
N THR C 223 3.03 32.42 -22.43
CA THR C 223 1.61 32.13 -22.56
C THR C 223 0.82 33.43 -22.45
N ALA C 224 -0.33 33.47 -23.13
CA ALA C 224 -1.06 34.72 -23.31
C ALA C 224 -1.91 35.12 -22.10
N MET C 225 -2.22 34.19 -21.21
CA MET C 225 -3.11 34.49 -20.09
C MET C 225 -2.70 33.69 -18.86
N THR C 226 -3.01 34.26 -17.69
CA THR C 226 -2.92 33.55 -16.42
C THR C 226 -4.10 33.97 -15.56
N ILE C 227 -4.26 33.29 -14.42
CA ILE C 227 -5.29 33.59 -13.44
C ILE C 227 -4.59 33.76 -12.10
N ASN C 228 -4.78 34.91 -11.45
CA ASN C 228 -4.02 35.21 -10.24
C ASN C 228 -4.65 36.40 -9.53
N GLY C 229 -4.19 36.65 -8.31
CA GLY C 229 -4.69 37.72 -7.48
C GLY C 229 -3.81 38.96 -7.55
N PRO C 230 -4.19 40.01 -6.81
CA PRO C 230 -3.44 41.27 -6.89
C PRO C 230 -1.99 41.15 -6.46
N TRP C 231 -1.67 40.21 -5.56
CA TRP C 231 -0.30 40.07 -5.08
C TRP C 231 0.68 39.80 -6.22
N ALA C 232 0.21 39.20 -7.32
CA ALA C 232 1.09 38.83 -8.42
C ALA C 232 1.43 39.99 -9.35
N TRP C 233 0.75 41.13 -9.22
CA TRP C 233 0.98 42.23 -10.17
C TRP C 233 2.41 42.77 -10.10
N SER C 234 3.05 42.67 -8.93
CA SER C 234 4.35 43.30 -8.74
C SER C 234 5.42 42.68 -9.63
N ASN C 235 5.43 41.35 -9.72
CA ASN C 235 6.43 40.67 -10.54
C ASN C 235 6.13 40.80 -12.03
N ILE C 236 4.87 41.04 -12.40
CA ILE C 236 4.57 41.33 -13.79
C ILE C 236 5.02 42.75 -14.15
N ASP C 237 5.03 43.66 -13.18
CA ASP C 237 5.48 45.02 -13.45
C ASP C 237 6.96 45.05 -13.79
N THR C 238 7.78 44.29 -13.06
CA THR C 238 9.20 44.20 -13.35
C THR C 238 9.48 43.47 -14.65
N SER C 239 8.53 42.69 -15.16
CA SER C 239 8.76 41.88 -16.35
C SER C 239 8.66 42.67 -17.64
N ALA C 240 8.09 43.88 -17.60
CA ALA C 240 7.85 44.72 -18.78
C ALA C 240 6.90 44.05 -19.79
N VAL C 241 6.14 43.06 -19.35
CA VAL C 241 5.06 42.51 -20.17
C VAL C 241 3.87 43.47 -20.11
N ASN C 242 3.30 43.78 -21.27
CA ASN C 242 2.15 44.67 -21.34
C ASN C 242 0.90 43.86 -21.01
N TYR C 243 0.42 43.96 -19.77
CA TYR C 243 -0.62 43.10 -19.27
C TYR C 243 -1.87 43.90 -18.90
N GLY C 244 -3.01 43.24 -18.97
CA GLY C 244 -4.26 43.78 -18.48
C GLY C 244 -4.90 42.85 -17.46
N VAL C 245 -5.80 43.41 -16.63
CA VAL C 245 -6.51 42.65 -15.61
C VAL C 245 -8.00 42.80 -15.88
N THR C 246 -8.68 41.70 -16.13
CA THR C 246 -10.05 41.74 -16.62
C THR C 246 -10.87 40.64 -15.96
N VAL C 247 -12.18 40.63 -16.25
CA VAL C 247 -13.09 39.66 -15.65
C VAL C 247 -12.77 38.26 -16.17
N LEU C 248 -12.92 37.26 -15.29
CA LEU C 248 -12.69 35.88 -15.67
C LEU C 248 -13.65 35.45 -16.78
N PRO C 249 -13.28 34.47 -17.58
CA PRO C 249 -14.20 34.00 -18.64
C PRO C 249 -15.42 33.33 -18.03
N THR C 250 -16.54 33.48 -18.73
CA THR C 250 -17.75 32.78 -18.34
C THR C 250 -17.66 31.31 -18.74
N PHE C 251 -18.49 30.49 -18.10
CA PHE C 251 -18.59 29.07 -18.42
C PHE C 251 -20.07 28.70 -18.50
N LYS C 252 -20.46 28.03 -19.59
CA LYS C 252 -21.86 27.72 -19.89
C LYS C 252 -22.73 28.97 -19.75
N GLY C 253 -22.20 30.11 -20.20
CA GLY C 253 -22.93 31.36 -20.16
C GLY C 253 -23.03 32.02 -18.80
N GLN C 254 -22.38 31.46 -17.79
CA GLN C 254 -22.47 31.99 -16.43
C GLN C 254 -21.11 32.47 -15.96
N PRO C 255 -21.08 33.49 -15.09
CA PRO C 255 -19.78 34.03 -14.65
C PRO C 255 -19.00 33.01 -13.83
N SER C 256 -17.68 33.10 -13.94
CA SER C 256 -16.81 32.38 -13.02
C SER C 256 -16.99 32.94 -11.62
N LYS C 257 -17.07 32.05 -10.63
CA LYS C 257 -17.38 32.48 -9.28
C LYS C 257 -16.21 32.23 -8.34
N PRO C 258 -15.24 33.14 -8.27
CA PRO C 258 -14.12 32.94 -7.36
C PRO C 258 -14.55 33.08 -5.91
N PHE C 259 -13.93 32.26 -5.05
CA PHE C 259 -14.06 32.46 -3.61
C PHE C 259 -13.30 33.70 -3.21
N VAL C 260 -13.99 34.65 -2.59
CA VAL C 260 -13.43 35.95 -2.24
C VAL C 260 -12.83 35.87 -0.84
N GLY C 261 -11.55 36.19 -0.73
CA GLY C 261 -10.84 36.17 0.54
C GLY C 261 -10.55 37.57 1.04
N VAL C 262 -10.75 37.77 2.34
CA VAL C 262 -10.36 38.99 3.02
C VAL C 262 -9.13 38.67 3.85
N LEU C 263 -7.98 39.18 3.44
CA LEU C 263 -6.78 39.05 4.26
C LEU C 263 -7.02 39.69 5.62
N SER C 264 -6.74 38.93 6.68
CA SER C 264 -7.11 39.35 8.03
C SER C 264 -5.95 39.08 8.99
N ALA C 265 -5.97 39.81 10.09
CA ALA C 265 -4.91 39.73 11.10
C ALA C 265 -5.55 39.46 12.45
N GLY C 266 -5.29 38.27 12.99
CA GLY C 266 -5.79 37.89 14.30
C GLY C 266 -4.69 37.93 15.35
N ILE C 267 -5.12 38.08 16.61
CA ILE C 267 -4.21 38.16 17.74
C ILE C 267 -4.17 36.82 18.44
N ASN C 268 -2.97 36.33 18.72
CA ASN C 268 -2.81 35.08 19.45
C ASN C 268 -3.42 35.18 20.84
N ALA C 269 -4.24 34.19 21.21
CA ALA C 269 -4.95 34.24 22.49
C ALA C 269 -3.99 34.23 23.67
N ALA C 270 -2.84 33.58 23.54
CA ALA C 270 -1.87 33.46 24.62
C ALA C 270 -0.82 34.56 24.62
N SER C 271 -0.89 35.50 23.68
CA SER C 271 0.13 36.54 23.60
C SER C 271 -0.02 37.51 24.77
N PRO C 272 1.09 37.89 25.42
CA PRO C 272 1.02 38.91 26.46
C PRO C 272 1.07 40.34 25.93
N ASN C 273 1.19 40.51 24.62
CA ASN C 273 1.31 41.82 23.99
C ASN C 273 0.06 42.20 23.20
N LYS C 274 -1.11 41.79 23.68
CA LYS C 274 -2.35 42.06 22.95
C LYS C 274 -2.55 43.54 22.71
N GLU C 275 -2.36 44.36 23.75
CA GLU C 275 -2.56 45.80 23.61
C GLU C 275 -1.61 46.38 22.56
N LEU C 276 -0.36 45.89 22.52
CA LEU C 276 0.58 46.36 21.51
C LEU C 276 0.13 45.94 20.11
N ALA C 277 -0.39 44.71 19.98
CA ALA C 277 -0.93 44.28 18.71
C ALA C 277 -2.12 45.14 18.27
N LYS C 278 -2.95 45.56 19.22
CA LYS C 278 -4.06 46.45 18.87
C LYS C 278 -3.52 47.76 18.31
N GLU C 279 -2.51 48.35 18.95
CA GLU C 279 -2.02 49.66 18.53
C GLU C 279 -1.31 49.58 17.19
N PHE C 280 -0.52 48.52 16.99
CA PHE C 280 0.18 48.37 15.71
C PHE C 280 -0.80 48.19 14.56
N LEU C 281 -1.81 47.33 14.75
CA LEU C 281 -2.75 47.06 13.67
C LEU C 281 -3.66 48.25 13.40
N GLU C 282 -4.18 48.88 14.45
CA GLU C 282 -5.17 49.94 14.27
C GLU C 282 -4.55 51.28 13.92
N ASN C 283 -3.37 51.58 14.45
CA ASN C 283 -2.78 52.90 14.31
C ASN C 283 -1.52 52.93 13.46
N TYR C 284 -0.97 51.77 13.09
CA TYR C 284 0.21 51.73 12.24
C TYR C 284 -0.04 51.00 10.92
N LEU C 285 -0.64 49.81 10.96
CA LEU C 285 -0.93 49.10 9.72
C LEU C 285 -2.16 49.67 9.04
N LEU C 286 -3.29 49.70 9.74
CA LEU C 286 -4.55 50.09 9.10
C LEU C 286 -4.65 51.61 9.01
N THR C 287 -3.60 52.21 8.46
CA THR C 287 -3.55 53.62 8.10
C THR C 287 -3.21 53.69 6.61
N ASP C 288 -3.42 54.87 6.03
CA ASP C 288 -3.07 55.03 4.62
C ASP C 288 -1.58 54.89 4.41
N GLU C 289 -0.77 55.35 5.36
CA GLU C 289 0.67 55.17 5.28
C GLU C 289 1.05 53.70 5.44
N GLY C 290 0.39 52.99 6.35
CA GLY C 290 0.74 51.60 6.60
C GLY C 290 0.34 50.69 5.44
N LEU C 291 -0.88 50.85 4.94
CA LEU C 291 -1.33 50.05 3.80
C LEU C 291 -0.51 50.38 2.55
N GLU C 292 -0.26 51.67 2.32
CA GLU C 292 0.61 52.08 1.21
C GLU C 292 1.97 51.41 1.31
N ALA C 293 2.49 51.26 2.53
CA ALA C 293 3.81 50.66 2.70
C ALA C 293 3.83 49.21 2.24
N VAL C 294 2.74 48.47 2.49
CA VAL C 294 2.68 47.07 2.07
C VAL C 294 2.18 46.95 0.64
N ASN C 295 1.18 47.76 0.27
CA ASN C 295 0.64 47.70 -1.07
C ASN C 295 1.70 48.01 -2.13
N LYS C 296 2.66 48.86 -1.80
CA LYS C 296 3.74 49.16 -2.73
C LYS C 296 4.76 48.02 -2.83
N ASP C 297 4.75 47.07 -1.90
CA ASP C 297 5.59 45.89 -2.02
C ASP C 297 4.91 44.83 -2.85
N LYS C 298 3.68 44.47 -2.49
CA LYS C 298 2.84 43.55 -3.24
C LYS C 298 1.42 44.06 -3.07
N PRO C 299 0.70 44.30 -4.15
CA PRO C 299 -0.65 44.87 -4.04
C PRO C 299 -1.58 43.99 -3.22
N LEU C 300 -2.31 44.62 -2.30
CA LEU C 300 -3.20 43.92 -1.38
C LEU C 300 -4.57 43.64 -1.97
N GLY C 301 -4.97 44.38 -3.01
CA GLY C 301 -6.33 44.31 -3.50
C GLY C 301 -7.14 45.50 -3.04
N ALA C 302 -8.45 45.33 -2.86
CA ALA C 302 -9.29 46.40 -2.36
C ALA C 302 -9.17 46.43 -0.84
N VAL C 303 -8.51 47.47 -0.30
CA VAL C 303 -8.25 47.54 1.13
C VAL C 303 -9.57 47.67 1.89
N ALA C 304 -9.53 47.30 3.17
CA ALA C 304 -10.70 47.49 4.02
C ALA C 304 -10.83 48.95 4.47
N LEU C 305 -9.73 49.69 4.50
CA LEU C 305 -9.74 51.07 4.96
C LEU C 305 -10.38 51.97 3.91
N LYS C 306 -11.52 52.59 4.26
CA LYS C 306 -12.24 53.43 3.32
C LYS C 306 -11.35 54.54 2.75
N SER C 307 -10.53 55.15 3.61
CA SER C 307 -9.74 56.31 3.18
C SER C 307 -8.77 55.95 2.06
N TYR C 308 -8.17 54.78 2.12
CA TYR C 308 -7.21 54.37 1.11
C TYR C 308 -7.88 53.68 -0.09
N GLU C 309 -9.06 53.10 0.10
CA GLU C 309 -9.67 52.35 -0.99
C GLU C 309 -10.17 53.27 -2.10
N GLU C 310 -10.82 54.38 -1.73
CA GLU C 310 -11.36 55.29 -2.74
C GLU C 310 -10.26 55.87 -3.61
N GLU C 311 -9.03 55.91 -3.10
CA GLU C 311 -7.89 56.25 -3.95
C GLU C 311 -7.41 55.04 -4.74
N LEU C 312 -7.51 53.84 -4.17
CA LEU C 312 -7.13 52.63 -4.88
C LEU C 312 -8.19 52.19 -5.88
N ALA C 313 -9.47 52.48 -5.59
CA ALA C 313 -10.56 52.03 -6.44
C ALA C 313 -10.49 52.59 -7.86
N LYS C 314 -9.64 53.56 -8.13
CA LYS C 314 -9.51 54.14 -9.46
C LYS C 314 -8.39 53.49 -10.27
N ASP C 315 -7.74 52.49 -9.71
CA ASP C 315 -6.87 51.61 -10.48
C ASP C 315 -7.74 50.67 -11.31
N PRO C 316 -7.60 50.65 -12.63
CA PRO C 316 -8.44 49.73 -13.44
C PRO C 316 -8.31 48.27 -13.03
N ARG C 317 -7.17 47.87 -12.47
CA ARG C 317 -7.01 46.50 -12.02
C ARG C 317 -7.83 46.22 -10.76
N ILE C 318 -7.98 47.21 -9.88
CA ILE C 318 -8.81 47.03 -8.71
C ILE C 318 -10.28 46.94 -9.10
N ALA C 319 -10.72 47.79 -10.04
CA ALA C 319 -12.08 47.69 -10.55
C ALA C 319 -12.37 46.30 -11.10
N ALA C 320 -11.39 45.70 -11.79
CA ALA C 320 -11.56 44.34 -12.29
C ALA C 320 -11.59 43.34 -11.14
N THR C 321 -10.73 43.53 -10.15
CA THR C 321 -10.76 42.68 -8.95
C THR C 321 -12.12 42.71 -8.28
N MET C 322 -12.69 43.91 -8.13
CA MET C 322 -14.00 44.02 -7.48
C MET C 322 -15.12 43.52 -8.38
N GLU C 323 -14.93 43.59 -9.70
CA GLU C 323 -15.94 43.03 -10.60
C GLU C 323 -15.96 41.51 -10.47
N ASN C 324 -14.79 40.87 -10.42
CA ASN C 324 -14.77 39.43 -10.20
C ASN C 324 -15.19 39.06 -8.78
N ALA C 325 -14.92 39.95 -7.81
CA ALA C 325 -15.32 39.66 -6.44
C ALA C 325 -16.84 39.56 -6.32
N GLN C 326 -17.56 40.48 -6.96
CA GLN C 326 -19.01 40.49 -6.82
C GLN C 326 -19.68 39.38 -7.61
N LYS C 327 -19.04 38.89 -8.68
CA LYS C 327 -19.58 37.73 -9.39
C LYS C 327 -19.32 36.43 -8.64
N GLY C 328 -18.42 36.45 -7.67
CA GLY C 328 -18.13 35.31 -6.83
C GLY C 328 -18.88 35.36 -5.52
N GLU C 329 -18.31 34.72 -4.49
CA GLU C 329 -18.92 34.67 -3.18
C GLU C 329 -17.84 34.81 -2.12
N ILE C 330 -18.16 35.56 -1.06
CA ILE C 330 -17.26 35.60 0.09
C ILE C 330 -17.14 34.22 0.69
N MET C 331 -15.93 33.84 1.06
CA MET C 331 -15.72 32.54 1.68
C MET C 331 -16.40 32.49 3.04
N PRO C 332 -16.91 31.33 3.45
CA PRO C 332 -17.26 31.13 4.85
C PRO C 332 -16.00 31.11 5.70
N ASN C 333 -16.14 31.48 6.98
CA ASN C 333 -15.03 31.36 7.91
C ASN C 333 -15.19 30.18 8.85
N ILE C 334 -16.21 29.34 8.67
CA ILE C 334 -16.52 28.25 9.60
C ILE C 334 -15.35 27.26 9.64
N PRO C 335 -15.20 26.49 10.73
CA PRO C 335 -14.02 25.60 10.83
C PRO C 335 -13.96 24.54 9.75
N GLN C 336 -15.09 24.15 9.16
CA GLN C 336 -15.09 23.08 8.18
C GLN C 336 -14.56 23.52 6.82
N MET C 337 -14.19 24.79 6.65
CA MET C 337 -13.65 25.24 5.38
C MET C 337 -12.35 24.52 5.03
N SER C 338 -11.54 24.20 6.04
CA SER C 338 -10.28 23.52 5.77
C SER C 338 -10.53 22.11 5.23
N ALA C 339 -11.52 21.40 5.78
CA ALA C 339 -11.86 20.08 5.26
C ALA C 339 -12.38 20.17 3.83
N PHE C 340 -13.16 21.20 3.53
CA PHE C 340 -13.63 21.40 2.16
C PHE C 340 -12.46 21.66 1.22
N TRP C 341 -11.53 22.52 1.62
CA TRP C 341 -10.39 22.83 0.76
C TRP C 341 -9.53 21.60 0.53
N TYR C 342 -9.19 20.87 1.60
CA TYR C 342 -8.45 19.63 1.44
C TYR C 342 -9.18 18.67 0.50
N ALA C 343 -10.52 18.66 0.55
CA ALA C 343 -11.28 17.73 -0.28
C ALA C 343 -11.18 18.09 -1.76
N VAL C 344 -11.36 19.36 -2.10
CA VAL C 344 -11.31 19.75 -3.52
C VAL C 344 -9.88 19.71 -4.06
N ARG C 345 -8.89 20.00 -3.22
CA ARG C 345 -7.50 19.89 -3.67
C ARG C 345 -7.23 18.50 -4.24
N THR C 346 -7.56 17.46 -3.48
CA THR C 346 -7.31 16.09 -3.95
C THR C 346 -8.16 15.77 -5.18
N ALA C 347 -9.40 16.27 -5.22
CA ALA C 347 -10.27 15.99 -6.35
C ALA C 347 -9.69 16.55 -7.64
N VAL C 348 -9.28 17.83 -7.63
CA VAL C 348 -8.70 18.43 -8.83
C VAL C 348 -7.43 17.69 -9.21
N ILE C 349 -6.56 17.41 -8.24
CA ILE C 349 -5.28 16.76 -8.53
C ILE C 349 -5.49 15.36 -9.09
N ASN C 350 -6.33 14.56 -8.42
CA ASN C 350 -6.57 13.19 -8.89
C ASN C 350 -7.23 13.19 -10.27
N ALA C 351 -8.19 14.10 -10.49
CA ALA C 351 -8.88 14.13 -11.78
C ALA C 351 -7.99 14.70 -12.88
N ALA C 352 -7.26 15.78 -12.59
CA ALA C 352 -6.42 16.39 -13.62
C ALA C 352 -5.28 15.46 -14.04
N SER C 353 -4.76 14.66 -13.12
CA SER C 353 -3.71 13.72 -13.44
C SER C 353 -4.22 12.45 -14.12
N GLY C 354 -5.53 12.22 -14.12
CA GLY C 354 -6.11 11.04 -14.71
C GLY C 354 -6.18 9.81 -13.83
N ARG C 355 -5.67 9.89 -12.59
CA ARG C 355 -5.72 8.71 -11.73
C ARG C 355 -7.12 8.45 -11.17
N GLN C 356 -8.07 9.35 -11.40
CA GLN C 356 -9.47 9.13 -11.06
C GLN C 356 -10.34 9.90 -12.05
N THR C 357 -11.56 9.42 -12.27
CA THR C 357 -12.48 10.17 -13.11
C THR C 357 -12.99 11.41 -12.36
N VAL C 358 -13.51 12.37 -13.12
CA VAL C 358 -14.07 13.56 -12.50
C VAL C 358 -15.19 13.18 -11.55
N ASP C 359 -16.08 12.28 -11.99
CA ASP C 359 -17.22 11.89 -11.16
C ASP C 359 -16.75 11.18 -9.89
N ALA C 360 -15.73 10.32 -9.99
CA ALA C 360 -15.24 9.63 -8.81
C ALA C 360 -14.54 10.59 -7.85
N ALA C 361 -13.66 11.45 -8.38
CA ALA C 361 -12.91 12.36 -7.52
C ALA C 361 -13.85 13.33 -6.81
N LEU C 362 -14.85 13.86 -7.53
CA LEU C 362 -15.79 14.75 -6.89
C LEU C 362 -16.69 14.02 -5.89
N ALA C 363 -17.02 12.75 -6.17
CA ALA C 363 -17.82 11.97 -5.22
C ALA C 363 -17.07 11.75 -3.92
N ALA C 364 -15.77 11.42 -4.00
CA ALA C 364 -14.97 11.29 -2.80
C ALA C 364 -14.85 12.62 -2.06
N ALA C 365 -14.67 13.72 -2.79
CA ALA C 365 -14.52 15.02 -2.14
C ALA C 365 -15.80 15.44 -1.42
N GLN C 366 -16.96 15.10 -1.99
CA GLN C 366 -18.22 15.42 -1.35
C GLN C 366 -18.32 14.75 0.02
N THR C 367 -17.82 13.52 0.14
CA THR C 367 -17.83 12.84 1.44
C THR C 367 -16.74 13.39 2.35
N ASN C 368 -15.54 13.64 1.81
CA ASN C 368 -14.46 14.13 2.66
C ASN C 368 -14.70 15.56 3.12
N ALA C 369 -15.40 16.36 2.33
CA ALA C 369 -15.68 17.74 2.72
C ALA C 369 -16.64 17.83 3.90
N ALA C 370 -17.35 16.75 4.24
CA ALA C 370 -18.31 16.76 5.32
C ALA C 370 -17.89 15.97 6.53
N ALA C 371 -16.75 15.27 6.47
CA ALA C 371 -16.31 14.47 7.60
C ALA C 371 -15.87 15.35 8.75
N LYS C 372 -16.05 14.84 9.97
CA LYS C 372 -15.68 15.59 11.16
C LYS C 372 -14.17 15.65 11.29
N ASN C 373 -13.66 16.85 11.55
CA ASN C 373 -12.23 17.05 11.79
C ASN C 373 -11.99 17.03 13.30
N VAL C 374 -11.12 16.13 13.74
CA VAL C 374 -10.83 16.00 15.18
C VAL C 374 -9.80 17.00 15.67
N ASP C 375 -9.10 17.68 14.75
CA ASP C 375 -8.07 18.63 15.17
C ASP C 375 -8.66 19.78 15.97
N VAL C 376 -9.87 20.24 15.62
CA VAL C 376 -10.47 21.39 16.30
C VAL C 376 -10.84 21.03 17.73
N GLU C 377 -11.39 19.83 17.94
CA GLU C 377 -11.74 19.42 19.30
C GLU C 377 -10.49 19.26 20.16
N PHE C 378 -9.43 18.68 19.59
CA PHE C 378 -8.20 18.51 20.35
C PHE C 378 -7.53 19.85 20.64
N SER C 379 -7.44 20.72 19.63
CA SER C 379 -6.82 22.02 19.83
C SER C 379 -7.52 22.82 20.92
N GLN C 380 -8.85 22.78 20.96
CA GLN C 380 -9.59 23.51 21.99
C GLN C 380 -9.33 22.94 23.37
N ALA C 381 -9.05 21.64 23.47
CA ALA C 381 -8.77 21.02 24.77
C ALA C 381 -7.39 21.42 25.28
N ILE C 382 -6.36 21.24 24.45
CA ILE C 382 -5.01 21.62 24.84
C ILE C 382 -4.95 23.11 25.19
N SER C 383 -5.68 23.94 24.43
CA SER C 383 -5.66 25.37 24.68
C SER C 383 -6.25 25.72 26.04
N TYR C 384 -7.33 25.03 26.41
CA TYR C 384 -7.96 25.30 27.70
C TYR C 384 -7.05 24.89 28.86
N VAL C 385 -6.35 23.76 28.72
CA VAL C 385 -5.46 23.31 29.78
C VAL C 385 -4.30 24.29 29.96
N ASN C 386 -3.66 24.68 28.85
CA ASN C 386 -2.56 25.64 28.93
C ASN C 386 -3.04 26.99 29.46
N LYS C 387 -4.24 27.42 29.04
CA LYS C 387 -4.78 28.69 29.52
C LYS C 387 -5.21 28.60 30.98
N ILE C 388 -5.65 27.42 31.42
CA ILE C 388 -6.00 27.25 32.84
C ILE C 388 -4.78 27.45 33.72
N LYS C 389 -3.60 27.05 33.24
CA LYS C 389 -2.36 27.26 33.96
C LYS C 389 -1.97 28.74 33.97
N MET D 1 -7.88 1.59 -17.60
CA MET D 1 -7.17 1.55 -18.86
C MET D 1 -8.09 1.77 -20.04
N LYS D 2 -8.90 2.82 -20.00
CA LYS D 2 -9.61 3.29 -21.20
C LYS D 2 -10.55 2.25 -21.79
N ILE D 3 -11.72 2.03 -21.18
CA ILE D 3 -12.75 1.16 -21.73
C ILE D 3 -12.87 1.36 -23.24
N GLU D 4 -12.82 0.26 -23.99
CA GLU D 4 -12.77 0.35 -25.45
C GLU D 4 -14.11 0.78 -26.02
N GLU D 5 -14.06 1.70 -26.97
CA GLU D 5 -15.25 2.19 -27.67
C GLU D 5 -15.66 1.22 -28.76
N GLY D 6 -16.97 1.14 -29.00
CA GLY D 6 -17.49 0.29 -30.06
C GLY D 6 -17.55 -1.18 -29.70
N LYS D 7 -17.74 -1.49 -28.42
CA LYS D 7 -17.66 -2.85 -27.91
C LYS D 7 -18.42 -2.87 -26.60
N LEU D 8 -18.77 -4.07 -26.14
CA LEU D 8 -19.45 -4.24 -24.86
C LEU D 8 -18.74 -5.31 -24.04
N VAL D 9 -18.25 -4.93 -22.86
CA VAL D 9 -17.70 -5.86 -21.89
C VAL D 9 -18.68 -5.93 -20.72
N ILE D 10 -19.05 -7.14 -20.33
CA ILE D 10 -20.03 -7.37 -19.27
C ILE D 10 -19.40 -8.25 -18.20
N TRP D 11 -19.59 -7.88 -16.95
CA TRP D 11 -19.22 -8.71 -15.81
C TRP D 11 -20.48 -9.28 -15.17
N ILE D 12 -20.45 -10.57 -14.82
CA ILE D 12 -21.55 -11.21 -14.12
C ILE D 12 -20.96 -12.31 -13.25
N ASN D 13 -21.60 -12.59 -12.12
CA ASN D 13 -21.06 -13.55 -11.16
C ASN D 13 -21.08 -14.97 -11.73
N GLY D 14 -20.09 -15.76 -11.30
CA GLY D 14 -19.85 -17.11 -11.80
C GLY D 14 -20.87 -18.16 -11.39
N ASP D 15 -21.87 -17.81 -10.58
CA ASP D 15 -22.97 -18.71 -10.29
C ASP D 15 -24.23 -18.38 -11.08
N LYS D 16 -24.18 -17.37 -11.94
CA LYS D 16 -25.30 -17.02 -12.80
C LYS D 16 -25.10 -17.61 -14.20
N GLY D 17 -26.15 -17.54 -15.01
CA GLY D 17 -26.11 -18.14 -16.33
C GLY D 17 -25.33 -17.31 -17.33
N TYR D 18 -24.00 -17.30 -17.19
CA TYR D 18 -23.20 -16.41 -18.03
C TYR D 18 -23.05 -16.93 -19.46
N ASN D 19 -23.16 -18.25 -19.67
CA ASN D 19 -23.17 -18.77 -21.04
C ASN D 19 -24.47 -18.39 -21.75
N GLY D 20 -25.59 -18.40 -21.01
CA GLY D 20 -26.84 -17.91 -21.58
C GLY D 20 -26.76 -16.43 -21.92
N LEU D 21 -26.18 -15.62 -21.04
CA LEU D 21 -25.99 -14.20 -21.34
C LEU D 21 -25.06 -14.04 -22.54
N ALA D 22 -24.07 -14.92 -22.68
CA ALA D 22 -23.18 -14.85 -23.83
C ALA D 22 -23.95 -15.12 -25.13
N GLU D 23 -24.97 -15.97 -25.07
CA GLU D 23 -25.79 -16.22 -26.26
C GLU D 23 -26.61 -15.00 -26.64
N VAL D 24 -27.05 -14.23 -25.65
CA VAL D 24 -27.69 -12.94 -25.94
C VAL D 24 -26.70 -11.99 -26.59
N GLY D 25 -25.45 -11.99 -26.11
CA GLY D 25 -24.43 -11.15 -26.70
C GLY D 25 -24.10 -11.51 -28.14
N LYS D 26 -24.18 -12.81 -28.49
CA LYS D 26 -23.97 -13.21 -29.87
C LYS D 26 -25.10 -12.74 -30.76
N LYS D 27 -26.35 -12.86 -30.29
CA LYS D 27 -27.48 -12.34 -31.04
C LYS D 27 -27.32 -10.85 -31.30
N PHE D 28 -26.97 -10.08 -30.26
CA PHE D 28 -26.68 -8.66 -30.42
C PHE D 28 -25.60 -8.44 -31.46
N GLU D 29 -24.51 -9.23 -31.38
CA GLU D 29 -23.41 -9.06 -32.30
C GLU D 29 -23.82 -9.38 -33.73
N LYS D 30 -24.57 -10.47 -33.92
CA LYS D 30 -25.04 -10.83 -35.26
C LYS D 30 -25.97 -9.77 -35.83
N ASP D 31 -26.78 -9.14 -34.97
CA ASP D 31 -27.78 -8.19 -35.43
C ASP D 31 -27.19 -6.79 -35.64
N THR D 32 -26.10 -6.45 -34.96
CA THR D 32 -25.56 -5.10 -34.97
C THR D 32 -24.08 -5.01 -35.32
N GLY D 33 -23.34 -6.10 -35.33
CA GLY D 33 -21.91 -6.06 -35.56
C GLY D 33 -21.07 -5.77 -34.33
N ILE D 34 -21.67 -5.30 -33.24
CA ILE D 34 -20.93 -4.99 -32.02
C ILE D 34 -20.70 -6.28 -31.25
N LYS D 35 -19.43 -6.60 -30.98
CA LYS D 35 -19.13 -7.81 -30.21
C LYS D 35 -19.37 -7.56 -28.73
N VAL D 36 -19.83 -8.60 -28.04
CA VAL D 36 -20.14 -8.56 -26.62
C VAL D 36 -19.29 -9.62 -25.92
N THR D 37 -18.52 -9.21 -24.92
CA THR D 37 -17.63 -10.11 -24.19
C THR D 37 -18.19 -10.28 -22.77
N VAL D 38 -18.63 -11.48 -22.44
CA VAL D 38 -19.15 -11.80 -21.13
C VAL D 38 -18.06 -12.44 -20.31
N GLU D 39 -17.82 -11.89 -19.12
CA GLU D 39 -16.81 -12.42 -18.22
C GLU D 39 -17.43 -12.61 -16.85
N HIS D 40 -16.80 -13.49 -16.06
CA HIS D 40 -17.21 -13.72 -14.67
C HIS D 40 -15.99 -13.67 -13.78
N PRO D 41 -15.38 -12.49 -13.62
CA PRO D 41 -14.18 -12.40 -12.78
C PRO D 41 -14.50 -12.70 -11.32
N ASP D 42 -13.48 -13.15 -10.60
CA ASP D 42 -13.64 -13.42 -9.17
C ASP D 42 -13.70 -12.11 -8.41
N LYS D 43 -14.59 -12.06 -7.40
CA LYS D 43 -14.76 -10.89 -6.56
C LYS D 43 -15.05 -9.64 -7.39
N LEU D 44 -15.85 -9.81 -8.44
CA LEU D 44 -16.09 -8.70 -9.37
C LEU D 44 -16.75 -7.52 -8.67
N GLU D 45 -17.51 -7.79 -7.59
CA GLU D 45 -18.19 -6.71 -6.90
C GLU D 45 -17.26 -5.87 -6.05
N GLU D 46 -16.07 -6.40 -5.72
CA GLU D 46 -15.01 -5.63 -5.09
C GLU D 46 -14.04 -5.04 -6.10
N LYS D 47 -13.84 -5.71 -7.23
CA LYS D 47 -12.97 -5.18 -8.27
C LYS D 47 -13.57 -3.93 -8.90
N PHE D 48 -14.89 -3.95 -9.16
CA PHE D 48 -15.54 -2.85 -9.86
C PHE D 48 -15.28 -1.49 -9.21
N PRO D 49 -15.53 -1.27 -7.92
CA PRO D 49 -15.28 0.07 -7.36
C PRO D 49 -13.84 0.53 -7.54
N GLN D 50 -12.88 -0.40 -7.47
CA GLN D 50 -11.48 -0.04 -7.64
C GLN D 50 -11.20 0.41 -9.07
N VAL D 51 -11.48 -0.45 -10.06
CA VAL D 51 -11.07 -0.14 -11.42
C VAL D 51 -12.00 0.88 -12.08
N ALA D 52 -13.27 0.93 -11.68
CA ALA D 52 -14.18 1.91 -12.29
C ALA D 52 -13.84 3.33 -11.88
N ALA D 53 -13.30 3.52 -10.67
CA ALA D 53 -12.92 4.86 -10.24
C ALA D 53 -11.76 5.42 -11.05
N THR D 54 -10.98 4.56 -11.70
CA THR D 54 -9.90 5.01 -12.58
C THR D 54 -10.35 5.10 -14.03
N GLY D 55 -11.64 4.92 -14.31
CA GLY D 55 -12.13 4.93 -15.67
C GLY D 55 -12.08 3.59 -16.38
N ASP D 56 -11.73 2.51 -15.68
CA ASP D 56 -11.61 1.17 -16.24
C ASP D 56 -12.84 0.31 -15.87
N GLY D 57 -12.77 -0.98 -16.20
CA GLY D 57 -13.80 -1.91 -15.83
C GLY D 57 -14.74 -2.21 -16.98
N PRO D 58 -15.83 -2.92 -16.69
CA PRO D 58 -16.77 -3.32 -17.74
C PRO D 58 -17.70 -2.18 -18.11
N ASP D 59 -18.36 -2.34 -19.27
CA ASP D 59 -19.45 -1.43 -19.63
C ASP D 59 -20.66 -1.68 -18.74
N ILE D 60 -20.92 -2.94 -18.39
CA ILE D 60 -22.09 -3.36 -17.61
C ILE D 60 -21.63 -4.31 -16.51
N ILE D 61 -22.21 -4.19 -15.31
CA ILE D 61 -21.63 -4.77 -14.11
C ILE D 61 -22.41 -5.97 -13.59
N PHE D 62 -23.75 -5.93 -13.58
CA PHE D 62 -24.53 -7.14 -13.18
C PHE D 62 -24.26 -7.69 -11.78
N TRP D 63 -24.81 -7.08 -10.74
CA TRP D 63 -24.83 -7.69 -9.40
C TRP D 63 -26.23 -7.55 -8.81
N ALA D 64 -26.46 -8.19 -7.66
CA ALA D 64 -27.66 -7.89 -6.89
C ALA D 64 -27.65 -6.42 -6.47
N HIS D 65 -28.84 -5.86 -6.31
CA HIS D 65 -29.01 -4.41 -6.21
C HIS D 65 -28.37 -3.80 -4.97
N ASP D 66 -27.99 -4.61 -3.98
CA ASP D 66 -27.54 -4.03 -2.71
C ASP D 66 -26.15 -3.40 -2.80
N ARG D 67 -25.33 -3.75 -3.80
CA ARG D 67 -24.05 -3.08 -3.98
C ARG D 67 -24.16 -1.74 -4.70
N PHE D 68 -25.30 -1.47 -5.35
CA PHE D 68 -25.34 -0.46 -6.39
C PHE D 68 -25.45 0.95 -5.84
N GLY D 69 -26.13 1.15 -4.71
CA GLY D 69 -26.15 2.47 -4.11
C GLY D 69 -24.76 2.95 -3.76
N GLY D 70 -23.90 2.03 -3.29
CA GLY D 70 -22.52 2.39 -3.06
C GLY D 70 -21.79 2.80 -4.33
N TYR D 71 -21.99 2.04 -5.41
CA TYR D 71 -21.38 2.41 -6.69
C TYR D 71 -21.87 3.77 -7.16
N ALA D 72 -23.17 4.04 -7.02
CA ALA D 72 -23.73 5.30 -7.49
C ALA D 72 -23.23 6.46 -6.64
N GLN D 73 -23.19 6.30 -5.31
CA GLN D 73 -22.75 7.38 -4.42
C GLN D 73 -21.31 7.76 -4.69
N SER D 74 -20.49 6.80 -5.14
CA SER D 74 -19.09 7.01 -5.47
C SER D 74 -18.87 7.44 -6.91
N GLY D 75 -19.95 7.76 -7.64
CA GLY D 75 -19.82 8.29 -8.99
C GLY D 75 -19.49 7.29 -10.06
N LEU D 76 -19.81 6.00 -9.86
CA LEU D 76 -19.38 4.96 -10.79
C LEU D 76 -20.45 4.52 -11.77
N LEU D 77 -21.69 4.97 -11.60
CA LEU D 77 -22.81 4.43 -12.36
C LEU D 77 -23.49 5.52 -13.16
N ALA D 78 -23.85 5.18 -14.39
CA ALA D 78 -24.60 6.08 -15.24
C ALA D 78 -26.07 6.04 -14.89
N GLU D 79 -26.73 7.18 -14.96
CA GLU D 79 -28.18 7.23 -14.76
C GLU D 79 -28.88 6.55 -15.93
N ILE D 80 -29.84 5.72 -15.61
CA ILE D 80 -30.55 4.96 -16.63
C ILE D 80 -31.66 5.83 -17.22
N THR D 81 -31.79 5.81 -18.55
CA THR D 81 -32.74 6.64 -19.27
C THR D 81 -33.74 5.77 -20.03
N PRO D 82 -34.64 5.08 -19.32
CA PRO D 82 -35.65 4.28 -20.02
C PRO D 82 -36.91 5.07 -20.29
N ALA D 83 -37.46 4.90 -21.48
CA ALA D 83 -38.73 5.53 -21.80
C ALA D 83 -39.85 4.93 -20.96
N ALA D 84 -40.92 5.71 -20.80
CA ALA D 84 -42.05 5.27 -19.99
C ALA D 84 -42.62 3.95 -20.49
N ALA D 85 -42.64 3.75 -21.81
CA ALA D 85 -43.16 2.51 -22.36
C ALA D 85 -42.34 1.31 -21.91
N PHE D 86 -41.01 1.48 -21.77
CA PHE D 86 -40.18 0.38 -21.32
C PHE D 86 -40.35 0.11 -19.84
N GLN D 87 -40.39 1.17 -19.02
CA GLN D 87 -40.61 0.99 -17.59
C GLN D 87 -41.91 0.25 -17.31
N ASP D 88 -42.93 0.48 -18.14
CA ASP D 88 -44.19 -0.24 -17.98
C ASP D 88 -44.00 -1.75 -18.08
N LYS D 89 -42.99 -2.19 -18.84
CA LYS D 89 -42.79 -3.62 -19.08
C LYS D 89 -42.25 -4.35 -17.86
N LEU D 90 -41.72 -3.64 -16.85
CA LEU D 90 -41.15 -4.26 -15.67
C LEU D 90 -41.98 -3.91 -14.43
N TYR D 91 -42.02 -4.84 -13.47
CA TYR D 91 -42.79 -4.61 -12.26
C TYR D 91 -42.25 -3.39 -11.50
N PRO D 92 -43.13 -2.54 -10.97
CA PRO D 92 -42.64 -1.30 -10.32
C PRO D 92 -41.74 -1.54 -9.11
N PHE D 93 -42.01 -2.57 -8.31
CA PHE D 93 -41.17 -2.80 -7.14
C PHE D 93 -39.76 -3.22 -7.51
N THR D 94 -39.57 -3.74 -8.72
CA THR D 94 -38.20 -3.99 -9.17
C THR D 94 -37.50 -2.69 -9.57
N TRP D 95 -38.24 -1.71 -10.09
CA TRP D 95 -37.65 -0.40 -10.30
C TRP D 95 -37.30 0.27 -8.98
N ASP D 96 -38.09 0.02 -7.94
CA ASP D 96 -37.79 0.59 -6.62
C ASP D 96 -36.43 0.12 -6.11
N ALA D 97 -36.06 -1.13 -6.41
CA ALA D 97 -34.82 -1.68 -5.89
C ALA D 97 -33.59 -0.99 -6.47
N VAL D 98 -33.72 -0.42 -7.68
CA VAL D 98 -32.60 0.19 -8.38
C VAL D 98 -32.72 1.71 -8.39
N ARG D 99 -33.49 2.28 -7.48
CA ARG D 99 -33.60 3.73 -7.35
C ARG D 99 -32.75 4.17 -6.18
N TYR D 100 -31.84 5.10 -6.42
CA TYR D 100 -30.97 5.65 -5.39
C TYR D 100 -30.98 7.17 -5.52
N ASN D 101 -31.34 7.87 -4.43
CA ASN D 101 -31.39 9.33 -4.41
C ASN D 101 -32.25 9.87 -5.55
N GLY D 102 -33.39 9.22 -5.78
CA GLY D 102 -34.34 9.67 -6.78
C GLY D 102 -34.04 9.28 -8.21
N LYS D 103 -32.90 8.67 -8.48
CA LYS D 103 -32.50 8.34 -9.84
C LYS D 103 -32.39 6.83 -10.05
N LEU D 104 -32.81 6.37 -11.23
CA LEU D 104 -32.58 4.99 -11.62
C LEU D 104 -31.11 4.78 -11.95
N ILE D 105 -30.48 3.79 -11.31
CA ILE D 105 -29.05 3.56 -11.43
C ILE D 105 -28.72 2.20 -12.01
N ALA D 106 -29.72 1.40 -12.39
CA ALA D 106 -29.49 0.10 -13.01
C ALA D 106 -30.81 -0.40 -13.59
N TYR D 107 -30.70 -1.43 -14.44
CA TYR D 107 -31.84 -2.17 -14.95
C TYR D 107 -32.10 -3.39 -14.08
N PRO D 108 -33.31 -3.57 -13.56
CA PRO D 108 -33.60 -4.80 -12.81
C PRO D 108 -33.83 -5.96 -13.75
N ILE D 109 -33.32 -7.13 -13.35
CA ILE D 109 -33.39 -8.35 -14.15
C ILE D 109 -34.34 -9.37 -13.52
N ALA D 110 -34.07 -9.76 -12.27
CA ALA D 110 -34.83 -10.84 -11.64
C ALA D 110 -34.79 -10.68 -10.12
N VAL D 111 -35.77 -11.28 -9.47
CA VAL D 111 -35.92 -11.23 -8.02
C VAL D 111 -35.50 -12.57 -7.44
N GLU D 112 -34.58 -12.56 -6.49
CA GLU D 112 -34.01 -13.75 -5.90
C GLU D 112 -34.34 -13.84 -4.42
N ALA D 113 -34.69 -15.04 -3.97
CA ALA D 113 -34.83 -15.33 -2.55
C ALA D 113 -34.41 -16.77 -2.32
N LEU D 114 -33.91 -17.03 -1.12
CA LEU D 114 -33.50 -18.38 -0.75
C LEU D 114 -34.73 -19.22 -0.42
N SER D 115 -34.61 -20.52 -0.65
CA SER D 115 -35.68 -21.45 -0.29
C SER D 115 -35.08 -22.72 0.30
N LEU D 116 -35.94 -23.50 0.94
CA LEU D 116 -35.55 -24.82 1.42
C LEU D 116 -35.70 -25.81 0.26
N ILE D 117 -34.58 -26.34 -0.20
CA ILE D 117 -34.55 -27.37 -1.23
C ILE D 117 -34.36 -28.71 -0.53
N TYR D 118 -35.18 -29.69 -0.86
CA TYR D 118 -35.17 -30.95 -0.13
C TYR D 118 -35.30 -32.13 -1.08
N ASN D 119 -34.64 -33.23 -0.70
CA ASN D 119 -34.68 -34.48 -1.45
C ASN D 119 -35.95 -35.24 -1.07
N LYS D 120 -36.86 -35.37 -2.03
CA LYS D 120 -38.17 -35.97 -1.73
C LYS D 120 -38.06 -37.45 -1.39
N ASP D 121 -37.12 -38.17 -2.01
CA ASP D 121 -36.96 -39.59 -1.70
C ASP D 121 -36.38 -39.80 -0.31
N LEU D 122 -35.50 -38.91 0.14
CA LEU D 122 -34.98 -38.96 1.50
C LEU D 122 -35.92 -38.32 2.51
N LEU D 123 -36.76 -37.38 2.08
CA LEU D 123 -37.52 -36.54 3.01
C LEU D 123 -38.80 -36.08 2.33
N PRO D 124 -39.83 -36.93 2.33
CA PRO D 124 -41.10 -36.55 1.69
C PRO D 124 -41.78 -35.38 2.38
N ASN D 125 -41.56 -35.22 3.68
CA ASN D 125 -42.12 -34.10 4.44
C ASN D 125 -40.99 -33.31 5.05
N PRO D 126 -40.66 -32.13 4.53
CA PRO D 126 -39.57 -31.35 5.10
C PRO D 126 -40.00 -30.72 6.41
N PRO D 127 -39.04 -30.42 7.29
CA PRO D 127 -39.40 -29.79 8.57
C PRO D 127 -40.00 -28.40 8.36
N LYS D 128 -41.08 -28.14 9.08
CA LYS D 128 -41.69 -26.81 9.08
C LYS D 128 -41.04 -25.88 10.10
N THR D 129 -40.16 -26.40 10.96
CA THR D 129 -39.47 -25.61 11.97
C THR D 129 -38.00 -25.96 11.96
N TRP D 130 -37.17 -24.98 12.37
CA TRP D 130 -35.75 -25.25 12.55
C TRP D 130 -35.50 -26.20 13.71
N GLU D 131 -36.40 -26.20 14.71
CA GLU D 131 -36.12 -26.90 15.95
C GLU D 131 -36.18 -28.42 15.81
N GLU D 132 -36.98 -28.92 14.85
CA GLU D 132 -37.05 -30.37 14.66
C GLU D 132 -35.91 -30.92 13.80
N ILE D 133 -34.99 -30.08 13.36
CA ILE D 133 -33.91 -30.50 12.47
C ILE D 133 -32.82 -31.27 13.24
N PRO D 134 -32.44 -30.87 14.45
CA PRO D 134 -31.47 -31.71 15.20
C PRO D 134 -31.93 -33.15 15.37
N ALA D 135 -33.20 -33.36 15.74
CA ALA D 135 -33.72 -34.71 15.87
C ALA D 135 -33.74 -35.42 14.53
N LEU D 136 -34.14 -34.72 13.47
CA LEU D 136 -34.17 -35.33 12.14
C LEU D 136 -32.77 -35.71 11.69
N ASP D 137 -31.78 -34.89 12.00
CA ASP D 137 -30.40 -35.25 11.65
C ASP D 137 -29.96 -36.54 12.34
N LYS D 138 -30.44 -36.78 13.56
CA LYS D 138 -30.10 -38.02 14.25
C LYS D 138 -30.61 -39.24 13.49
N GLU D 139 -31.84 -39.17 12.98
CA GLU D 139 -32.42 -40.31 12.29
C GLU D 139 -31.69 -40.61 10.99
N LEU D 140 -31.34 -39.58 10.22
CA LEU D 140 -30.69 -39.80 8.93
C LEU D 140 -29.21 -40.14 9.05
N LYS D 141 -28.55 -39.72 10.14
CA LYS D 141 -27.13 -40.02 10.27
C LYS D 141 -26.90 -41.49 10.57
N ALA D 142 -27.88 -42.17 11.19
CA ALA D 142 -27.77 -43.61 11.35
C ALA D 142 -28.02 -44.33 10.05
N LYS D 143 -28.69 -43.69 9.08
CA LYS D 143 -28.79 -44.16 7.69
C LYS D 143 -27.59 -43.79 6.84
N GLY D 144 -26.51 -43.23 7.41
CA GLY D 144 -25.41 -42.72 6.59
C GLY D 144 -25.71 -41.45 5.81
N LYS D 145 -26.74 -40.70 6.20
CA LYS D 145 -27.12 -39.46 5.54
C LYS D 145 -27.04 -38.30 6.53
N SER D 146 -27.50 -37.13 6.09
CA SER D 146 -27.58 -35.97 6.97
C SER D 146 -28.82 -35.16 6.63
N ALA D 147 -29.20 -34.28 7.56
CA ALA D 147 -30.44 -33.53 7.39
C ALA D 147 -30.25 -32.32 6.48
N LEU D 148 -29.25 -31.49 6.76
CA LEU D 148 -29.15 -30.18 6.13
C LEU D 148 -27.68 -29.80 5.94
N MET D 149 -27.36 -29.30 4.75
CA MET D 149 -26.05 -28.72 4.47
C MET D 149 -26.24 -27.50 3.59
N PHE D 150 -25.68 -26.36 4.01
CA PHE D 150 -25.70 -25.16 3.18
C PHE D 150 -24.49 -24.31 3.48
N ASN D 151 -24.26 -23.32 2.62
CA ASN D 151 -23.09 -22.46 2.69
C ASN D 151 -23.09 -21.66 3.98
N LEU D 152 -22.10 -21.90 4.85
CA LEU D 152 -21.95 -21.15 6.08
C LEU D 152 -20.85 -20.10 6.02
N GLN D 153 -20.25 -19.90 4.84
CA GLN D 153 -19.21 -18.90 4.69
C GLN D 153 -19.75 -17.54 4.26
N GLU D 154 -20.96 -17.49 3.71
CA GLU D 154 -21.54 -16.25 3.23
C GLU D 154 -22.75 -15.90 4.09
N PRO D 155 -22.78 -14.73 4.73
CA PRO D 155 -23.87 -14.44 5.67
C PRO D 155 -25.24 -14.38 5.01
N TYR D 156 -25.29 -14.24 3.68
CA TYR D 156 -26.56 -14.28 2.94
C TYR D 156 -27.37 -15.53 3.29
N PHE D 157 -26.71 -16.65 3.55
CA PHE D 157 -27.41 -17.91 3.77
C PHE D 157 -27.85 -18.11 5.22
N THR D 158 -27.11 -17.57 6.18
CA THR D 158 -27.49 -17.66 7.58
C THR D 158 -28.42 -16.54 8.02
N TRP D 159 -28.41 -15.42 7.30
CA TRP D 159 -29.26 -14.28 7.69
C TRP D 159 -30.74 -14.60 7.83
N PRO D 160 -31.36 -15.46 7.00
CA PRO D 160 -32.78 -15.79 7.24
C PRO D 160 -33.06 -16.29 8.65
N LEU D 161 -32.12 -17.05 9.23
CA LEU D 161 -32.26 -17.53 10.60
C LEU D 161 -32.01 -16.41 11.61
N ILE D 162 -30.90 -15.68 11.44
CA ILE D 162 -30.55 -14.60 12.35
C ILE D 162 -31.68 -13.58 12.44
N ALA D 163 -32.31 -13.27 11.32
CA ALA D 163 -33.37 -12.27 11.30
C ALA D 163 -34.73 -12.78 11.77
N ALA D 164 -34.90 -14.11 11.89
CA ALA D 164 -36.22 -14.67 12.15
C ALA D 164 -36.81 -14.17 13.47
N ASP D 165 -35.99 -14.13 14.53
CA ASP D 165 -36.48 -13.73 15.85
C ASP D 165 -36.34 -12.23 16.12
N GLY D 166 -35.74 -11.47 15.19
CA GLY D 166 -35.71 -10.03 15.36
C GLY D 166 -34.45 -9.31 14.94
N GLY D 167 -33.44 -10.03 14.46
CA GLY D 167 -32.27 -9.38 13.91
C GLY D 167 -32.61 -8.61 12.65
N TYR D 168 -31.96 -7.47 12.46
CA TYR D 168 -32.16 -6.67 11.25
C TYR D 168 -30.88 -5.93 10.91
N ALA D 169 -30.81 -5.45 9.67
CA ALA D 169 -29.62 -4.73 9.21
C ALA D 169 -29.67 -3.26 9.60
N PHE D 170 -30.64 -2.52 9.04
CA PHE D 170 -30.81 -1.11 9.34
C PHE D 170 -32.29 -0.84 9.58
N LYS D 171 -32.59 -0.11 10.65
CA LYS D 171 -33.98 0.25 10.93
C LYS D 171 -34.50 1.18 9.84
N TYR D 172 -35.69 0.90 9.34
CA TYR D 172 -36.33 1.74 8.35
C TYR D 172 -37.23 2.75 9.04
N ALA D 173 -36.94 4.04 8.86
CA ALA D 173 -37.82 5.11 9.33
C ALA D 173 -38.94 5.25 8.31
N ALA D 174 -40.16 4.87 8.71
CA ALA D 174 -41.24 4.57 7.78
C ALA D 174 -41.91 5.80 7.16
N LYS D 176 -36.35 6.49 4.73
CA LYS D 176 -34.92 6.49 5.06
C LYS D 176 -34.54 5.35 6.00
N TYR D 177 -33.42 4.69 5.69
CA TYR D 177 -32.82 3.72 6.59
C TYR D 177 -31.89 4.44 7.57
N ASP D 178 -31.98 4.09 8.85
CA ASP D 178 -31.15 4.69 9.89
C ASP D 178 -29.86 3.89 9.99
N ILE D 179 -28.77 4.49 9.50
CA ILE D 179 -27.50 3.77 9.44
C ILE D 179 -26.85 3.70 10.82
N LYS D 180 -27.45 4.39 11.79
CA LYS D 180 -26.98 4.30 13.17
C LYS D 180 -27.73 3.26 13.99
N ASP D 181 -28.89 2.80 13.53
CA ASP D 181 -29.70 1.82 14.25
C ASP D 181 -29.56 0.47 13.53
N VAL D 182 -28.63 -0.34 14.00
CA VAL D 182 -28.37 -1.67 13.46
C VAL D 182 -28.89 -2.71 14.44
N GLY D 183 -29.47 -3.78 13.90
CA GLY D 183 -30.08 -4.83 14.70
C GLY D 183 -29.33 -6.14 14.68
N VAL D 184 -28.01 -6.07 14.77
CA VAL D 184 -27.17 -7.26 14.63
C VAL D 184 -26.91 -7.95 15.98
N ASP D 185 -26.90 -7.22 17.08
CA ASP D 185 -26.61 -7.81 18.39
C ASP D 185 -27.80 -7.77 19.34
N ASN D 186 -29.01 -7.63 18.83
CA ASN D 186 -30.19 -7.68 19.68
C ASN D 186 -30.51 -9.12 20.05
N ALA D 187 -31.58 -9.30 20.82
CA ALA D 187 -31.90 -10.63 21.35
C ALA D 187 -32.35 -11.59 20.27
N GLY D 188 -33.05 -11.09 19.24
CA GLY D 188 -33.49 -11.98 18.17
C GLY D 188 -32.33 -12.49 17.33
N ALA D 189 -31.34 -11.64 17.06
CA ALA D 189 -30.18 -12.06 16.28
C ALA D 189 -29.31 -13.02 17.06
N LYS D 190 -29.13 -12.79 18.37
CA LYS D 190 -28.35 -13.71 19.20
C LYS D 190 -28.99 -15.09 19.23
N ALA D 191 -30.31 -15.15 19.42
CA ALA D 191 -31.00 -16.42 19.48
C ALA D 191 -30.85 -17.21 18.18
N GLY D 192 -30.96 -16.52 17.04
CA GLY D 192 -30.81 -17.20 15.77
C GLY D 192 -29.42 -17.77 15.56
N LEU D 193 -28.39 -16.99 15.90
CA LEU D 193 -27.02 -17.42 15.62
C LEU D 193 -26.58 -18.54 16.58
N THR D 194 -26.98 -18.47 17.85
CA THR D 194 -26.61 -19.53 18.78
C THR D 194 -27.25 -20.85 18.39
N PHE D 195 -28.50 -20.83 17.93
CA PHE D 195 -29.10 -22.05 17.40
C PHE D 195 -28.31 -22.58 16.21
N LEU D 196 -27.76 -21.69 15.39
CA LEU D 196 -26.88 -22.13 14.32
C LEU D 196 -25.60 -22.75 14.89
N VAL D 197 -24.97 -22.06 15.84
CA VAL D 197 -23.71 -22.56 16.40
C VAL D 197 -23.95 -23.83 17.20
N ASP D 198 -25.11 -23.94 17.87
CA ASP D 198 -25.44 -25.16 18.57
C ASP D 198 -25.56 -26.34 17.61
N LEU D 199 -26.02 -26.09 16.38
CA LEU D 199 -26.09 -27.14 15.38
C LEU D 199 -24.69 -27.66 15.04
N ILE D 200 -23.71 -26.76 14.97
CA ILE D 200 -22.34 -27.16 14.68
C ILE D 200 -21.69 -27.82 15.89
N LYS D 201 -22.01 -27.35 17.10
CA LYS D 201 -21.48 -27.99 18.30
C LYS D 201 -22.05 -29.38 18.46
N ASN D 202 -23.35 -29.56 18.18
CA ASN D 202 -23.98 -30.87 18.19
C ASN D 202 -23.68 -31.67 16.93
N LYS D 203 -22.74 -31.19 16.10
CA LYS D 203 -22.23 -31.91 14.93
C LYS D 203 -23.32 -32.26 13.93
N HIS D 204 -24.44 -31.53 13.93
CA HIS D 204 -25.41 -31.64 12.85
C HIS D 204 -24.97 -30.88 11.60
N MET D 205 -23.99 -29.98 11.73
CA MET D 205 -23.45 -29.24 10.61
C MET D 205 -21.96 -29.00 10.88
N ASN D 206 -21.22 -28.71 9.82
CA ASN D 206 -19.79 -28.47 9.90
C ASN D 206 -19.49 -27.03 9.54
N ALA D 207 -18.70 -26.36 10.38
CA ALA D 207 -18.39 -24.95 10.17
C ALA D 207 -17.55 -24.70 8.93
N ASP D 208 -17.01 -25.75 8.30
CA ASP D 208 -16.24 -25.60 7.08
C ASP D 208 -17.08 -25.68 5.82
N THR D 209 -18.37 -25.96 5.94
CA THR D 209 -19.21 -26.19 4.78
C THR D 209 -19.38 -24.89 3.98
N ASP D 210 -19.00 -24.93 2.71
CA ASP D 210 -19.11 -23.79 1.81
C ASP D 210 -20.11 -24.13 0.70
N TYR D 211 -20.22 -23.22 -0.27
CA TYR D 211 -21.20 -23.39 -1.35
C TYR D 211 -21.01 -24.72 -2.07
N SER D 212 -19.81 -24.97 -2.57
CA SER D 212 -19.60 -26.13 -3.43
C SER D 212 -19.70 -27.44 -2.66
N ILE D 213 -19.31 -27.43 -1.38
CA ILE D 213 -19.42 -28.63 -0.57
C ILE D 213 -20.88 -28.97 -0.30
N ALA D 214 -21.69 -27.96 0.04
CA ALA D 214 -23.11 -28.19 0.25
C ALA D 214 -23.79 -28.62 -1.05
N GLU D 215 -23.43 -27.98 -2.18
CA GLU D 215 -24.05 -28.33 -3.44
C GLU D 215 -23.75 -29.77 -3.83
N ALA D 216 -22.47 -30.16 -3.76
CA ALA D 216 -22.09 -31.50 -4.15
C ALA D 216 -22.70 -32.56 -3.22
N ALA D 217 -22.86 -32.23 -1.94
CA ALA D 217 -23.45 -33.20 -1.01
C ALA D 217 -24.94 -33.40 -1.28
N PHE D 218 -25.65 -32.33 -1.62
CA PHE D 218 -27.07 -32.47 -1.93
C PHE D 218 -27.28 -33.11 -3.29
N ASN D 219 -26.51 -32.71 -4.29
CA ASN D 219 -26.69 -33.21 -5.65
C ASN D 219 -26.26 -34.65 -5.79
N LYS D 220 -25.48 -35.17 -4.85
CA LYS D 220 -25.11 -36.58 -4.77
C LYS D 220 -26.07 -37.40 -3.92
N GLY D 221 -27.08 -36.77 -3.33
CA GLY D 221 -28.01 -37.47 -2.47
C GLY D 221 -27.51 -37.79 -1.10
N GLU D 222 -26.46 -37.11 -0.63
CA GLU D 222 -25.89 -37.38 0.69
C GLU D 222 -26.58 -36.63 1.82
N THR D 223 -27.14 -35.46 1.53
CA THR D 223 -27.88 -34.68 2.51
C THR D 223 -29.33 -34.51 2.06
N ALA D 224 -30.23 -34.47 3.04
CA ALA D 224 -31.65 -34.45 2.74
C ALA D 224 -32.15 -33.07 2.33
N MET D 225 -31.47 -32.01 2.77
CA MET D 225 -31.90 -30.65 2.49
C MET D 225 -30.70 -29.76 2.22
N THR D 226 -30.95 -28.69 1.47
CA THR D 226 -30.03 -27.57 1.37
C THR D 226 -30.84 -26.29 1.31
N ILE D 227 -30.15 -25.16 1.39
CA ILE D 227 -30.75 -23.83 1.29
C ILE D 227 -30.01 -23.09 0.18
N ASN D 228 -30.74 -22.64 -0.84
CA ASN D 228 -30.10 -22.04 -1.99
C ASN D 228 -31.14 -21.28 -2.80
N GLY D 229 -30.65 -20.55 -3.80
CA GLY D 229 -31.50 -19.76 -4.65
C GLY D 229 -31.79 -20.45 -5.97
N PRO D 230 -32.53 -19.76 -6.84
CA PRO D 230 -32.97 -20.39 -8.10
C PRO D 230 -31.83 -20.73 -9.05
N TRP D 231 -30.69 -20.05 -8.96
CA TRP D 231 -29.56 -20.34 -9.83
C TRP D 231 -29.06 -21.78 -9.64
N ALA D 232 -29.30 -22.40 -8.49
CA ALA D 232 -28.79 -23.73 -8.21
C ALA D 232 -29.65 -24.85 -8.77
N TRP D 233 -30.88 -24.53 -9.22
CA TRP D 233 -31.82 -25.58 -9.61
C TRP D 233 -31.29 -26.39 -10.79
N SER D 234 -30.69 -25.72 -11.77
CA SER D 234 -30.32 -26.41 -12.99
C SER D 234 -29.25 -27.47 -12.75
N ASN D 235 -28.38 -27.27 -11.77
CA ASN D 235 -27.41 -28.32 -11.42
C ASN D 235 -28.07 -29.49 -10.73
N ILE D 236 -29.16 -29.26 -9.99
CA ILE D 236 -29.91 -30.37 -9.41
C ILE D 236 -30.67 -31.13 -10.49
N ASP D 237 -31.15 -30.42 -11.51
CA ASP D 237 -31.85 -31.08 -12.62
C ASP D 237 -30.98 -32.14 -13.27
N THR D 238 -29.68 -31.88 -13.40
CA THR D 238 -28.79 -32.85 -14.02
C THR D 238 -28.41 -34.00 -13.10
N SER D 239 -28.63 -33.86 -11.78
CA SER D 239 -28.23 -34.87 -10.82
C SER D 239 -29.21 -36.04 -10.75
N ALA D 240 -30.43 -35.85 -11.24
CA ALA D 240 -31.51 -36.82 -11.05
C ALA D 240 -31.75 -37.14 -9.58
N VAL D 241 -31.55 -36.15 -8.71
CA VAL D 241 -32.21 -36.11 -7.40
C VAL D 241 -33.63 -35.56 -7.60
N ASN D 242 -34.61 -36.22 -7.01
CA ASN D 242 -35.99 -35.74 -7.07
C ASN D 242 -36.17 -34.72 -5.95
N TYR D 243 -36.11 -33.44 -6.30
CA TYR D 243 -36.07 -32.39 -5.31
C TYR D 243 -37.36 -31.57 -5.31
N GLY D 244 -37.66 -31.01 -4.15
CA GLY D 244 -38.74 -30.03 -4.03
C GLY D 244 -38.21 -28.72 -3.50
N VAL D 245 -38.95 -27.64 -3.72
CA VAL D 245 -38.58 -26.30 -3.28
C VAL D 245 -39.74 -25.76 -2.45
N THR D 246 -39.49 -25.41 -1.20
CA THR D 246 -40.58 -25.08 -0.28
C THR D 246 -40.17 -23.92 0.63
N VAL D 247 -41.08 -23.56 1.54
CA VAL D 247 -40.84 -22.43 2.43
C VAL D 247 -39.77 -22.79 3.45
N LEU D 248 -38.96 -21.81 3.82
CA LEU D 248 -37.92 -22.02 4.80
C LEU D 248 -38.54 -22.38 6.16
N PRO D 249 -37.82 -23.11 7.01
CA PRO D 249 -38.37 -23.48 8.31
C PRO D 249 -38.48 -22.27 9.24
N THR D 250 -39.46 -22.33 10.13
CA THR D 250 -39.65 -21.26 11.10
C THR D 250 -38.62 -21.39 12.24
N PHE D 251 -38.49 -20.31 13.00
CA PHE D 251 -37.63 -20.30 14.17
C PHE D 251 -38.39 -19.61 15.30
N LYS D 252 -38.63 -20.34 16.39
CA LYS D 252 -39.43 -19.86 17.51
C LYS D 252 -40.78 -19.35 17.03
N GLY D 253 -41.44 -20.15 16.20
CA GLY D 253 -42.75 -19.83 15.67
C GLY D 253 -42.79 -18.76 14.59
N GLN D 254 -41.64 -18.17 14.25
CA GLN D 254 -41.64 -17.05 13.31
C GLN D 254 -40.92 -17.44 12.01
N PRO D 255 -41.37 -16.93 10.87
CA PRO D 255 -40.78 -17.34 9.59
C PRO D 255 -39.34 -16.85 9.43
N SER D 256 -38.57 -17.62 8.69
CA SER D 256 -37.26 -17.13 8.25
C SER D 256 -37.46 -15.94 7.32
N LYS D 257 -36.59 -14.95 7.45
CA LYS D 257 -36.68 -13.68 6.74
C LYS D 257 -35.45 -13.55 5.85
N PRO D 258 -35.46 -14.16 4.67
CA PRO D 258 -34.32 -14.00 3.76
C PRO D 258 -34.27 -12.59 3.19
N PHE D 259 -33.06 -12.08 3.01
CA PHE D 259 -32.88 -10.80 2.35
C PHE D 259 -33.06 -10.99 0.86
N VAL D 260 -34.02 -10.28 0.28
CA VAL D 260 -34.37 -10.45 -1.12
C VAL D 260 -33.45 -9.61 -1.98
N GLY D 261 -32.92 -10.21 -3.04
CA GLY D 261 -32.02 -9.53 -3.95
C GLY D 261 -32.63 -9.41 -5.34
N VAL D 262 -32.32 -8.31 -6.01
CA VAL D 262 -32.77 -8.06 -7.37
C VAL D 262 -31.52 -7.98 -8.23
N LEU D 263 -31.23 -9.05 -8.98
CA LEU D 263 -30.16 -9.01 -9.96
C LEU D 263 -30.38 -7.82 -10.89
N SER D 264 -29.36 -6.98 -11.02
CA SER D 264 -29.49 -5.73 -11.75
C SER D 264 -28.25 -5.48 -12.57
N ALA D 265 -28.42 -4.73 -13.65
CA ALA D 265 -27.35 -4.40 -14.59
C ALA D 265 -27.12 -2.89 -14.56
N GLY D 266 -25.97 -2.49 -14.06
CA GLY D 266 -25.58 -1.08 -14.07
C GLY D 266 -24.62 -0.81 -15.22
N ILE D 267 -24.67 0.42 -15.71
CA ILE D 267 -23.79 0.89 -16.78
C ILE D 267 -22.69 1.75 -16.18
N ASN D 268 -21.44 1.42 -16.50
CA ASN D 268 -20.29 2.17 -16.02
C ASN D 268 -20.39 3.63 -16.46
N ALA D 269 -20.18 4.55 -15.50
CA ALA D 269 -20.24 5.97 -15.80
C ALA D 269 -19.13 6.38 -16.75
N ALA D 270 -17.98 5.70 -16.70
CA ALA D 270 -16.85 5.99 -17.57
C ALA D 270 -16.91 5.27 -18.91
N SER D 271 -18.00 4.56 -19.19
CA SER D 271 -18.12 3.80 -20.43
C SER D 271 -18.44 4.74 -21.60
N PRO D 272 -17.74 4.60 -22.73
CA PRO D 272 -18.13 5.35 -23.94
C PRO D 272 -19.20 4.68 -24.77
N ASN D 273 -19.76 3.56 -24.30
CA ASN D 273 -20.73 2.77 -25.05
C ASN D 273 -22.09 2.74 -24.35
N LYS D 274 -22.46 3.86 -23.71
CA LYS D 274 -23.68 3.88 -22.91
C LYS D 274 -24.93 3.62 -23.76
N GLU D 275 -24.95 4.15 -24.99
CA GLU D 275 -26.09 3.92 -25.85
C GLU D 275 -26.14 2.48 -26.33
N LEU D 276 -24.98 1.88 -26.60
CA LEU D 276 -24.97 0.47 -26.96
C LEU D 276 -25.37 -0.41 -25.78
N ALA D 277 -24.94 -0.03 -24.58
CA ALA D 277 -25.35 -0.77 -23.38
C ALA D 277 -26.86 -0.69 -23.18
N LYS D 278 -27.42 0.51 -23.30
CA LYS D 278 -28.87 0.65 -23.16
C LYS D 278 -29.60 -0.19 -24.20
N GLU D 279 -29.13 -0.12 -25.46
CA GLU D 279 -29.72 -0.88 -26.54
C GLU D 279 -29.66 -2.38 -26.26
N PHE D 280 -28.50 -2.88 -25.86
CA PHE D 280 -28.36 -4.29 -25.54
C PHE D 280 -29.30 -4.71 -24.43
N LEU D 281 -29.38 -3.92 -23.36
CA LEU D 281 -30.13 -4.34 -22.18
C LEU D 281 -31.63 -4.28 -22.41
N GLU D 282 -32.09 -3.24 -23.10
CA GLU D 282 -33.53 -3.02 -23.26
C GLU D 282 -34.12 -3.87 -24.37
N ASN D 283 -33.38 -4.07 -25.47
CA ASN D 283 -33.95 -4.64 -26.68
C ASN D 283 -33.48 -6.05 -26.98
N TYR D 284 -32.49 -6.56 -26.26
CA TYR D 284 -31.99 -7.91 -26.50
C TYR D 284 -32.05 -8.79 -25.26
N LEU D 285 -31.69 -8.26 -24.09
CA LEU D 285 -31.71 -9.07 -22.88
C LEU D 285 -33.09 -9.08 -22.24
N LEU D 286 -33.62 -7.88 -21.91
CA LEU D 286 -34.91 -7.77 -21.22
C LEU D 286 -36.06 -7.98 -22.20
N THR D 287 -36.03 -9.15 -22.84
CA THR D 287 -37.10 -9.62 -23.71
C THR D 287 -37.39 -11.07 -23.35
N ASP D 288 -38.54 -11.56 -23.81
CA ASP D 288 -38.87 -12.96 -23.59
C ASP D 288 -37.73 -13.87 -24.05
N GLU D 289 -37.19 -13.60 -25.23
CA GLU D 289 -36.12 -14.46 -25.77
C GLU D 289 -34.80 -14.25 -25.03
N GLY D 290 -34.50 -13.01 -24.64
CA GLY D 290 -33.25 -12.77 -23.93
C GLY D 290 -33.23 -13.41 -22.55
N LEU D 291 -34.30 -13.20 -21.78
CA LEU D 291 -34.34 -13.78 -20.43
C LEU D 291 -34.42 -15.31 -20.51
N GLU D 292 -35.14 -15.85 -21.49
CA GLU D 292 -35.23 -17.30 -21.63
C GLU D 292 -33.85 -17.91 -21.84
N ALA D 293 -32.99 -17.27 -22.64
CA ALA D 293 -31.66 -17.81 -22.89
C ALA D 293 -30.82 -17.83 -21.62
N VAL D 294 -30.90 -16.78 -20.80
CA VAL D 294 -30.18 -16.79 -19.55
C VAL D 294 -30.80 -17.80 -18.58
N ASN D 295 -32.13 -17.81 -18.51
CA ASN D 295 -32.83 -18.66 -17.56
C ASN D 295 -32.61 -20.14 -17.84
N LYS D 296 -32.44 -20.52 -19.11
CA LYS D 296 -32.21 -21.93 -19.42
C LYS D 296 -30.83 -22.38 -18.99
N ASP D 297 -29.87 -21.45 -18.90
CA ASP D 297 -28.54 -21.76 -18.39
C ASP D 297 -28.57 -21.93 -16.87
N LYS D 298 -28.93 -20.86 -16.15
CA LYS D 298 -29.16 -20.91 -14.70
C LYS D 298 -30.44 -20.13 -14.42
N PRO D 299 -31.41 -20.73 -13.72
CA PRO D 299 -32.68 -20.04 -13.49
C PRO D 299 -32.47 -18.71 -12.80
N LEU D 300 -33.23 -17.70 -13.24
CA LEU D 300 -33.08 -16.34 -12.74
C LEU D 300 -33.90 -16.06 -11.49
N GLY D 301 -34.92 -16.88 -11.21
CA GLY D 301 -35.89 -16.52 -10.21
C GLY D 301 -37.12 -15.91 -10.85
N ALA D 302 -37.74 -14.94 -10.16
CA ALA D 302 -38.90 -14.24 -10.70
C ALA D 302 -38.41 -13.02 -11.48
N VAL D 303 -38.45 -13.12 -12.81
CA VAL D 303 -37.88 -12.06 -13.65
C VAL D 303 -38.71 -10.78 -13.53
N ALA D 304 -38.07 -9.66 -13.81
CA ALA D 304 -38.73 -8.36 -13.69
C ALA D 304 -39.63 -8.04 -14.88
N LEU D 305 -39.47 -8.75 -15.99
CA LEU D 305 -40.28 -8.53 -17.18
C LEU D 305 -41.64 -9.22 -17.01
N LYS D 306 -42.71 -8.42 -17.06
CA LYS D 306 -44.05 -8.95 -16.80
C LYS D 306 -44.43 -10.04 -17.79
N SER D 307 -44.08 -9.87 -19.07
CA SER D 307 -44.52 -10.81 -20.09
C SER D 307 -43.93 -12.18 -19.86
N TYR D 308 -42.64 -12.25 -19.52
CA TYR D 308 -42.01 -13.54 -19.26
C TYR D 308 -42.32 -14.05 -17.86
N GLU D 309 -42.50 -13.14 -16.88
CA GLU D 309 -42.75 -13.58 -15.51
C GLU D 309 -44.12 -14.22 -15.36
N GLU D 310 -45.11 -13.76 -16.13
CA GLU D 310 -46.43 -14.39 -16.06
C GLU D 310 -46.36 -15.87 -16.43
N GLU D 311 -45.40 -16.26 -17.28
CA GLU D 311 -45.19 -17.66 -17.58
C GLU D 311 -44.40 -18.37 -16.47
N LEU D 312 -43.33 -17.74 -15.99
CA LEU D 312 -42.49 -18.38 -14.98
C LEU D 312 -43.22 -18.53 -13.65
N ALA D 313 -44.14 -17.62 -13.34
CA ALA D 313 -44.83 -17.67 -12.04
C ALA D 313 -45.65 -18.94 -11.87
N LYS D 314 -46.01 -19.62 -12.97
CA LYS D 314 -46.75 -20.87 -12.89
C LYS D 314 -45.88 -22.04 -12.45
N ASP D 315 -44.57 -21.87 -12.38
CA ASP D 315 -43.67 -22.90 -11.86
C ASP D 315 -43.79 -22.96 -10.33
N PRO D 316 -44.09 -24.13 -9.75
CA PRO D 316 -44.17 -24.23 -8.29
C PRO D 316 -42.89 -23.83 -7.57
N ARG D 317 -41.73 -23.93 -8.23
CA ARG D 317 -40.49 -23.50 -7.58
C ARG D 317 -40.41 -21.98 -7.50
N ILE D 318 -40.92 -21.28 -8.52
CA ILE D 318 -40.95 -19.81 -8.47
C ILE D 318 -41.99 -19.33 -7.46
N ALA D 319 -43.07 -20.10 -7.27
CA ALA D 319 -44.05 -19.73 -6.25
C ALA D 319 -43.48 -19.86 -4.85
N ALA D 320 -42.72 -20.93 -4.59
CA ALA D 320 -42.02 -21.07 -3.32
C ALA D 320 -41.00 -19.95 -3.12
N THR D 321 -40.28 -19.59 -4.18
CA THR D 321 -39.34 -18.48 -4.10
C THR D 321 -40.04 -17.20 -3.69
N MET D 322 -41.21 -16.92 -4.28
CA MET D 322 -41.91 -15.68 -3.98
C MET D 322 -42.57 -15.74 -2.61
N GLU D 323 -42.93 -16.94 -2.13
CA GLU D 323 -43.42 -17.05 -0.77
C GLU D 323 -42.32 -16.75 0.24
N ASN D 324 -41.11 -17.24 -0.02
CA ASN D 324 -39.97 -16.92 0.85
C ASN D 324 -39.59 -15.44 0.73
N ALA D 325 -39.69 -14.88 -0.47
CA ALA D 325 -39.39 -13.47 -0.65
C ALA D 325 -40.34 -12.59 0.15
N GLN D 326 -41.65 -12.85 0.04
CA GLN D 326 -42.62 -12.04 0.75
C GLN D 326 -42.56 -12.23 2.26
N LYS D 327 -42.03 -13.37 2.73
CA LYS D 327 -41.75 -13.52 4.15
C LYS D 327 -40.51 -12.75 4.57
N GLY D 328 -39.61 -12.45 3.64
CA GLY D 328 -38.38 -11.75 3.92
C GLY D 328 -38.48 -10.26 3.68
N GLU D 329 -37.34 -9.64 3.39
CA GLU D 329 -37.29 -8.20 3.17
C GLU D 329 -36.38 -7.88 2.00
N ILE D 330 -36.82 -6.94 1.16
CA ILE D 330 -35.96 -6.45 0.09
C ILE D 330 -34.71 -5.83 0.72
N MET D 331 -33.56 -6.11 0.12
CA MET D 331 -32.33 -5.55 0.65
C MET D 331 -32.30 -4.04 0.44
N PRO D 332 -31.80 -3.28 1.39
CA PRO D 332 -31.46 -1.88 1.11
C PRO D 332 -30.32 -1.82 0.11
N ASN D 333 -30.23 -0.70 -0.62
CA ASN D 333 -29.11 -0.48 -1.52
C ASN D 333 -28.16 0.62 -1.06
N ILE D 334 -28.29 1.10 0.17
CA ILE D 334 -27.47 2.20 0.68
C ILE D 334 -26.00 1.80 0.72
N PRO D 335 -25.06 2.75 0.72
CA PRO D 335 -23.63 2.38 0.68
C PRO D 335 -23.14 1.63 1.91
N GLN D 336 -23.85 1.73 3.04
CA GLN D 336 -23.47 1.01 4.25
C GLN D 336 -23.72 -0.49 4.16
N MET D 337 -24.35 -0.97 3.08
CA MET D 337 -24.71 -2.38 3.00
C MET D 337 -23.48 -3.27 2.98
N SER D 338 -22.43 -2.88 2.26
CA SER D 338 -21.24 -3.71 2.19
C SER D 338 -20.59 -3.86 3.55
N ALA D 339 -20.48 -2.76 4.29
CA ALA D 339 -19.92 -2.81 5.64
C ALA D 339 -20.74 -3.72 6.54
N PHE D 340 -22.07 -3.68 6.40
CA PHE D 340 -22.92 -4.58 7.18
C PHE D 340 -22.65 -6.03 6.83
N TRP D 341 -22.55 -6.34 5.54
CA TRP D 341 -22.29 -7.72 5.12
C TRP D 341 -20.95 -8.21 5.64
N TYR D 342 -19.91 -7.38 5.49
CA TYR D 342 -18.58 -7.77 5.97
C TYR D 342 -18.59 -8.07 7.47
N ALA D 343 -19.30 -7.24 8.25
CA ALA D 343 -19.31 -7.45 9.69
C ALA D 343 -19.99 -8.76 10.07
N VAL D 344 -21.14 -9.06 9.46
CA VAL D 344 -21.84 -10.30 9.79
C VAL D 344 -21.09 -11.51 9.27
N ARG D 345 -20.35 -11.37 8.16
CA ARG D 345 -19.56 -12.49 7.66
C ARG D 345 -18.52 -12.92 8.68
N THR D 346 -17.77 -11.96 9.23
CA THR D 346 -16.77 -12.28 10.24
C THR D 346 -17.42 -12.83 11.51
N ALA D 347 -18.62 -12.32 11.85
CA ALA D 347 -19.28 -12.77 13.07
C ALA D 347 -19.71 -14.23 12.97
N VAL D 348 -20.38 -14.59 11.88
CA VAL D 348 -20.85 -15.97 11.72
C VAL D 348 -19.68 -16.93 11.66
N ILE D 349 -18.62 -16.56 10.94
CA ILE D 349 -17.45 -17.43 10.82
C ILE D 349 -16.76 -17.58 12.16
N ASN D 350 -16.65 -16.50 12.94
CA ASN D 350 -16.00 -16.60 14.25
C ASN D 350 -16.85 -17.38 15.23
N ALA D 351 -18.17 -17.16 15.22
CA ALA D 351 -19.04 -17.89 16.13
C ALA D 351 -19.12 -19.37 15.76
N ALA D 352 -19.08 -19.68 14.47
CA ALA D 352 -19.18 -21.07 14.04
C ALA D 352 -17.88 -21.83 14.31
N SER D 353 -16.75 -21.14 14.24
CA SER D 353 -15.45 -21.76 14.48
C SER D 353 -15.15 -21.95 15.97
N GLY D 354 -15.95 -21.35 16.85
CA GLY D 354 -15.64 -21.32 18.26
C GLY D 354 -14.57 -20.33 18.66
N ARG D 355 -13.90 -19.70 17.69
CA ARG D 355 -12.87 -18.71 17.95
C ARG D 355 -13.38 -17.54 18.76
N GLN D 356 -14.68 -17.27 18.73
CA GLN D 356 -15.29 -16.23 19.53
C GLN D 356 -16.67 -16.72 20.00
N THR D 357 -17.12 -16.18 21.13
CA THR D 357 -18.48 -16.46 21.56
C THR D 357 -19.47 -15.71 20.68
N VAL D 358 -20.72 -16.16 20.72
CA VAL D 358 -21.73 -15.53 19.89
C VAL D 358 -21.96 -14.09 20.31
N ASP D 359 -21.94 -13.82 21.63
CA ASP D 359 -22.18 -12.47 22.11
C ASP D 359 -21.06 -11.52 21.71
N ALA D 360 -19.80 -11.96 21.79
CA ALA D 360 -18.71 -11.10 21.36
C ALA D 360 -18.68 -10.94 19.85
N ALA D 361 -19.01 -12.00 19.12
CA ALA D 361 -19.01 -11.94 17.66
C ALA D 361 -20.01 -10.90 17.16
N LEU D 362 -21.25 -10.97 17.63
CA LEU D 362 -22.28 -10.05 17.16
C LEU D 362 -22.12 -8.66 17.74
N ALA D 363 -21.55 -8.54 18.95
CA ALA D 363 -21.26 -7.21 19.48
C ALA D 363 -20.16 -6.53 18.67
N ALA D 364 -19.12 -7.28 18.28
CA ALA D 364 -18.11 -6.72 17.42
C ALA D 364 -18.68 -6.36 16.05
N ALA D 365 -19.52 -7.24 15.50
CA ALA D 365 -20.16 -6.95 14.22
C ALA D 365 -21.08 -5.74 14.30
N GLN D 366 -21.74 -5.55 15.46
CA GLN D 366 -22.67 -4.43 15.60
C GLN D 366 -21.95 -3.09 15.48
N THR D 367 -20.79 -2.96 16.12
CA THR D 367 -20.08 -1.69 16.05
C THR D 367 -19.45 -1.46 14.67
N ASN D 368 -19.02 -2.53 14.00
CA ASN D 368 -18.46 -2.38 12.66
C ASN D 368 -19.52 -2.16 11.60
N ALA D 369 -20.77 -2.51 11.87
CA ALA D 369 -21.87 -2.33 10.92
C ALA D 369 -22.50 -0.94 11.02
N ALA D 370 -22.75 -0.46 12.23
CA ALA D 370 -23.27 0.89 12.41
C ALA D 370 -22.15 1.92 12.22
N ALA D 371 -22.54 3.18 12.23
CA ALA D 371 -21.61 4.30 12.12
C ALA D 371 -21.28 4.83 13.50
N LYS D 372 -20.02 5.23 13.71
CA LYS D 372 -19.59 5.78 14.98
C LYS D 372 -20.17 7.17 15.23
C2 BGC E . 25.05 16.61 0.71
C3 BGC E . 24.72 15.19 1.16
C4 BGC E . 24.48 15.17 2.68
C5 BGC E . 23.57 16.32 3.11
C6 BGC E . 23.52 16.46 4.62
C1 BGC E . 23.92 17.51 1.13
O1 BGC E . 24.09 18.82 0.56
O2 BGC E . 25.25 16.67 -0.71
O3 BGC E . 25.79 14.32 0.77
O4 BGC E . 23.83 13.96 3.05
O5 BGC E . 23.98 17.57 2.55
O6 BGC E . 22.27 17.06 4.98
C1 GLC E . 24.67 12.95 3.61
C2 GLC E . 24.37 11.61 2.96
C3 GLC E . 22.90 11.29 3.17
C4 GLC E . 22.55 11.32 4.65
C5 GLC E . 23.05 12.60 5.35
C6 GLC E . 22.94 12.46 6.86
O2 GLC E . 24.61 11.68 1.55
O3 GLC E . 22.58 10.00 2.62
O4 GLC E . 21.12 11.28 4.74
O5 GLC E . 24.42 12.86 5.02
O6 GLC E . 23.03 13.73 7.52
C1 GLC E . 20.64 10.10 5.38
C2 GLC E . 19.46 9.51 4.62
C3 GLC E . 18.28 10.48 4.67
C4 GLC E . 17.92 10.76 6.12
C5 GLC E . 19.15 11.31 6.85
C6 GLC E . 18.83 11.47 8.33
O2 GLC E . 19.81 9.22 3.27
O3 GLC E . 17.12 9.93 4.03
O4 GLC E . 16.82 11.68 6.19
O5 GLC E . 20.24 10.41 6.72
O6 GLC E . 19.83 12.27 8.94
C1 GLC F . 0.75 -29.66 -4.17
C2 GLC F . 2.12 -30.32 -4.00
C3 GLC F . 3.06 -29.49 -3.14
C4 GLC F . 3.04 -28.03 -3.54
C5 GLC F . 1.61 -27.49 -3.63
C6 GLC F . 1.64 -26.07 -4.17
O1 GLC F . 0.03 -29.79 -2.98
O2 GLC F . 1.96 -31.59 -3.40
O3 GLC F . 4.37 -30.01 -3.31
O4 GLC F . 3.79 -27.27 -2.61
O5 GLC F . 0.86 -28.29 -4.53
O6 GLC F . 0.40 -25.44 -3.96
C1 GLC F . 5.10 -26.88 -3.02
C2 GLC F . 6.12 -27.11 -1.90
C3 GLC F . 5.72 -26.26 -0.71
C4 GLC F . 5.71 -24.80 -1.13
C5 GLC F . 4.80 -24.60 -2.35
C6 GLC F . 4.94 -23.17 -2.85
O2 GLC F . 6.18 -28.47 -1.52
O3 GLC F . 6.66 -26.46 0.33
O4 GLC F . 5.30 -23.97 -0.07
O5 GLC F . 5.12 -25.51 -3.39
O6 GLC F . 3.94 -22.86 -3.79
C2 BGC G . -4.53 33.92 -1.12
C3 BGC G . -5.34 32.91 -0.33
C4 BGC G . -5.40 31.57 -1.09
C5 BGC G . -4.04 31.15 -1.66
C6 BGC G . -4.18 29.98 -2.62
C1 BGC G . -3.16 33.32 -1.41
O1 BGC G . -2.32 34.31 -1.98
O2 BGC G . -4.38 35.15 -0.41
O3 BGC G . -6.65 33.41 -0.08
O4 BGC G . -5.79 30.57 -0.15
O5 BGC G . -3.37 32.23 -2.32
O6 BGC G . -2.91 29.33 -2.79
C1 GLC G . -7.18 30.21 -0.24
C2 GLC G . -7.69 30.06 1.19
C3 GLC G . -6.87 28.98 1.88
C4 GLC G . -6.97 27.67 1.12
C5 GLC G . -6.64 27.85 -0.37
C6 GLC G . -6.99 26.59 -1.15
O2 GLC G . -7.50 31.31 1.86
O3 GLC G . -7.33 28.81 3.24
O4 GLC G . -6.00 26.77 1.68
O5 GLC G . -7.34 28.97 -0.94
O6 GLC G . -6.34 26.59 -2.43
C1 GLC G . -6.60 25.64 2.33
C2 GLC G . -5.99 25.48 3.71
C3 GLC G . -4.50 25.15 3.59
C4 GLC G . -4.31 23.93 2.69
C5 GLC G . -4.98 24.17 1.35
C6 GLC G . -4.84 22.93 0.48
O2 GLC G . -6.18 26.67 4.47
O3 GLC G . -3.94 24.85 4.88
O4 GLC G . -2.92 23.67 2.51
O5 GLC G . -6.37 24.47 1.55
O6 GLC G . -5.44 23.13 -0.79
C2 BGC H . -26.74 -14.09 -4.88
C3 BGC H . -26.30 -12.83 -4.14
C4 BGC H . -25.64 -13.21 -2.81
C5 BGC H . -24.65 -14.37 -2.95
C6 BGC H . -24.24 -14.89 -1.58
C1 BGC H . -25.53 -15.00 -5.03
O1 BGC H . -25.88 -16.10 -5.87
O2 BGC H . -27.25 -13.79 -6.18
O3 BGC H . -27.43 -11.97 -3.92
O4 BGC H . -24.93 -12.09 -2.32
O5 BGC H . -25.21 -15.45 -3.72
O6 BGC H . -22.97 -15.54 -1.68
C1 GLC H . -25.62 -11.37 -1.31
C2 GLC H . -25.45 -9.88 -1.60
C3 GLC H . -23.96 -9.58 -1.66
C4 GLC H . -23.30 -9.95 -0.33
C5 GLC H . -23.64 -11.39 0.06
C6 GLC H . -23.19 -11.70 1.49
O2 GLC H . -26.05 -9.56 -2.84
O3 GLC H . -23.76 -8.20 -1.96
O4 GLC H . -21.88 -9.82 -0.48
O5 GLC H . -25.05 -11.66 -0.03
O6 GLC H . -23.24 -13.11 1.74
C1 GLC H . -21.30 -8.82 0.36
C2 GLC H . -20.31 -7.99 -0.46
C3 GLC H . -19.14 -8.85 -0.91
C4 GLC H . -18.50 -9.54 0.28
C5 GLC H . -19.57 -10.32 1.03
C6 GLC H . -18.97 -11.00 2.26
O2 GLC H . -20.99 -7.49 -1.60
O3 GLC H . -18.17 -8.07 -1.59
O4 GLC H . -17.46 -10.41 -0.17
O5 GLC H . -20.62 -9.44 1.44
O6 GLC H . -20.00 -11.74 2.92
#